data_6JUY
#
_entry.id   6JUY
#
_cell.length_a   189.865
_cell.length_b   105.439
_cell.length_c   165.905
_cell.angle_alpha   90.000
_cell.angle_beta   113.180
_cell.angle_gamma   90.000
#
_symmetry.space_group_name_H-M   'C 1 2 1'
#
loop_
_entity.id
_entity.type
_entity.pdbx_description
1 polymer 'Sll1336 protein'
2 water water
#
_entity_poly.entity_id   1
_entity_poly.type   'polypeptide(L)'
_entity_poly.pdbx_seq_one_letter_code
;GAMADDIRILMCPPDHYDVDYVINPWMEGNIHKSSQERAVEQWKKLHQTIKECAIVDLVKPAKGWPDMVFTANAGLVLGE
NVVLSRFYHKERQGEEPYFKAWFEENGFTVYELPQDLPFEGAGDALFDREGRWLWAGYGFRSELDSHPYIAKWLDTEVVS
LRLIDERFYHLDTCFCPLSGGYLLYYPPAFDAYSNRVIEMRIPPEKRIIVEELDAVNFACNAVNVNDIIIMNLVSRTLKE
KLAEAGFKVRETPLTEFLKAGGAAKCLTLRVTEPILPDVHATVSIESRVIRMEGHLLDAGILNQALDLVVENSGSFRVLN
FNLGVERNSTSSAEVRVSAPSHQIMEEIMTELIDLGAVPPPQELCDINTETVTQGGVAPDDFYVSTIYPTEVRVNCEWVQ
VTGQRMDAAIVVTSNPPSARCVLLRDLQVGDRVMVGVEGIRTIKKVESHEGGTRKENKEFAFMAAGVSSERRVELLVEQI
AWEMRQIRDQGGKIVVTAGPVVIHTGGAQHLSHLVREGYVHALLGGNAIAVHDIEQATMGTSLGVDMQRGIPVRGGHRHH
LKIINSVRRYGGIRQAVEAGFISKGVMYECVKNNIPYCLAGSIRDDGPLPDTEMNLVRAQSRYSELIQGADMILMLSSML
HSIGVGNMTPSGVKMVCVDINPAVVTKLSDRGSVESVGVVTDVGLFLSLLVRQLQQLTRPYSLAETL
;
_entity_poly.pdbx_strand_id   A,B,C,D
#
# COMPACT_ATOMS: atom_id res chain seq x y z
N ASP A 5 41.13 53.97 -5.73
CA ASP A 5 40.74 54.28 -4.35
C ASP A 5 39.35 54.89 -4.30
N ASP A 6 38.53 54.56 -5.30
CA ASP A 6 37.15 55.05 -5.38
C ASP A 6 36.28 53.88 -5.78
N ILE A 7 35.01 54.14 -6.08
CA ILE A 7 34.07 53.13 -6.54
C ILE A 7 33.73 53.42 -7.99
N ARG A 8 34.10 52.51 -8.89
CA ARG A 8 33.81 52.63 -10.32
C ARG A 8 32.96 51.44 -10.74
N ILE A 9 31.87 51.73 -11.46
CA ILE A 9 30.94 50.70 -11.88
C ILE A 9 30.67 50.86 -13.38
N LEU A 10 30.72 49.76 -14.12
CA LEU A 10 30.47 49.77 -15.55
C LEU A 10 29.03 49.34 -15.81
N MET A 11 28.35 50.07 -16.70
CA MET A 11 26.98 49.76 -17.07
C MET A 11 26.86 49.89 -18.58
N CYS A 12 25.73 49.43 -19.11
CA CYS A 12 25.53 49.43 -20.55
C CYS A 12 24.08 49.76 -20.88
N PRO A 13 23.82 50.82 -21.64
CA PRO A 13 22.43 51.24 -21.89
C PRO A 13 21.76 50.33 -22.90
N PRO A 14 20.43 50.18 -22.81
CA PRO A 14 19.69 49.34 -23.78
C PRO A 14 19.35 50.04 -25.10
N ASP A 15 20.35 50.18 -25.96
CA ASP A 15 20.15 50.75 -27.28
C ASP A 15 19.58 49.71 -28.24
N SER A 34 6.10 47.19 -26.68
CA SER A 34 5.22 47.24 -25.53
C SER A 34 6.02 47.35 -24.24
N SER A 35 6.83 46.32 -23.97
CA SER A 35 7.65 46.31 -22.76
C SER A 35 8.77 47.33 -22.85
N GLN A 36 9.40 47.46 -24.02
CA GLN A 36 10.73 48.05 -24.09
C GLN A 36 10.77 49.48 -23.59
N GLU A 37 9.65 50.21 -23.70
CA GLU A 37 9.65 51.59 -23.22
C GLU A 37 9.94 51.64 -21.73
N ARG A 38 9.22 50.83 -20.96
CA ARG A 38 9.45 50.76 -19.53
C ARG A 38 10.89 50.38 -19.24
N ALA A 39 11.44 49.46 -20.05
CA ALA A 39 12.81 49.03 -19.84
C ALA A 39 13.76 50.20 -19.89
N VAL A 40 13.63 51.05 -20.92
CA VAL A 40 14.55 52.18 -21.03
C VAL A 40 14.44 53.05 -19.80
N GLU A 41 13.20 53.37 -19.40
CA GLU A 41 13.02 54.22 -18.24
C GLU A 41 13.66 53.60 -17.02
N GLN A 42 13.45 52.29 -16.83
CA GLN A 42 13.99 51.66 -15.64
C GLN A 42 15.51 51.70 -15.64
N TRP A 43 16.13 51.47 -16.79
CA TRP A 43 17.59 51.55 -16.80
C TRP A 43 18.04 52.93 -16.40
N LYS A 44 17.37 53.97 -16.92
CA LYS A 44 17.72 55.33 -16.53
C LYS A 44 17.55 55.50 -15.03
N LYS A 45 16.43 55.01 -14.50
CA LYS A 45 16.21 55.12 -13.06
C LYS A 45 17.35 54.47 -12.29
N LEU A 46 17.79 53.29 -12.73
CA LEU A 46 18.90 52.64 -12.05
C LEU A 46 20.20 53.41 -12.28
N HIS A 47 20.39 53.92 -13.50
CA HIS A 47 21.64 54.61 -13.87
C HIS A 47 21.95 55.76 -12.93
N GLN A 48 20.94 56.57 -12.62
CA GLN A 48 21.13 57.69 -11.72
C GLN A 48 21.37 57.22 -10.29
N THR A 49 20.66 56.17 -9.86
CA THR A 49 20.80 55.72 -8.47
C THR A 49 22.24 55.31 -8.16
N ILE A 50 22.86 54.56 -9.08
CA ILE A 50 24.26 54.20 -8.88
C ILE A 50 25.13 55.42 -9.12
N LYS A 51 24.66 56.34 -9.96
CA LYS A 51 25.35 57.60 -10.18
C LYS A 51 25.46 58.41 -8.89
N GLU A 52 24.50 58.25 -7.97
CA GLU A 52 24.58 58.93 -6.68
C GLU A 52 25.64 58.35 -5.75
N CYS A 53 26.08 57.11 -5.96
CA CYS A 53 27.00 56.47 -5.03
C CYS A 53 28.37 56.17 -5.60
N ALA A 54 28.53 56.20 -6.92
CA ALA A 54 29.80 55.81 -7.53
C ALA A 54 29.88 56.39 -8.93
N ILE A 55 31.06 56.30 -9.51
CA ILE A 55 31.29 56.75 -10.88
C ILE A 55 30.84 55.67 -11.84
N VAL A 56 30.00 56.02 -12.79
CA VAL A 56 29.37 55.06 -13.70
C VAL A 56 30.01 55.22 -15.06
N ASP A 57 30.84 54.25 -15.43
CA ASP A 57 31.37 54.17 -16.78
C ASP A 57 30.35 53.48 -17.68
N LEU A 58 30.27 53.92 -18.92
CA LEU A 58 29.39 53.29 -19.89
C LEU A 58 30.23 52.62 -20.98
N VAL A 59 29.63 51.62 -21.60
CA VAL A 59 30.20 50.94 -22.76
C VAL A 59 29.16 51.04 -23.87
N LYS A 60 29.62 51.22 -25.10
CA LYS A 60 28.69 51.39 -26.19
C LYS A 60 27.98 50.05 -26.43
N PRO A 61 26.66 50.03 -26.50
CA PRO A 61 25.97 48.78 -26.82
C PRO A 61 26.21 48.39 -28.27
N ALA A 62 25.74 47.20 -28.61
CA ALA A 62 25.82 46.74 -29.98
C ALA A 62 24.44 46.25 -30.41
N LYS A 63 24.11 46.51 -31.67
CA LYS A 63 22.89 45.95 -32.24
C LYS A 63 23.10 44.45 -32.41
N GLY A 64 22.10 43.67 -32.04
CA GLY A 64 22.23 42.22 -32.10
C GLY A 64 22.68 41.57 -30.82
N TRP A 65 22.99 42.35 -29.78
CA TRP A 65 23.40 41.84 -28.49
C TRP A 65 22.62 42.62 -27.44
N PRO A 66 21.35 42.26 -27.21
CA PRO A 66 20.53 43.01 -26.25
C PRO A 66 20.86 42.66 -24.82
N ASP A 67 21.29 41.42 -24.58
CA ASP A 67 21.67 40.98 -23.24
C ASP A 67 23.05 41.46 -22.85
N MET A 68 23.58 42.43 -23.59
CA MET A 68 24.81 43.11 -23.25
C MET A 68 24.64 44.11 -22.12
N VAL A 69 23.39 44.44 -21.77
CA VAL A 69 23.15 45.37 -20.67
C VAL A 69 23.58 44.75 -19.34
N PHE A 70 23.52 43.42 -19.23
CA PHE A 70 23.93 42.72 -18.01
C PHE A 70 25.46 42.66 -18.01
N THR A 71 26.06 43.75 -17.54
CA THR A 71 27.52 43.90 -17.59
C THR A 71 28.23 42.99 -16.61
N ALA A 72 27.53 42.47 -15.60
CA ALA A 72 28.17 41.56 -14.64
C ALA A 72 28.73 40.33 -15.31
N ASN A 73 28.15 39.91 -16.43
CA ASN A 73 28.61 38.74 -17.17
C ASN A 73 29.76 39.06 -18.12
N ALA A 74 30.25 40.30 -18.14
CA ALA A 74 31.36 40.66 -19.01
C ALA A 74 32.63 39.94 -18.58
N GLY A 75 32.83 39.79 -17.27
CA GLY A 75 34.05 39.22 -16.75
C GLY A 75 34.16 39.49 -15.27
N LEU A 76 35.39 39.44 -14.77
CA LEU A 76 35.65 39.69 -13.36
C LEU A 76 36.88 40.56 -13.21
N VAL A 77 36.74 41.68 -12.50
CA VAL A 77 37.81 42.67 -12.38
C VAL A 77 38.32 42.67 -10.94
N LEU A 78 39.65 42.66 -10.79
CA LEU A 78 40.30 42.90 -9.51
C LEU A 78 41.55 43.71 -9.81
N GLY A 79 41.64 44.89 -9.19
CA GLY A 79 42.74 45.79 -9.46
C GLY A 79 42.84 46.19 -10.92
N GLU A 80 43.85 45.68 -11.62
CA GLU A 80 44.07 46.02 -13.01
C GLU A 80 43.87 44.85 -13.97
N ASN A 81 43.65 43.64 -13.46
CA ASN A 81 43.49 42.46 -14.28
C ASN A 81 42.02 42.09 -14.38
N VAL A 82 41.58 41.75 -15.58
CA VAL A 82 40.21 41.32 -15.84
C VAL A 82 40.27 39.95 -16.48
N VAL A 83 39.46 39.03 -15.96
CA VAL A 83 39.28 37.71 -16.56
C VAL A 83 38.02 37.78 -17.41
N LEU A 84 38.19 37.83 -18.73
CA LEU A 84 37.04 37.89 -19.61
C LEU A 84 36.22 36.62 -19.49
N SER A 85 34.90 36.77 -19.59
CA SER A 85 34.01 35.65 -19.40
C SER A 85 33.98 34.78 -20.65
N ARG A 86 33.76 33.49 -20.45
CA ARG A 86 33.58 32.52 -21.52
C ARG A 86 32.19 31.94 -21.35
N PHE A 87 31.24 32.38 -22.18
CA PHE A 87 29.85 32.02 -21.97
C PHE A 87 29.64 30.53 -22.24
N TYR A 88 28.70 29.96 -21.47
CA TYR A 88 28.37 28.55 -21.62
C TYR A 88 27.63 28.31 -22.93
N HIS A 89 26.55 29.06 -23.16
CA HIS A 89 25.77 28.96 -24.39
C HIS A 89 26.29 29.92 -25.45
N LYS A 90 25.89 29.67 -26.69
CA LYS A 90 26.32 30.47 -27.84
C LYS A 90 25.56 31.79 -27.98
N GLU A 91 24.41 31.93 -27.33
CA GLU A 91 23.54 33.09 -27.53
C GLU A 91 24.13 34.41 -27.04
N ARG A 92 25.11 34.38 -26.13
CA ARG A 92 25.71 35.61 -25.63
C ARG A 92 27.22 35.64 -25.84
N GLN A 93 27.78 34.71 -26.61
CA GLN A 93 29.21 34.71 -26.86
C GLN A 93 29.63 35.85 -27.78
N GLY A 94 28.73 36.34 -28.63
CA GLY A 94 29.07 37.42 -29.52
C GLY A 94 29.40 38.72 -28.81
N GLU A 95 28.96 38.86 -27.56
CA GLU A 95 29.29 40.05 -26.78
C GLU A 95 30.71 39.99 -26.23
N GLU A 96 31.31 38.80 -26.17
CA GLU A 96 32.66 38.69 -25.61
C GLU A 96 33.68 39.62 -26.24
N PRO A 97 33.74 39.80 -27.58
CA PRO A 97 34.76 40.70 -28.14
C PRO A 97 34.56 42.16 -27.75
N TYR A 98 33.33 42.68 -27.91
CA TYR A 98 33.10 44.09 -27.61
C TYR A 98 33.49 44.42 -26.17
N PHE A 99 33.09 43.57 -25.22
CA PHE A 99 33.48 43.79 -23.83
C PHE A 99 34.99 43.79 -23.71
N LYS A 100 35.64 42.79 -24.32
CA LYS A 100 37.09 42.73 -24.29
C LYS A 100 37.68 44.04 -24.78
N ALA A 101 37.09 44.59 -25.85
CA ALA A 101 37.57 45.84 -26.39
C ALA A 101 37.57 46.93 -25.33
N TRP A 102 36.42 47.08 -24.64
CA TRP A 102 36.33 48.09 -23.59
C TRP A 102 37.44 47.90 -22.58
N PHE A 103 37.65 46.65 -22.14
CA PHE A 103 38.66 46.41 -21.12
C PHE A 103 40.03 46.87 -21.61
N GLU A 104 40.38 46.48 -22.84
CA GLU A 104 41.69 46.84 -23.36
C GLU A 104 41.80 48.34 -23.58
N GLU A 105 40.70 49.01 -23.92
CA GLU A 105 40.78 50.44 -24.13
C GLU A 105 41.00 51.21 -22.85
N ASN A 106 40.75 50.61 -21.68
CA ASN A 106 40.91 51.33 -20.42
C ASN A 106 42.08 50.81 -19.60
N GLY A 107 43.03 50.13 -20.24
CA GLY A 107 44.28 49.79 -19.59
C GLY A 107 44.24 48.56 -18.72
N PHE A 108 43.37 47.60 -19.03
CA PHE A 108 43.28 46.36 -18.27
C PHE A 108 44.01 45.23 -18.99
N THR A 109 44.66 44.37 -18.21
CA THR A 109 45.32 43.18 -18.72
C THR A 109 44.28 42.08 -18.85
N VAL A 110 43.77 41.88 -20.06
CA VAL A 110 42.67 40.93 -20.27
C VAL A 110 43.22 39.52 -20.28
N TYR A 111 42.55 38.63 -19.55
CA TYR A 111 42.85 37.21 -19.58
C TYR A 111 41.65 36.46 -20.15
N GLU A 112 41.94 35.43 -20.93
CA GLU A 112 40.90 34.61 -21.54
C GLU A 112 41.07 33.16 -21.11
N LEU A 113 39.95 32.49 -20.95
CA LEU A 113 39.93 31.12 -20.50
C LEU A 113 39.98 30.19 -21.70
N PRO A 114 40.39 28.93 -21.51
CA PRO A 114 40.31 27.97 -22.61
C PRO A 114 38.90 27.96 -23.19
N GLN A 115 38.81 27.72 -24.50
CA GLN A 115 37.53 27.74 -25.18
C GLN A 115 36.57 26.72 -24.62
N ASP A 116 37.09 25.68 -23.96
CA ASP A 116 36.30 24.63 -23.38
C ASP A 116 35.90 24.90 -21.94
N LEU A 117 36.41 25.97 -21.34
CA LEU A 117 36.29 26.18 -19.90
C LEU A 117 35.41 27.40 -19.64
N PRO A 118 34.11 27.23 -19.42
CA PRO A 118 33.21 28.38 -19.28
C PRO A 118 33.26 29.05 -17.91
N PHE A 119 33.12 30.38 -17.93
CA PHE A 119 32.99 31.20 -16.73
C PHE A 119 32.24 32.47 -17.08
N GLU A 120 31.17 32.76 -16.34
CA GLU A 120 30.23 33.82 -16.68
C GLU A 120 30.41 35.07 -15.83
N GLY A 121 31.64 35.36 -15.40
CA GLY A 121 31.98 36.67 -14.89
C GLY A 121 31.51 36.93 -13.47
N ALA A 122 31.22 38.21 -13.19
CA ALA A 122 30.80 38.63 -11.86
C ALA A 122 29.41 38.12 -11.50
N GLY A 123 28.68 37.54 -12.47
CA GLY A 123 27.44 36.88 -12.13
C GLY A 123 27.64 35.62 -11.33
N ASP A 124 28.80 34.96 -11.49
CA ASP A 124 29.11 33.73 -10.78
C ASP A 124 30.34 33.86 -9.90
N ALA A 125 30.84 35.08 -9.66
CA ALA A 125 31.99 35.26 -8.79
C ALA A 125 31.81 36.59 -8.07
N LEU A 126 31.59 36.53 -6.75
CA LEU A 126 31.34 37.71 -5.95
C LEU A 126 32.35 37.78 -4.82
N PHE A 127 33.03 38.92 -4.74
CA PHE A 127 34.01 39.13 -3.69
C PHE A 127 33.33 39.38 -2.36
N ASP A 128 33.95 38.90 -1.28
CA ASP A 128 33.59 39.38 0.04
C ASP A 128 33.95 40.86 0.11
N ARG A 129 33.06 41.66 0.71
CA ARG A 129 33.19 43.11 0.59
C ARG A 129 34.47 43.63 1.23
N GLU A 130 34.94 42.96 2.28
CA GLU A 130 36.23 43.30 2.89
C GLU A 130 37.42 42.91 2.04
N GLY A 131 37.24 42.06 1.02
CA GLY A 131 38.35 41.68 0.16
C GLY A 131 39.10 40.44 0.58
N ARG A 132 38.61 39.71 1.59
CA ARG A 132 39.35 38.57 2.10
C ARG A 132 39.44 37.45 1.06
N TRP A 133 38.37 37.18 0.34
CA TRP A 133 38.34 36.08 -0.62
C TRP A 133 37.27 36.37 -1.66
N LEU A 134 37.20 35.49 -2.67
CA LEU A 134 36.24 35.58 -3.75
C LEU A 134 35.34 34.35 -3.70
N TRP A 135 34.04 34.56 -3.53
CA TRP A 135 33.10 33.46 -3.71
C TRP A 135 32.89 33.23 -5.20
N ALA A 136 32.97 31.97 -5.62
CA ALA A 136 32.75 31.62 -7.02
C ALA A 136 31.84 30.41 -7.09
N GLY A 137 30.81 30.50 -7.92
CA GLY A 137 29.84 29.44 -8.07
C GLY A 137 30.14 28.52 -9.24
N TYR A 138 29.74 27.26 -9.09
CA TYR A 138 29.83 26.29 -10.18
C TYR A 138 28.58 25.42 -10.13
N GLY A 139 28.33 24.72 -11.24
CA GLY A 139 27.16 23.87 -11.31
C GLY A 139 26.30 24.02 -12.55
N PHE A 140 25.99 25.24 -12.99
CA PHE A 140 25.21 25.43 -14.21
C PHE A 140 26.00 26.04 -15.36
N ARG A 141 26.49 27.27 -15.20
CA ARG A 141 27.16 27.98 -16.29
C ARG A 141 28.65 28.17 -16.11
N SER A 142 29.16 28.16 -14.89
CA SER A 142 30.58 28.34 -14.65
C SER A 142 31.17 27.01 -14.21
N GLU A 143 32.43 26.79 -14.57
CA GLU A 143 33.09 25.52 -14.35
C GLU A 143 33.95 25.55 -13.09
N LEU A 144 33.94 24.43 -12.36
CA LEU A 144 34.81 24.30 -11.19
C LEU A 144 36.27 24.36 -11.61
N ASP A 145 36.61 23.73 -12.73
CA ASP A 145 37.98 23.70 -13.22
C ASP A 145 38.48 25.08 -13.63
N SER A 146 37.61 26.08 -13.72
CA SER A 146 38.02 27.44 -14.04
C SER A 146 38.42 28.25 -12.82
N HIS A 147 38.08 27.80 -11.61
CA HIS A 147 38.37 28.55 -10.41
C HIS A 147 39.87 28.65 -10.14
N PRO A 148 40.67 27.62 -10.43
CA PRO A 148 42.14 27.81 -10.33
C PRO A 148 42.66 28.85 -11.31
N TYR A 149 42.15 28.87 -12.54
CA TYR A 149 42.56 29.88 -13.50
C TYR A 149 42.32 31.28 -12.96
N ILE A 150 41.07 31.57 -12.56
CA ILE A 150 40.73 32.86 -11.97
C ILE A 150 41.63 33.16 -10.78
N ALA A 151 41.81 32.19 -9.88
CA ALA A 151 42.60 32.42 -8.69
C ALA A 151 44.04 32.84 -9.05
N LYS A 152 44.64 32.14 -10.01
CA LYS A 152 46.00 32.48 -10.42
C LYS A 152 46.05 33.84 -11.13
N TRP A 153 45.07 34.13 -11.98
CA TRP A 153 45.12 35.33 -12.81
C TRP A 153 44.80 36.60 -12.05
N LEU A 154 43.98 36.50 -11.01
CA LEU A 154 43.66 37.67 -10.19
C LEU A 154 44.40 37.66 -8.86
N ASP A 155 45.11 36.57 -8.55
CA ASP A 155 45.91 36.44 -7.34
C ASP A 155 45.07 36.68 -6.08
N THR A 156 44.03 35.87 -5.93
CA THR A 156 43.11 36.00 -4.80
C THR A 156 42.61 34.61 -4.41
N GLU A 157 42.01 34.53 -3.23
CA GLU A 157 41.43 33.29 -2.76
C GLU A 157 40.05 33.09 -3.36
N VAL A 158 39.77 31.85 -3.76
CA VAL A 158 38.51 31.50 -4.43
C VAL A 158 37.83 30.42 -3.60
N VAL A 159 36.66 30.74 -3.06
CA VAL A 159 35.86 29.81 -2.29
C VAL A 159 34.77 29.26 -3.20
N SER A 160 34.74 27.95 -3.38
CA SER A 160 33.86 27.33 -4.37
C SER A 160 32.55 26.92 -3.73
N LEU A 161 31.44 27.28 -4.38
CA LEU A 161 30.10 26.91 -3.96
C LEU A 161 29.37 26.32 -5.15
N ARG A 162 28.63 25.24 -4.92
CA ARG A 162 27.89 24.60 -6.00
C ARG A 162 26.43 25.05 -5.96
N LEU A 163 25.95 25.54 -7.09
CA LEU A 163 24.56 25.94 -7.24
C LEU A 163 23.75 24.73 -7.67
N ILE A 164 22.60 24.52 -7.04
CA ILE A 164 21.79 23.34 -7.28
C ILE A 164 20.40 23.66 -7.82
N ASP A 165 19.98 24.92 -7.80
CA ASP A 165 18.63 25.30 -8.19
C ASP A 165 18.69 25.97 -9.55
N GLU A 166 17.92 25.45 -10.51
CA GLU A 166 17.94 26.01 -11.86
C GLU A 166 17.38 27.42 -11.90
N ARG A 167 16.52 27.80 -10.94
CA ARG A 167 16.04 29.17 -10.90
C ARG A 167 17.18 30.14 -10.65
N PHE A 168 18.11 29.76 -9.78
CA PHE A 168 19.30 30.56 -9.49
C PHE A 168 20.51 29.83 -10.05
N TYR A 169 20.73 29.99 -11.35
CA TYR A 169 21.90 29.41 -11.99
C TYR A 169 23.10 30.34 -11.91
N HIS A 170 22.90 31.56 -11.45
CA HIS A 170 23.97 32.52 -11.25
C HIS A 170 24.11 32.81 -9.76
N LEU A 171 25.36 32.98 -9.32
CA LEU A 171 25.61 33.20 -7.90
C LEU A 171 24.97 34.51 -7.42
N ASP A 172 25.02 35.55 -8.25
CA ASP A 172 24.53 36.86 -7.82
C ASP A 172 23.00 36.96 -7.81
N THR A 173 22.28 35.87 -8.11
CA THR A 173 20.83 35.84 -7.94
C THR A 173 20.43 35.21 -6.60
N CYS A 174 21.38 34.62 -5.88
CA CYS A 174 21.10 33.97 -4.61
C CYS A 174 22.18 34.24 -3.57
N PHE A 175 23.12 35.14 -3.85
CA PHE A 175 24.28 35.35 -3.01
C PHE A 175 24.66 36.83 -3.16
N CYS A 176 24.80 37.52 -2.03
CA CYS A 176 25.12 38.95 -2.06
C CYS A 176 25.95 39.28 -0.84
N PRO A 177 27.27 39.29 -0.98
CA PRO A 177 28.13 39.74 0.12
C PRO A 177 27.93 41.23 0.39
N LEU A 178 27.77 41.57 1.65
CA LEU A 178 27.58 42.94 2.08
C LEU A 178 28.73 43.38 2.97
N SER A 179 28.92 44.70 3.04
CA SER A 179 29.94 45.25 3.93
C SER A 179 29.53 44.99 5.39
N GLY A 180 30.47 45.22 6.30
CA GLY A 180 30.24 44.89 7.68
C GLY A 180 30.29 43.42 8.00
N GLY A 181 30.83 42.59 7.09
CA GLY A 181 30.90 41.16 7.29
C GLY A 181 29.59 40.42 7.09
N TYR A 182 28.58 41.05 6.51
CA TYR A 182 27.27 40.43 6.37
C TYR A 182 27.17 39.68 5.05
N LEU A 183 26.33 38.66 5.05
CA LEU A 183 26.10 37.83 3.87
C LEU A 183 24.61 37.67 3.66
N LEU A 184 24.10 38.20 2.55
CA LEU A 184 22.70 38.11 2.19
C LEU A 184 22.57 37.05 1.10
N TYR A 185 21.92 35.93 1.42
CA TYR A 185 21.91 34.81 0.48
C TYR A 185 20.68 33.95 0.74
N TYR A 186 20.46 33.01 -0.19
CA TYR A 186 19.33 32.08 -0.14
C TYR A 186 19.88 30.67 -0.07
N PRO A 187 19.93 30.07 1.11
CA PRO A 187 20.61 28.77 1.28
C PRO A 187 20.08 27.67 0.38
N PRO A 188 18.76 27.57 0.13
CA PRO A 188 18.27 26.47 -0.72
C PRO A 188 18.87 26.43 -2.12
N ALA A 189 19.58 27.47 -2.54
CA ALA A 189 20.24 27.45 -3.84
C ALA A 189 21.58 26.72 -3.82
N PHE A 190 22.02 26.25 -2.66
CA PHE A 190 23.31 25.59 -2.51
C PHE A 190 23.13 24.19 -1.93
N ASP A 191 24.06 23.30 -2.26
CA ASP A 191 24.04 21.96 -1.70
C ASP A 191 24.54 21.98 -0.26
N ALA A 192 24.51 20.81 0.39
CA ALA A 192 24.85 20.74 1.81
C ALA A 192 26.29 21.17 2.07
N TYR A 193 27.22 20.73 1.22
CA TYR A 193 28.62 21.07 1.41
C TYR A 193 28.85 22.58 1.30
N SER A 194 28.25 23.20 0.29
CA SER A 194 28.42 24.64 0.12
C SER A 194 27.83 25.41 1.29
N ASN A 195 26.69 24.95 1.79
CA ASN A 195 26.11 25.58 2.99
C ASN A 195 27.04 25.42 4.18
N ARG A 196 27.65 24.24 4.33
CA ARG A 196 28.61 24.04 5.41
C ARG A 196 29.78 25.02 5.30
N VAL A 197 30.28 25.23 4.07
CA VAL A 197 31.37 26.16 3.86
C VAL A 197 30.95 27.59 4.23
N ILE A 198 29.81 28.02 3.71
CA ILE A 198 29.30 29.36 3.97
C ILE A 198 29.16 29.59 5.48
N GLU A 199 28.56 28.62 6.17
CA GLU A 199 28.36 28.76 7.61
C GLU A 199 29.69 28.77 8.35
N MET A 200 30.66 27.98 7.90
CA MET A 200 31.99 28.00 8.50
C MET A 200 32.61 29.39 8.40
N ARG A 201 32.38 30.10 7.29
CA ARG A 201 33.06 31.38 7.10
C ARG A 201 32.28 32.58 7.62
N ILE A 202 30.96 32.52 7.67
CA ILE A 202 30.15 33.68 8.05
C ILE A 202 29.40 33.33 9.34
N PRO A 203 29.53 34.12 10.40
CA PRO A 203 28.84 33.83 11.66
C PRO A 203 27.34 34.04 11.53
N PRO A 204 26.54 33.37 12.35
CA PRO A 204 25.07 33.49 12.23
C PRO A 204 24.55 34.90 12.43
N GLU A 205 25.17 35.68 13.32
CA GLU A 205 24.74 37.07 13.49
C GLU A 205 24.95 37.89 12.21
N LYS A 206 25.82 37.41 11.32
CA LYS A 206 26.15 38.12 10.10
C LYS A 206 25.42 37.57 8.89
N ARG A 207 24.51 36.62 9.08
CA ARG A 207 23.77 36.01 7.98
C ARG A 207 22.38 36.62 7.90
N ILE A 208 22.02 37.10 6.72
CA ILE A 208 20.67 37.58 6.44
C ILE A 208 20.07 36.55 5.49
N ILE A 209 19.30 35.62 6.03
CA ILE A 209 18.66 34.62 5.20
C ILE A 209 17.49 35.28 4.47
N VAL A 210 17.31 34.93 3.21
CA VAL A 210 16.24 35.50 2.41
C VAL A 210 15.14 34.46 2.32
N GLU A 211 13.89 34.90 2.48
CA GLU A 211 12.80 33.97 2.30
C GLU A 211 12.52 33.80 0.80
N GLU A 212 11.84 32.70 0.47
CA GLU A 212 11.73 32.27 -0.92
C GLU A 212 11.07 33.33 -1.79
N LEU A 213 10.04 34.01 -1.26
CA LEU A 213 9.32 35.00 -2.06
C LEU A 213 10.25 36.10 -2.53
N ASP A 214 11.07 36.63 -1.63
CA ASP A 214 12.10 37.59 -2.01
C ASP A 214 13.07 36.99 -3.00
N ALA A 215 13.55 35.76 -2.73
CA ALA A 215 14.55 35.12 -3.55
C ALA A 215 14.13 35.04 -5.02
N VAL A 216 12.89 34.61 -5.29
CA VAL A 216 12.46 34.48 -6.68
C VAL A 216 12.36 35.83 -7.38
N ASN A 217 12.24 36.94 -6.62
CA ASN A 217 12.28 38.28 -7.18
C ASN A 217 13.68 38.89 -7.21
N PHE A 218 14.71 38.05 -7.12
CA PHE A 218 16.10 38.49 -7.26
C PHE A 218 16.49 39.52 -6.22
N ALA A 219 16.11 39.29 -4.97
CA ALA A 219 16.51 40.19 -3.89
C ALA A 219 18.02 40.20 -3.71
N CYS A 220 18.67 39.05 -3.91
CA CYS A 220 20.12 38.97 -3.78
C CYS A 220 20.84 39.65 -4.94
N ASN A 221 20.14 39.96 -6.03
CA ASN A 221 20.74 40.68 -7.15
C ASN A 221 20.71 42.17 -6.82
N ALA A 222 21.46 42.52 -5.78
CA ALA A 222 21.45 43.85 -5.20
C ALA A 222 22.87 44.42 -5.18
N VAL A 223 22.96 45.74 -5.36
CA VAL A 223 24.24 46.44 -5.36
C VAL A 223 24.41 47.14 -4.02
N ASN A 224 25.57 46.93 -3.40
CA ASN A 224 25.89 47.48 -2.08
C ASN A 224 27.18 48.28 -2.21
N VAL A 225 27.13 49.58 -1.86
CA VAL A 225 28.35 50.38 -1.92
C VAL A 225 29.03 50.46 -0.56
N ASN A 226 28.45 51.16 0.41
CA ASN A 226 29.05 51.19 1.75
C ASN A 226 28.05 50.66 2.78
N ASP A 227 26.91 51.33 2.93
CA ASP A 227 25.77 50.90 3.71
C ASP A 227 24.52 50.95 2.87
N ILE A 228 24.61 51.51 1.66
CA ILE A 228 23.49 51.61 0.75
C ILE A 228 23.37 50.29 0.02
N ILE A 229 22.13 49.84 -0.19
CA ILE A 229 21.86 48.66 -0.99
C ILE A 229 20.82 49.03 -2.02
N ILE A 230 21.18 48.92 -3.29
CA ILE A 230 20.28 49.26 -4.38
C ILE A 230 19.73 47.95 -4.91
N MET A 231 18.41 47.84 -4.95
CA MET A 231 17.76 46.62 -5.40
C MET A 231 16.42 46.99 -5.99
N ASN A 232 15.75 45.98 -6.55
CA ASN A 232 14.41 46.17 -7.08
C ASN A 232 13.43 46.16 -5.92
N LEU A 233 12.15 45.95 -6.16
CA LEU A 233 11.18 46.03 -5.09
C LEU A 233 11.08 44.68 -4.40
N VAL A 234 11.21 44.70 -3.08
CA VAL A 234 11.26 43.52 -2.24
C VAL A 234 10.27 43.71 -1.10
N SER A 235 10.12 42.67 -0.28
CA SER A 235 9.19 42.73 0.84
C SER A 235 9.65 43.73 1.88
N ARG A 236 8.66 44.28 2.60
CA ARG A 236 8.95 45.18 3.71
C ARG A 236 9.75 44.48 4.81
N THR A 237 9.48 43.20 5.05
CA THR A 237 10.17 42.49 6.12
C THR A 237 11.65 42.35 5.83
N LEU A 238 12.02 42.03 4.58
CA LEU A 238 13.43 41.96 4.22
C LEU A 238 14.10 43.31 4.39
N LYS A 239 13.45 44.39 3.94
CA LYS A 239 14.02 45.72 4.06
C LYS A 239 14.24 46.10 5.52
N GLU A 240 13.30 45.76 6.40
CA GLU A 240 13.48 46.06 7.82
C GLU A 240 14.60 45.21 8.42
N LYS A 241 14.69 43.94 8.02
CA LYS A 241 15.79 43.11 8.50
C LYS A 241 17.14 43.70 8.06
N LEU A 242 17.17 44.25 6.84
CA LEU A 242 18.37 44.92 6.35
C LEU A 242 18.68 46.20 7.13
N ALA A 243 17.64 46.99 7.42
CA ALA A 243 17.84 48.24 8.15
C ALA A 243 18.35 47.99 9.57
N GLU A 244 17.88 46.92 10.22
CA GLU A 244 18.37 46.61 11.55
C GLU A 244 19.89 46.38 11.56
N ALA A 245 20.43 45.75 10.52
CA ALA A 245 21.87 45.59 10.41
C ALA A 245 22.60 46.88 10.06
N GLY A 246 21.89 47.97 9.79
CA GLY A 246 22.52 49.23 9.45
C GLY A 246 22.58 49.57 7.98
N PHE A 247 21.83 48.89 7.13
CA PHE A 247 21.82 49.16 5.70
C PHE A 247 20.63 50.04 5.35
N LYS A 248 20.81 50.94 4.40
CA LYS A 248 19.74 51.83 3.93
C LYS A 248 19.38 51.41 2.52
N VAL A 249 18.16 50.91 2.36
CA VAL A 249 17.72 50.31 1.10
C VAL A 249 17.18 51.40 0.20
N ARG A 250 17.62 51.39 -1.06
CA ARG A 250 17.08 52.25 -2.10
C ARG A 250 16.50 51.36 -3.19
N GLU A 251 15.18 51.42 -3.36
CA GLU A 251 14.49 50.58 -4.33
C GLU A 251 14.36 51.31 -5.65
N THR A 252 14.44 50.56 -6.74
CA THR A 252 14.21 51.08 -8.06
C THR A 252 13.56 49.98 -8.87
N PRO A 253 12.59 50.30 -9.74
CA PRO A 253 11.92 49.25 -10.50
C PRO A 253 12.83 48.71 -11.59
N LEU A 254 12.92 47.37 -11.66
CA LEU A 254 13.70 46.71 -12.70
C LEU A 254 13.00 45.46 -13.22
N THR A 255 11.66 45.42 -13.16
CA THR A 255 10.93 44.22 -13.54
C THR A 255 11.15 43.86 -15.01
N GLU A 256 11.35 44.85 -15.86
CA GLU A 256 11.59 44.58 -17.28
C GLU A 256 12.82 43.71 -17.46
N PHE A 257 13.86 43.97 -16.67
CA PHE A 257 15.06 43.16 -16.72
C PHE A 257 14.85 41.85 -15.96
N LEU A 258 13.97 41.86 -14.94
CA LEU A 258 13.59 40.62 -14.27
C LEU A 258 12.97 39.64 -15.26
N LYS A 259 12.30 40.15 -16.29
CA LYS A 259 11.79 39.29 -17.36
C LYS A 259 12.92 38.60 -18.12
N ALA A 260 14.15 39.10 -18.03
CA ALA A 260 15.31 38.50 -18.68
C ALA A 260 16.28 37.90 -17.67
N GLY A 261 15.82 37.58 -16.46
CA GLY A 261 16.69 36.98 -15.46
C GLY A 261 17.80 37.91 -15.01
N GLY A 262 17.54 39.21 -14.97
CA GLY A 262 18.52 40.19 -14.51
C GLY A 262 17.89 41.21 -13.59
N ALA A 263 18.68 41.69 -12.63
CA ALA A 263 18.26 42.75 -11.70
C ALA A 263 19.42 43.73 -11.52
N ALA A 264 19.44 44.45 -10.40
CA ALA A 264 20.38 45.56 -10.26
C ALA A 264 21.82 45.07 -10.27
N LYS A 265 22.11 43.97 -9.57
CA LYS A 265 23.48 43.45 -9.56
C LYS A 265 23.91 42.99 -10.95
N CYS A 266 22.99 42.37 -11.71
CA CYS A 266 23.34 41.92 -13.04
C CYS A 266 23.61 43.07 -13.99
N LEU A 267 22.92 44.21 -13.82
CA LEU A 267 23.08 45.35 -14.70
C LEU A 267 24.30 46.20 -14.38
N THR A 268 25.14 45.76 -13.45
CA THR A 268 26.32 46.52 -13.04
C THR A 268 27.52 45.59 -12.97
N LEU A 269 28.70 46.18 -13.09
CA LEU A 269 29.97 45.48 -12.86
C LEU A 269 30.92 46.43 -12.16
N ARG A 270 31.36 46.03 -10.96
CA ARG A 270 32.22 46.86 -10.15
C ARG A 270 33.67 46.68 -10.58
N VAL A 271 34.29 47.76 -11.06
CA VAL A 271 35.66 47.68 -11.55
C VAL A 271 36.71 47.98 -10.49
N THR A 272 36.35 48.72 -9.45
CA THR A 272 37.27 49.08 -8.37
C THR A 272 37.02 48.17 -7.17
N GLU A 273 37.58 46.97 -7.22
CA GLU A 273 37.39 46.07 -6.11
C GLU A 273 38.54 46.18 -5.10
N PRO A 274 38.27 45.97 -3.81
CA PRO A 274 39.30 46.18 -2.78
C PRO A 274 40.36 45.12 -2.84
N ILE A 275 41.58 45.54 -2.52
CA ILE A 275 42.77 44.71 -2.60
C ILE A 275 43.43 44.60 -1.22
N LEU A 276 43.55 43.37 -0.72
CA LEU A 276 44.25 43.13 0.54
C LEU A 276 45.59 42.49 0.21
N PRO A 277 46.70 43.27 0.10
CA PRO A 277 47.96 42.73 -0.42
C PRO A 277 48.45 41.46 0.26
N ASP A 278 47.97 41.20 1.47
CA ASP A 278 48.29 39.94 2.15
C ASP A 278 47.63 38.74 1.48
N VAL A 279 46.74 38.95 0.52
CA VAL A 279 45.99 37.89 -0.12
C VAL A 279 46.71 37.45 -1.39
N HIS A 280 46.81 36.14 -1.59
CA HIS A 280 47.34 35.55 -2.81
C HIS A 280 46.34 34.52 -3.33
N ALA A 281 46.66 33.98 -4.50
CA ALA A 281 45.87 32.89 -5.06
C ALA A 281 45.74 31.77 -4.04
N THR A 282 44.53 31.22 -3.91
CA THR A 282 44.35 30.04 -3.08
C THR A 282 43.23 29.20 -3.67
N VAL A 283 43.38 27.88 -3.62
CA VAL A 283 42.38 26.97 -4.15
C VAL A 283 42.29 25.74 -3.25
N SER A 284 41.06 25.34 -2.92
CA SER A 284 40.79 24.11 -2.20
C SER A 284 40.64 22.92 -3.14
N ILE A 285 40.49 23.20 -4.44
CA ILE A 285 40.19 22.18 -5.43
C ILE A 285 41.34 21.19 -5.54
N GLU A 286 41.00 19.92 -5.63
CA GLU A 286 41.95 18.85 -5.91
C GLU A 286 41.59 18.22 -7.24
N SER A 287 42.61 17.86 -8.02
CA SER A 287 42.41 17.21 -9.30
C SER A 287 43.11 15.86 -9.29
N ARG A 288 42.46 14.86 -9.88
CA ARG A 288 43.04 13.53 -9.93
C ARG A 288 42.60 12.86 -11.23
N VAL A 289 43.45 11.96 -11.72
CA VAL A 289 43.14 11.12 -12.86
C VAL A 289 42.88 9.72 -12.36
N ILE A 290 41.84 9.09 -12.89
CA ILE A 290 41.50 7.71 -12.56
C ILE A 290 41.33 6.95 -13.88
N ARG A 291 41.58 5.65 -13.83
CA ARG A 291 41.36 4.78 -14.97
C ARG A 291 40.29 3.75 -14.62
N MET A 292 39.43 3.46 -15.58
CA MET A 292 38.39 2.44 -15.41
C MET A 292 38.44 1.51 -16.61
N GLU A 293 38.72 0.23 -16.37
CA GLU A 293 38.69 -0.80 -17.39
C GLU A 293 37.45 -1.66 -17.17
N GLY A 294 36.96 -2.26 -18.26
CA GLY A 294 35.83 -3.16 -18.10
C GLY A 294 34.73 -2.84 -19.07
N HIS A 295 33.56 -3.44 -18.81
CA HIS A 295 32.37 -3.30 -19.65
C HIS A 295 31.69 -1.95 -19.48
N LEU A 296 32.46 -0.86 -19.64
CA LEU A 296 31.89 0.46 -19.39
C LEU A 296 30.83 0.86 -20.41
N LEU A 297 30.65 0.11 -21.49
CA LEU A 297 29.66 0.46 -22.51
C LEU A 297 28.28 -0.12 -22.24
N ASP A 298 28.21 -1.44 -22.00
CA ASP A 298 26.94 -2.10 -21.71
C ASP A 298 26.35 -1.73 -20.35
N ALA A 299 26.97 -2.20 -19.27
CA ALA A 299 26.50 -1.91 -17.93
C ALA A 299 26.22 -0.43 -17.70
N GLY A 300 26.99 0.45 -18.33
CA GLY A 300 26.80 1.87 -18.15
C GLY A 300 27.52 2.32 -16.91
N ILE A 301 28.65 1.66 -16.61
CA ILE A 301 29.39 1.92 -15.39
C ILE A 301 30.09 3.28 -15.47
N LEU A 302 30.59 3.65 -16.65
CA LEU A 302 31.22 4.94 -16.82
C LEU A 302 30.23 6.06 -16.57
N ASN A 303 29.00 5.89 -17.04
CA ASN A 303 27.95 6.88 -16.81
C ASN A 303 27.62 6.99 -15.33
N GLN A 304 27.54 5.84 -14.65
CA GLN A 304 27.33 5.83 -13.20
C GLN A 304 28.46 6.53 -12.48
N ALA A 305 29.69 6.33 -12.94
CA ALA A 305 30.84 7.01 -12.35
C ALA A 305 30.72 8.52 -12.47
N LEU A 306 30.37 9.00 -13.66
CA LEU A 306 30.29 10.45 -13.86
C LEU A 306 29.14 11.06 -13.05
N ASP A 307 28.01 10.35 -12.98
CA ASP A 307 26.91 10.81 -12.13
C ASP A 307 27.32 10.83 -10.66
N LEU A 308 28.06 9.81 -10.21
CA LEU A 308 28.57 9.82 -8.84
C LEU A 308 29.45 11.04 -8.59
N VAL A 309 30.34 11.34 -9.54
CA VAL A 309 31.22 12.50 -9.38
C VAL A 309 30.41 13.78 -9.22
N VAL A 310 29.48 14.01 -10.15
CA VAL A 310 28.73 15.27 -10.14
C VAL A 310 27.85 15.37 -8.91
N GLU A 311 27.11 14.31 -8.57
CA GLU A 311 26.18 14.35 -7.45
C GLU A 311 26.90 14.61 -6.13
N ASN A 312 28.18 14.26 -6.03
CA ASN A 312 29.00 14.54 -4.86
C ASN A 312 29.73 15.88 -4.96
N SER A 313 29.24 16.79 -5.81
CA SER A 313 29.73 18.16 -5.92
C SER A 313 31.09 18.25 -6.60
N GLY A 314 31.39 17.33 -7.51
CA GLY A 314 32.61 17.36 -8.27
C GLY A 314 32.35 17.63 -9.76
N SER A 315 33.45 17.72 -10.50
CA SER A 315 33.40 17.89 -11.94
C SER A 315 34.36 16.90 -12.59
N PHE A 316 34.22 16.73 -13.89
CA PHE A 316 35.04 15.76 -14.61
C PHE A 316 35.26 16.23 -16.05
N ARG A 317 36.25 15.60 -16.67
CA ARG A 317 36.46 15.71 -18.11
C ARG A 317 36.97 14.35 -18.56
N VAL A 318 36.20 13.68 -19.41
CA VAL A 318 36.63 12.36 -19.86
C VAL A 318 37.79 12.55 -20.83
N LEU A 319 38.96 12.04 -20.44
CA LEU A 319 40.16 12.26 -21.25
C LEU A 319 40.23 11.26 -22.42
N ASN A 320 40.45 9.99 -22.11
CA ASN A 320 40.58 8.96 -23.13
C ASN A 320 39.50 7.90 -22.93
N PHE A 321 38.76 7.60 -23.98
CA PHE A 321 37.96 6.38 -24.01
C PHE A 321 38.59 5.49 -25.07
N ASN A 322 39.29 4.44 -24.61
CA ASN A 322 39.90 3.46 -25.48
C ASN A 322 39.07 2.18 -25.45
N LEU A 323 38.54 1.79 -26.60
CA LEU A 323 37.80 0.55 -26.73
C LEU A 323 38.78 -0.57 -27.07
N GLY A 324 38.53 -1.75 -26.51
CA GLY A 324 39.36 -2.90 -26.77
C GLY A 324 39.05 -3.44 -28.15
N VAL A 325 38.74 -4.73 -28.27
CA VAL A 325 38.35 -5.25 -29.57
C VAL A 325 36.92 -4.77 -29.82
N GLU A 326 36.55 -4.60 -31.09
CA GLU A 326 35.43 -3.71 -31.34
C GLU A 326 34.05 -4.33 -31.29
N ARG A 327 33.91 -5.66 -31.15
CA ARG A 327 32.55 -6.21 -31.11
C ARG A 327 31.96 -6.17 -29.69
N ASN A 328 32.58 -6.88 -28.74
CA ASN A 328 32.07 -6.91 -27.38
C ASN A 328 33.18 -7.01 -26.34
N SER A 329 34.37 -6.51 -26.64
CA SER A 329 35.47 -6.62 -25.70
C SER A 329 35.40 -5.53 -24.63
N THR A 330 36.34 -5.64 -23.69
CA THR A 330 36.43 -4.68 -22.58
C THR A 330 36.95 -3.33 -23.04
N SER A 331 36.32 -2.27 -22.54
CA SER A 331 36.69 -0.89 -22.74
C SER A 331 37.48 -0.33 -21.54
N SER A 332 38.44 0.54 -21.84
CA SER A 332 39.25 1.19 -20.83
C SER A 332 39.16 2.69 -21.04
N ALA A 333 39.22 3.45 -19.96
CA ALA A 333 39.00 4.89 -20.06
C ALA A 333 39.78 5.64 -19.00
N GLU A 334 40.12 6.89 -19.32
CA GLU A 334 40.75 7.83 -18.40
C GLU A 334 39.82 9.00 -18.12
N VAL A 335 39.73 9.41 -16.85
CA VAL A 335 38.88 10.52 -16.44
C VAL A 335 39.68 11.39 -15.47
N ARG A 336 39.65 12.71 -15.68
CA ARG A 336 40.13 13.64 -14.68
C ARG A 336 38.97 13.98 -13.76
N VAL A 337 39.19 13.89 -12.46
CA VAL A 337 38.15 14.15 -11.47
C VAL A 337 38.59 15.30 -10.58
N SER A 338 37.74 16.31 -10.46
CA SER A 338 37.99 17.47 -9.63
C SER A 338 36.95 17.52 -8.53
N ALA A 339 37.35 18.02 -7.37
CA ALA A 339 36.47 18.12 -6.22
C ALA A 339 36.86 19.37 -5.46
N PRO A 340 35.89 20.12 -4.92
CA PRO A 340 36.24 21.39 -4.27
C PRO A 340 36.98 21.20 -2.96
N SER A 341 36.72 20.11 -2.24
CA SER A 341 37.35 19.85 -0.96
C SER A 341 38.14 18.55 -1.02
N HIS A 342 39.21 18.47 -0.23
CA HIS A 342 39.92 17.20 -0.09
C HIS A 342 38.98 16.09 0.36
N GLN A 343 38.14 16.36 1.35
CA GLN A 343 37.26 15.30 1.82
C GLN A 343 36.09 15.05 0.89
N ILE A 344 35.76 16.03 0.04
CA ILE A 344 34.84 15.73 -1.06
C ILE A 344 35.51 14.80 -2.06
N MET A 345 36.80 15.04 -2.33
CA MET A 345 37.58 14.10 -3.11
C MET A 345 37.60 12.71 -2.48
N GLU A 346 37.72 12.65 -1.15
CA GLU A 346 37.72 11.36 -0.46
C GLU A 346 36.42 10.61 -0.70
N GLU A 347 35.28 11.30 -0.51
CA GLU A 347 33.99 10.66 -0.73
C GLU A 347 33.82 10.21 -2.18
N ILE A 348 34.14 11.10 -3.12
CA ILE A 348 34.05 10.77 -4.54
C ILE A 348 34.93 9.56 -4.86
N MET A 349 36.13 9.51 -4.27
CA MET A 349 37.06 8.45 -4.61
C MET A 349 36.61 7.11 -4.05
N THR A 350 36.03 7.12 -2.85
CA THR A 350 35.46 5.87 -2.32
C THR A 350 34.35 5.36 -3.22
N GLU A 351 33.43 6.27 -3.60
CA GLU A 351 32.33 5.88 -4.47
C GLU A 351 32.82 5.37 -5.82
N LEU A 352 33.91 5.93 -6.35
CA LEU A 352 34.46 5.41 -7.60
C LEU A 352 35.16 4.08 -7.41
N ILE A 353 35.94 3.94 -6.33
CA ILE A 353 36.70 2.72 -6.06
C ILE A 353 35.77 1.53 -5.95
N ASP A 354 34.55 1.73 -5.46
CA ASP A 354 33.62 0.59 -5.43
C ASP A 354 33.32 0.04 -6.82
N LEU A 355 33.65 0.78 -7.88
CA LEU A 355 33.41 0.36 -9.26
C LEU A 355 34.72 0.29 -10.04
N GLY A 356 35.71 -0.42 -9.50
CA GLY A 356 37.04 -0.46 -10.08
C GLY A 356 37.78 0.83 -9.79
N ALA A 357 37.99 1.66 -10.82
CA ALA A 357 38.60 2.98 -10.67
C ALA A 357 39.94 2.93 -9.96
N VAL A 358 40.94 2.38 -10.64
CA VAL A 358 42.28 2.30 -10.07
C VAL A 358 43.00 3.56 -10.55
N PRO A 359 43.95 4.12 -9.79
CA PRO A 359 44.73 5.25 -10.28
C PRO A 359 45.59 4.83 -11.46
N PRO A 360 46.06 5.78 -12.28
CA PRO A 360 46.87 5.40 -13.44
C PRO A 360 48.10 4.64 -12.99
N PRO A 361 48.54 3.64 -13.77
CA PRO A 361 49.54 2.68 -13.27
C PRO A 361 50.80 3.33 -12.74
N GLN A 362 51.14 4.53 -13.20
CA GLN A 362 52.37 5.19 -12.76
C GLN A 362 52.15 5.98 -11.48
N GLU A 363 50.90 6.24 -11.10
CA GLU A 363 50.56 7.05 -9.95
C GLU A 363 50.26 6.21 -8.72
N LEU A 364 50.21 4.88 -8.88
CA LEU A 364 49.92 3.94 -7.80
C LEU A 364 50.78 4.21 -6.57
N CYS A 365 50.10 4.51 -5.47
CA CYS A 365 50.74 4.65 -4.16
C CYS A 365 50.29 3.51 -3.26
N ASP A 366 50.92 3.43 -2.11
CA ASP A 366 50.56 2.46 -1.08
C ASP A 366 49.59 3.10 -0.09
N ILE A 367 49.08 2.30 0.82
CA ILE A 367 48.05 2.78 1.73
C ILE A 367 48.71 3.36 2.97
N ASN A 368 48.10 4.42 3.49
CA ASN A 368 48.53 5.08 4.71
C ASN A 368 47.73 4.56 5.88
N THR A 369 48.36 4.52 7.05
CA THR A 369 47.72 4.06 8.27
C THR A 369 48.01 5.01 9.41
N GLU A 370 47.20 4.88 10.46
CA GLU A 370 47.38 5.63 11.70
C GLU A 370 47.08 4.71 12.86
N THR A 371 47.76 4.95 13.97
CA THR A 371 47.66 4.07 15.12
C THR A 371 46.47 4.47 16.00
N VAL A 372 45.87 3.47 16.63
CA VAL A 372 44.66 3.67 17.43
C VAL A 372 45.06 4.13 18.82
N THR A 373 44.67 5.35 19.19
CA THR A 373 44.97 5.88 20.52
C THR A 373 43.88 5.59 21.52
N GLN A 374 42.61 5.72 21.11
CA GLN A 374 41.47 5.42 21.96
C GLN A 374 40.92 4.04 21.64
N GLY A 375 40.53 3.31 22.68
CA GLY A 375 40.04 1.96 22.47
C GLY A 375 38.68 1.97 21.80
N GLY A 376 38.55 1.21 20.71
CA GLY A 376 37.30 1.14 19.99
C GLY A 376 36.92 2.40 19.25
N VAL A 377 37.86 3.32 19.04
CA VAL A 377 37.64 4.51 18.25
C VAL A 377 38.74 4.57 17.20
N ALA A 378 38.42 5.14 16.04
CA ALA A 378 39.35 5.23 14.93
C ALA A 378 39.69 6.68 14.64
N PRO A 379 40.86 6.94 14.04
CA PRO A 379 41.14 8.30 13.57
C PRO A 379 40.11 8.71 12.53
N ASP A 380 39.73 10.00 12.56
CA ASP A 380 38.61 10.47 11.77
C ASP A 380 38.76 10.16 10.28
N ASP A 381 39.93 10.41 9.71
CA ASP A 381 40.11 10.16 8.28
C ASP A 381 40.17 8.69 7.90
N PHE A 382 39.75 7.75 8.76
CA PHE A 382 39.82 6.33 8.43
C PHE A 382 38.89 5.97 7.28
N TYR A 383 39.36 5.03 6.44
CA TYR A 383 38.55 4.53 5.33
C TYR A 383 37.44 3.61 5.82
N VAL A 384 36.24 3.80 5.29
CA VAL A 384 35.08 2.99 5.64
C VAL A 384 34.94 1.85 4.63
N SER A 385 34.87 0.62 5.13
CA SER A 385 34.83 -0.54 4.26
C SER A 385 33.46 -0.67 3.59
N THR A 386 33.47 -1.30 2.40
CA THR A 386 32.26 -1.61 1.66
C THR A 386 32.08 -3.13 1.63
N ILE A 387 31.04 -3.58 0.93
CA ILE A 387 30.76 -5.01 0.86
C ILE A 387 31.71 -5.71 -0.11
N TYR A 388 32.23 -4.98 -1.10
CA TYR A 388 32.95 -5.61 -2.19
C TYR A 388 34.34 -6.04 -1.74
N PRO A 389 34.86 -7.14 -2.28
CA PRO A 389 36.20 -7.60 -1.87
C PRO A 389 37.27 -6.63 -2.31
N THR A 390 38.21 -6.36 -1.41
CA THR A 390 39.20 -5.31 -1.62
C THR A 390 40.61 -5.84 -1.41
N GLU A 391 41.55 -5.22 -2.13
CA GLU A 391 42.99 -5.41 -1.91
C GLU A 391 43.59 -4.07 -1.57
N VAL A 392 44.53 -4.05 -0.62
CA VAL A 392 45.21 -2.84 -0.22
C VAL A 392 46.71 -3.02 -0.43
N ARG A 393 47.37 -1.95 -0.85
CA ARG A 393 48.80 -2.01 -1.17
C ARG A 393 49.59 -1.64 0.08
N VAL A 394 50.10 -2.66 0.77
CA VAL A 394 50.89 -2.49 1.98
C VAL A 394 52.30 -2.98 1.67
N ASN A 395 53.30 -2.14 1.98
CA ASN A 395 54.69 -2.45 1.68
C ASN A 395 54.88 -2.83 0.22
N CYS A 396 54.26 -2.04 -0.66
CA CYS A 396 54.38 -2.16 -2.12
C CYS A 396 53.83 -3.48 -2.66
N GLU A 397 53.03 -4.20 -1.88
CA GLU A 397 52.42 -5.44 -2.33
C GLU A 397 50.91 -5.37 -2.17
N TRP A 398 50.20 -6.09 -3.05
CA TRP A 398 48.75 -6.15 -2.99
C TRP A 398 48.39 -7.18 -1.92
N VAL A 399 47.62 -6.78 -0.92
CA VAL A 399 47.23 -7.66 0.18
C VAL A 399 45.71 -7.79 0.15
N GLN A 400 45.22 -9.02 0.02
CA GLN A 400 43.79 -9.23 0.04
C GLN A 400 43.24 -9.01 1.45
N VAL A 401 42.10 -8.33 1.52
CA VAL A 401 41.46 -8.01 2.79
C VAL A 401 40.60 -9.20 3.23
N THR A 402 40.76 -9.61 4.47
CA THR A 402 40.05 -10.75 5.04
C THR A 402 38.86 -10.29 5.86
N GLY A 403 37.84 -11.16 5.93
CA GLY A 403 36.65 -10.87 6.70
C GLY A 403 35.90 -9.67 6.17
N GLN A 404 35.63 -9.67 4.86
CA GLN A 404 35.04 -8.51 4.22
C GLN A 404 33.64 -8.24 4.75
N ARG A 405 33.43 -7.03 5.25
CA ARG A 405 32.14 -6.58 5.74
C ARG A 405 32.04 -5.08 5.46
N MET A 406 30.82 -4.60 5.25
CA MET A 406 30.66 -3.17 5.08
C MET A 406 30.58 -2.48 6.45
N ASP A 407 30.87 -1.18 6.45
CA ASP A 407 30.80 -0.35 7.64
C ASP A 407 31.75 -0.85 8.74
N ALA A 408 33.01 -1.03 8.37
CA ALA A 408 34.05 -1.41 9.32
C ALA A 408 35.33 -0.67 8.96
N ALA A 409 36.33 -0.81 9.84
CA ALA A 409 37.66 -0.30 9.59
C ALA A 409 38.56 -1.44 9.10
N ILE A 410 39.56 -1.09 8.31
CA ILE A 410 40.53 -2.05 7.80
C ILE A 410 41.82 -1.92 8.61
N VAL A 411 42.18 -3.00 9.31
CA VAL A 411 43.40 -3.05 10.11
C VAL A 411 44.44 -3.86 9.36
N VAL A 412 45.65 -3.32 9.26
CA VAL A 412 46.75 -3.92 8.50
C VAL A 412 47.84 -4.31 9.48
N THR A 413 48.48 -5.45 9.23
CA THR A 413 49.66 -5.88 9.96
C THR A 413 50.88 -5.74 9.07
N SER A 414 51.99 -5.31 9.67
CA SER A 414 53.17 -4.98 8.88
C SER A 414 54.10 -6.18 8.73
N ASN A 415 54.37 -6.90 9.82
CA ASN A 415 55.37 -7.96 9.75
C ASN A 415 54.93 -9.11 8.85
N PRO A 416 53.75 -9.72 9.01
CA PRO A 416 53.20 -10.52 7.91
C PRO A 416 52.33 -9.65 7.03
N PRO A 417 52.04 -10.08 5.81
CA PRO A 417 51.12 -9.30 4.96
C PRO A 417 49.63 -9.62 5.16
N SER A 418 48.94 -9.00 6.12
CA SER A 418 47.50 -9.19 6.22
C SER A 418 46.80 -7.83 6.21
N ALA A 419 45.50 -7.89 5.89
CA ALA A 419 44.60 -6.74 6.02
C ALA A 419 43.23 -7.31 6.37
N ARG A 420 42.58 -6.77 7.38
CA ARG A 420 41.29 -7.30 7.79
C ARG A 420 40.31 -6.19 8.13
N CYS A 421 39.03 -6.49 7.91
CA CYS A 421 37.94 -5.62 8.34
C CYS A 421 37.60 -5.93 9.79
N VAL A 422 37.45 -4.89 10.60
CA VAL A 422 37.16 -5.04 12.02
C VAL A 422 36.18 -3.94 12.42
N LEU A 423 35.21 -4.30 13.26
CA LEU A 423 34.21 -3.34 13.71
C LEU A 423 34.88 -2.26 14.57
N LEU A 424 34.24 -1.07 14.59
CA LEU A 424 34.81 0.04 15.33
C LEU A 424 35.00 -0.31 16.81
N ARG A 425 34.00 -0.97 17.40
CA ARG A 425 34.09 -1.31 18.82
C ARG A 425 35.20 -2.33 19.09
N ASP A 426 35.48 -3.21 18.12
CA ASP A 426 36.52 -4.22 18.30
C ASP A 426 37.93 -3.67 18.09
N LEU A 427 38.08 -2.43 17.62
CA LEU A 427 39.40 -1.87 17.40
C LEU A 427 40.18 -1.84 18.71
N GLN A 428 41.40 -2.38 18.68
CA GLN A 428 42.27 -2.38 19.85
C GLN A 428 43.34 -1.31 19.72
N VAL A 429 43.85 -0.88 20.88
CA VAL A 429 44.83 0.20 20.92
C VAL A 429 46.10 -0.23 20.22
N GLY A 430 46.71 0.69 19.48
CA GLY A 430 47.91 0.40 18.72
C GLY A 430 47.69 -0.26 17.38
N ASP A 431 46.44 -0.46 16.95
CA ASP A 431 46.19 -1.00 15.63
C ASP A 431 46.42 0.05 14.55
N ARG A 432 46.92 -0.41 13.40
CA ARG A 432 47.15 0.47 12.25
C ARG A 432 45.93 0.36 11.34
N VAL A 433 45.15 1.44 11.29
CA VAL A 433 43.91 1.48 10.53
C VAL A 433 44.12 2.34 9.29
N MET A 434 43.60 1.87 8.17
CA MET A 434 43.72 2.61 6.92
C MET A 434 43.07 3.99 7.01
N VAL A 435 43.72 4.98 6.41
CA VAL A 435 43.27 6.37 6.43
C VAL A 435 43.41 6.91 5.01
N GLY A 436 42.49 7.79 4.63
CA GLY A 436 42.51 8.34 3.29
C GLY A 436 41.95 7.35 2.28
N VAL A 437 42.26 7.61 1.01
CA VAL A 437 41.73 6.80 -0.08
C VAL A 437 42.82 6.19 -0.95
N GLU A 438 44.09 6.43 -0.64
CA GLU A 438 45.19 5.96 -1.48
C GLU A 438 45.52 4.50 -1.20
N GLY A 439 45.74 3.74 -2.28
CA GLY A 439 46.25 2.39 -2.18
C GLY A 439 45.21 1.29 -2.09
N ILE A 440 43.94 1.60 -2.35
CA ILE A 440 42.86 0.62 -2.29
C ILE A 440 42.40 0.27 -3.70
N ARG A 441 42.07 -1.00 -3.90
CA ARG A 441 41.53 -1.52 -5.15
C ARG A 441 40.44 -2.51 -4.78
N THR A 442 39.47 -2.72 -5.68
CA THR A 442 38.29 -3.48 -5.32
C THR A 442 38.07 -4.79 -6.07
N ILE A 443 38.96 -5.16 -7.00
CA ILE A 443 38.90 -6.48 -7.64
C ILE A 443 37.74 -6.54 -8.62
N SER A 469 3.46 -5.17 -5.61
CA SER A 469 3.12 -6.58 -5.79
C SER A 469 3.27 -6.98 -7.25
N GLU A 470 3.99 -8.07 -7.49
CA GLU A 470 4.25 -8.57 -8.84
C GLU A 470 3.85 -10.04 -8.94
N ARG A 471 3.33 -10.41 -10.10
CA ARG A 471 2.92 -11.77 -10.41
C ARG A 471 3.95 -12.38 -11.39
N ARG A 472 3.67 -13.61 -11.82
CA ARG A 472 4.64 -14.45 -12.51
C ARG A 472 5.94 -14.46 -11.72
N VAL A 473 5.79 -14.64 -10.41
CA VAL A 473 6.89 -14.87 -9.49
C VAL A 473 7.51 -16.22 -9.79
N GLU A 474 6.69 -17.20 -10.18
CA GLU A 474 7.14 -18.57 -10.38
C GLU A 474 8.40 -18.66 -11.24
N LEU A 475 8.67 -17.66 -12.08
CA LEU A 475 9.91 -17.68 -12.85
C LEU A 475 11.11 -17.41 -11.95
N LEU A 476 11.00 -16.40 -11.09
CA LEU A 476 12.04 -16.15 -10.10
C LEU A 476 12.18 -17.36 -9.17
N VAL A 477 11.06 -18.00 -8.85
CA VAL A 477 11.10 -19.19 -7.99
C VAL A 477 11.83 -20.34 -8.68
N GLU A 478 11.61 -20.52 -9.99
CA GLU A 478 12.34 -21.54 -10.73
C GLU A 478 13.83 -21.28 -10.69
N GLN A 479 14.23 -20.03 -10.95
CA GLN A 479 15.66 -19.71 -10.94
C GLN A 479 16.25 -19.92 -9.56
N ILE A 480 15.55 -19.47 -8.50
CA ILE A 480 16.06 -19.60 -7.15
C ILE A 480 16.15 -21.07 -6.74
N ALA A 481 15.15 -21.87 -7.09
CA ALA A 481 15.17 -23.29 -6.76
C ALA A 481 16.35 -23.99 -7.43
N TRP A 482 16.59 -23.68 -8.72
CA TRP A 482 17.73 -24.28 -9.40
C TRP A 482 19.05 -23.86 -8.76
N GLU A 483 19.19 -22.57 -8.44
CA GLU A 483 20.42 -22.10 -7.80
C GLU A 483 20.62 -22.74 -6.44
N MET A 484 19.54 -22.93 -5.68
CA MET A 484 19.63 -23.59 -4.38
C MET A 484 20.06 -25.04 -4.54
N ARG A 485 19.51 -25.73 -5.55
CA ARG A 485 19.95 -27.10 -5.82
C ARG A 485 21.44 -27.15 -6.13
N GLN A 486 21.92 -26.18 -6.94
CA GLN A 486 23.35 -26.13 -7.24
C GLN A 486 24.17 -25.95 -5.98
N ILE A 487 23.79 -24.99 -5.14
CA ILE A 487 24.58 -24.72 -3.93
C ILE A 487 24.48 -25.88 -2.95
N ARG A 488 23.35 -26.60 -2.95
CA ARG A 488 23.19 -27.73 -2.03
C ARG A 488 24.02 -28.92 -2.46
N ASP A 489 24.11 -29.19 -3.76
CA ASP A 489 24.82 -30.39 -4.20
C ASP A 489 26.31 -30.28 -3.89
N GLN A 490 27.01 -29.34 -4.53
CA GLN A 490 28.32 -28.96 -4.04
C GLN A 490 28.24 -28.51 -2.58
N GLY A 491 29.39 -28.49 -1.91
CA GLY A 491 29.45 -28.16 -0.49
C GLY A 491 29.36 -26.70 -0.08
N GLY A 492 28.16 -26.12 -0.08
CA GLY A 492 28.01 -24.72 0.23
C GLY A 492 26.96 -24.49 1.31
N LYS A 493 27.22 -23.47 2.12
CA LYS A 493 26.33 -23.10 3.21
C LYS A 493 25.18 -22.23 2.69
N ILE A 494 23.95 -22.60 3.06
CA ILE A 494 22.78 -21.77 2.80
C ILE A 494 22.23 -21.35 4.16
N VAL A 495 22.07 -20.04 4.35
CA VAL A 495 21.59 -19.47 5.60
C VAL A 495 20.21 -18.88 5.36
N VAL A 496 19.30 -19.08 6.31
CA VAL A 496 17.96 -18.54 6.24
C VAL A 496 17.74 -17.60 7.41
N THR A 497 17.31 -16.39 7.12
CA THR A 497 16.86 -15.44 8.13
C THR A 497 15.35 -15.38 8.05
N ALA A 498 14.69 -15.68 9.15
CA ALA A 498 13.24 -15.81 9.17
C ALA A 498 12.62 -14.87 10.19
N GLY A 499 11.38 -14.47 9.91
CA GLY A 499 10.59 -13.69 10.84
C GLY A 499 9.23 -14.31 11.08
N PRO A 500 8.46 -13.75 12.01
CA PRO A 500 7.13 -14.32 12.32
C PRO A 500 6.18 -14.35 11.14
N VAL A 501 6.45 -13.57 10.08
CA VAL A 501 5.60 -13.61 8.90
C VAL A 501 5.59 -14.99 8.27
N VAL A 502 6.68 -15.75 8.42
CA VAL A 502 6.73 -17.11 7.91
C VAL A 502 5.62 -17.96 8.50
N ILE A 503 5.36 -17.80 9.80
CA ILE A 503 4.33 -18.60 10.45
C ILE A 503 2.94 -18.08 10.13
N HIS A 504 2.77 -16.76 10.17
CA HIS A 504 1.45 -16.16 9.98
C HIS A 504 0.88 -16.49 8.61
N THR A 505 1.74 -16.66 7.60
CA THR A 505 1.32 -16.87 6.23
C THR A 505 1.29 -18.35 5.83
N GLY A 506 1.36 -19.26 6.80
CA GLY A 506 1.26 -20.67 6.52
C GLY A 506 2.52 -21.35 6.03
N GLY A 507 3.69 -20.78 6.30
CA GLY A 507 4.95 -21.30 5.81
C GLY A 507 5.76 -22.14 6.76
N ALA A 508 5.24 -22.47 7.95
CA ALA A 508 6.00 -23.26 8.91
C ALA A 508 6.40 -24.62 8.35
N GLN A 509 5.42 -25.35 7.77
CA GLN A 509 5.68 -26.70 7.29
C GLN A 509 6.68 -26.70 6.14
N HIS A 510 6.57 -25.73 5.23
CA HIS A 510 7.47 -25.69 4.08
C HIS A 510 8.90 -25.40 4.51
N LEU A 511 9.09 -24.42 5.41
CA LEU A 511 10.42 -24.14 5.92
C LEU A 511 10.97 -25.34 6.69
N SER A 512 10.12 -26.05 7.41
CA SER A 512 10.55 -27.27 8.08
C SER A 512 11.04 -28.30 7.07
N HIS A 513 10.32 -28.45 5.96
CA HIS A 513 10.77 -29.35 4.90
C HIS A 513 12.12 -28.91 4.34
N LEU A 514 12.29 -27.61 4.15
CA LEU A 514 13.58 -27.08 3.67
C LEU A 514 14.70 -27.43 4.64
N VAL A 515 14.42 -27.37 5.95
CA VAL A 515 15.41 -27.74 6.94
C VAL A 515 15.71 -29.24 6.86
N ARG A 516 14.67 -30.06 6.68
CA ARG A 516 14.84 -31.50 6.64
C ARG A 516 15.74 -31.92 5.48
N GLU A 517 15.50 -31.37 4.29
CA GLU A 517 16.22 -31.75 3.08
C GLU A 517 17.58 -31.07 2.96
N GLY A 518 18.12 -30.56 4.07
CA GLY A 518 19.48 -30.05 4.07
C GLY A 518 19.70 -28.74 3.36
N TYR A 519 18.64 -27.97 3.11
CA TYR A 519 18.76 -26.67 2.46
C TYR A 519 19.06 -25.55 3.43
N VAL A 520 19.01 -25.80 4.74
CA VAL A 520 19.19 -24.77 5.75
C VAL A 520 20.39 -25.16 6.58
N HIS A 521 21.48 -24.40 6.47
CA HIS A 521 22.69 -24.65 7.26
C HIS A 521 22.83 -23.73 8.46
N ALA A 522 22.07 -22.64 8.51
CA ALA A 522 21.98 -21.80 9.69
C ALA A 522 20.65 -21.07 9.66
N LEU A 523 20.13 -20.79 10.85
CA LEU A 523 18.85 -20.10 11.00
C LEU A 523 19.08 -18.88 11.87
N LEU A 524 18.71 -17.71 11.34
CA LEU A 524 18.79 -16.46 12.07
C LEU A 524 17.37 -15.93 12.23
N GLY A 525 16.95 -15.74 13.48
CA GLY A 525 15.61 -15.27 13.70
C GLY A 525 15.48 -14.50 15.00
N GLY A 526 14.28 -14.48 15.56
CA GLY A 526 14.08 -13.77 16.81
C GLY A 526 13.15 -14.51 17.75
N ASN A 527 12.79 -13.84 18.83
CA ASN A 527 11.86 -14.43 19.81
C ASN A 527 10.51 -14.72 19.17
N ALA A 528 10.02 -13.78 18.36
CA ALA A 528 8.64 -13.84 17.87
C ALA A 528 8.40 -15.08 17.01
N ILE A 529 9.29 -15.33 16.04
CA ILE A 529 9.06 -16.46 15.14
C ILE A 529 9.14 -17.77 15.90
N ALA A 530 10.03 -17.86 16.88
CA ALA A 530 10.14 -19.10 17.64
C ALA A 530 8.88 -19.36 18.44
N VAL A 531 8.37 -18.33 19.13
CA VAL A 531 7.16 -18.55 19.92
C VAL A 531 5.96 -18.82 19.01
N HIS A 532 5.90 -18.19 17.84
CA HIS A 532 4.77 -18.43 16.94
C HIS A 532 4.83 -19.82 16.32
N ASP A 533 6.02 -20.25 15.90
CA ASP A 533 6.20 -21.59 15.39
C ASP A 533 5.81 -22.64 16.43
N ILE A 534 6.30 -22.48 17.66
CA ILE A 534 5.99 -23.46 18.69
C ILE A 534 4.52 -23.41 19.09
N GLU A 535 3.91 -22.23 19.07
CA GLU A 535 2.48 -22.13 19.35
C GLU A 535 1.65 -22.85 18.28
N GLN A 536 2.01 -22.65 17.01
CA GLN A 536 1.30 -23.34 15.93
C GLN A 536 1.53 -24.85 16.00
N ALA A 537 2.71 -25.27 16.45
CA ALA A 537 2.99 -26.70 16.58
C ALA A 537 2.21 -27.32 17.73
N THR A 538 2.11 -26.61 18.85
CA THR A 538 1.49 -27.17 20.05
C THR A 538 -0.03 -27.08 20.01
N MET A 539 -0.57 -25.91 19.73
CA MET A 539 -2.00 -25.65 19.87
C MET A 539 -2.70 -25.51 18.53
N GLY A 540 -1.99 -25.60 17.41
CA GLY A 540 -2.62 -25.51 16.12
C GLY A 540 -3.10 -24.12 15.78
N THR A 541 -2.39 -23.08 16.23
CA THR A 541 -2.82 -21.70 16.01
C THR A 541 -1.75 -20.71 16.41
N SER A 542 -1.34 -19.83 15.50
CA SER A 542 -0.38 -18.78 15.78
C SER A 542 -1.10 -17.43 15.82
N LEU A 543 -0.67 -16.56 16.73
CA LEU A 543 -1.24 -15.22 16.89
C LEU A 543 -2.73 -15.29 17.24
N GLY A 544 -3.09 -16.22 18.11
CA GLY A 544 -4.47 -16.37 18.54
C GLY A 544 -5.44 -16.64 17.42
N VAL A 545 -4.97 -17.18 16.30
CA VAL A 545 -5.80 -17.52 15.14
C VAL A 545 -5.15 -18.68 14.43
N ASP A 546 -5.86 -19.24 13.44
CA ASP A 546 -5.32 -20.34 12.66
C ASP A 546 -3.97 -19.95 12.06
N MET A 547 -3.01 -20.86 12.14
CA MET A 547 -1.65 -20.59 11.67
C MET A 547 -1.59 -20.43 10.16
N GLY A 556 -1.84 -9.11 22.02
CA GLY A 556 -1.28 -9.79 23.17
C GLY A 556 -2.17 -10.91 23.68
N HIS A 557 -2.18 -12.02 22.93
CA HIS A 557 -2.99 -13.17 23.28
C HIS A 557 -2.32 -13.98 24.38
N ARG A 558 -3.10 -14.89 24.98
CA ARG A 558 -2.60 -15.66 26.11
C ARG A 558 -1.84 -16.89 25.65
N HIS A 559 -2.18 -17.40 24.46
CA HIS A 559 -1.45 -18.55 23.93
C HIS A 559 0.04 -18.24 23.83
N HIS A 560 0.39 -17.01 23.46
CA HIS A 560 1.79 -16.60 23.41
C HIS A 560 2.47 -16.82 24.75
N LEU A 561 1.92 -16.25 25.81
CA LEU A 561 2.56 -16.40 27.12
C LEU A 561 2.54 -17.82 27.63
N LYS A 562 1.46 -18.56 27.42
CA LYS A 562 1.45 -19.94 27.87
C LYS A 562 2.56 -20.74 27.19
N ILE A 563 2.72 -20.56 25.87
CA ILE A 563 3.79 -21.26 25.16
C ILE A 563 5.15 -20.84 25.69
N ILE A 564 5.36 -19.53 25.83
CA ILE A 564 6.61 -19.00 26.35
C ILE A 564 6.89 -19.54 27.75
N ASN A 565 5.85 -19.60 28.58
CA ASN A 565 5.97 -20.08 29.96
C ASN A 565 6.41 -21.53 29.99
N SER A 566 5.77 -22.37 29.17
CA SER A 566 6.19 -23.77 29.10
C SER A 566 7.66 -23.86 28.67
N VAL A 567 8.04 -23.14 27.62
CA VAL A 567 9.40 -23.26 27.11
C VAL A 567 10.39 -22.76 28.16
N ARG A 568 10.04 -21.71 28.90
CA ARG A 568 10.88 -21.28 30.01
C ARG A 568 10.97 -22.33 31.10
N ARG A 569 9.87 -23.07 31.34
CA ARG A 569 9.91 -24.15 32.32
C ARG A 569 10.98 -25.17 31.95
N TYR A 570 11.01 -25.56 30.67
CA TYR A 570 12.02 -26.52 30.26
C TYR A 570 13.44 -25.91 30.21
N GLY A 571 13.56 -24.59 30.29
CA GLY A 571 14.86 -23.94 30.27
C GLY A 571 15.43 -23.69 28.90
N GLY A 572 14.65 -23.91 27.85
CA GLY A 572 15.08 -23.65 26.50
C GLY A 572 14.28 -24.50 25.54
N ILE A 573 14.48 -24.23 24.25
CA ILE A 573 13.70 -24.98 23.26
C ILE A 573 14.22 -26.41 23.10
N ARG A 574 15.53 -26.63 23.16
CA ARG A 574 16.08 -27.96 22.96
C ARG A 574 15.56 -28.95 24.00
N GLN A 575 15.58 -28.55 25.27
CA GLN A 575 15.04 -29.41 26.32
C GLN A 575 13.56 -29.67 26.09
N ALA A 576 12.80 -28.63 25.76
CA ALA A 576 11.37 -28.77 25.51
C ALA A 576 11.11 -29.70 24.33
N VAL A 577 12.06 -29.80 23.40
CA VAL A 577 11.94 -30.79 22.33
C VAL A 577 12.20 -32.18 22.88
N GLU A 578 13.21 -32.32 23.74
CA GLU A 578 13.55 -33.64 24.27
C GLU A 578 12.43 -34.21 25.15
N ALA A 579 11.67 -33.37 25.83
CA ALA A 579 10.52 -33.83 26.62
C ALA A 579 9.25 -33.91 25.80
N GLY A 580 9.36 -34.30 24.52
CA GLY A 580 8.25 -34.38 23.60
C GLY A 580 7.19 -33.30 23.67
N PHE A 581 7.58 -32.09 24.07
CA PHE A 581 6.65 -30.97 24.12
C PHE A 581 6.55 -30.26 22.79
N ILE A 582 7.63 -30.19 22.04
CA ILE A 582 7.65 -29.67 20.68
C ILE A 582 7.92 -30.86 19.78
N SER A 583 6.92 -31.29 19.03
CA SER A 583 7.05 -32.45 18.17
C SER A 583 7.29 -32.10 16.71
N LYS A 584 6.94 -30.89 16.29
CA LYS A 584 7.07 -30.49 14.90
C LYS A 584 7.37 -28.99 14.86
N GLY A 585 7.79 -28.53 13.68
CA GLY A 585 7.97 -27.12 13.43
C GLY A 585 9.36 -26.80 12.94
N VAL A 586 9.59 -25.51 12.71
CA VAL A 586 10.88 -25.06 12.23
C VAL A 586 11.95 -25.25 13.29
N MET A 587 11.67 -24.83 14.53
CA MET A 587 12.63 -25.01 15.60
C MET A 587 12.84 -26.48 15.92
N TYR A 588 11.77 -27.29 15.83
CA TYR A 588 11.92 -28.73 16.04
C TYR A 588 12.90 -29.32 15.03
N GLU A 589 12.71 -29.01 13.74
CA GLU A 589 13.61 -29.54 12.73
C GLU A 589 15.02 -28.98 12.86
N CYS A 590 15.15 -27.76 13.38
CA CYS A 590 16.48 -27.20 13.60
C CYS A 590 17.20 -27.94 14.71
N VAL A 591 16.50 -28.25 15.81
CA VAL A 591 17.13 -28.99 16.90
C VAL A 591 17.41 -30.44 16.50
N LYS A 592 16.45 -31.09 15.85
CA LYS A 592 16.59 -32.50 15.51
C LYS A 592 17.73 -32.71 14.51
N ASN A 593 17.67 -32.04 13.37
CA ASN A 593 18.73 -32.16 12.38
C ASN A 593 19.96 -31.33 12.75
N ASN A 594 19.96 -30.74 13.95
CA ASN A 594 21.11 -30.04 14.52
C ASN A 594 21.62 -28.94 13.57
N ILE A 595 20.75 -27.99 13.31
CA ILE A 595 21.10 -26.80 12.53
C ILE A 595 21.32 -25.66 13.51
N PRO A 596 22.46 -24.96 13.44
CA PRO A 596 22.67 -23.84 14.37
C PRO A 596 21.71 -22.70 14.07
N TYR A 597 21.09 -22.18 15.12
CA TYR A 597 20.16 -21.07 15.04
C TYR A 597 20.55 -20.02 16.09
N CYS A 598 20.16 -18.78 15.82
CA CYS A 598 20.41 -17.69 16.76
C CYS A 598 19.16 -16.82 16.78
N LEU A 599 18.60 -16.64 17.96
CA LEU A 599 17.40 -15.83 18.15
C LEU A 599 17.83 -14.51 18.79
N ALA A 600 17.87 -13.47 17.98
CA ALA A 600 18.23 -12.13 18.46
C ALA A 600 17.08 -11.51 19.22
N GLY A 601 17.41 -10.76 20.26
CA GLY A 601 16.39 -10.13 21.05
C GLY A 601 15.84 -8.90 20.38
N SER A 602 14.69 -8.45 20.87
CA SER A 602 14.05 -7.24 20.40
C SER A 602 13.46 -6.51 21.60
N ILE A 603 13.29 -5.19 21.47
CA ILE A 603 12.70 -4.43 22.56
C ILE A 603 11.25 -4.82 22.78
N ARG A 604 10.61 -5.42 21.77
CA ARG A 604 9.24 -5.89 21.86
C ARG A 604 9.12 -7.29 22.46
N ASP A 605 10.24 -7.96 22.75
CA ASP A 605 10.21 -9.37 23.11
C ASP A 605 9.49 -9.59 24.44
N ASP A 606 8.52 -10.49 24.41
CA ASP A 606 7.69 -10.86 25.56
C ASP A 606 8.35 -11.96 26.39
N GLY A 607 8.93 -11.58 27.54
CA GLY A 607 9.41 -12.54 28.51
C GLY A 607 10.22 -13.66 27.91
N PRO A 608 11.45 -13.36 27.51
CA PRO A 608 12.03 -14.02 26.35
C PRO A 608 12.26 -15.49 26.60
N LEU A 609 12.25 -16.26 25.52
CA LEU A 609 12.63 -17.66 25.59
C LEU A 609 14.08 -17.76 26.05
N PRO A 610 14.42 -18.80 26.80
CA PRO A 610 15.81 -18.97 27.26
C PRO A 610 16.84 -18.90 26.13
N ASP A 611 16.46 -19.26 24.91
CA ASP A 611 17.44 -19.24 23.81
C ASP A 611 17.66 -17.83 23.28
N THR A 612 16.68 -16.93 23.43
CA THR A 612 16.77 -15.62 22.82
C THR A 612 17.90 -14.81 23.46
N GLU A 613 18.87 -14.41 22.64
CA GLU A 613 20.04 -13.68 23.10
C GLU A 613 19.66 -12.23 23.32
N MET A 614 19.60 -11.81 24.59
CA MET A 614 19.23 -10.44 24.93
C MET A 614 20.42 -9.49 24.98
N ASN A 615 21.64 -9.98 24.81
CA ASN A 615 22.82 -9.13 24.70
C ASN A 615 23.20 -9.06 23.23
N LEU A 616 22.95 -7.90 22.61
CA LEU A 616 22.98 -7.80 21.16
C LEU A 616 24.37 -7.72 20.58
N VAL A 617 25.38 -7.37 21.38
CA VAL A 617 26.75 -7.48 20.90
C VAL A 617 27.12 -8.94 20.70
N ARG A 618 26.76 -9.78 21.67
CA ARG A 618 26.93 -11.22 21.53
C ARG A 618 26.11 -11.74 20.34
N ALA A 619 24.90 -11.21 20.17
CA ALA A 619 24.06 -11.66 19.05
C ALA A 619 24.68 -11.28 17.71
N GLN A 620 25.24 -10.07 17.61
CA GLN A 620 25.90 -9.67 16.37
C GLN A 620 27.14 -10.52 16.10
N SER A 621 27.90 -10.85 17.14
CA SER A 621 29.05 -11.73 16.97
C SER A 621 28.62 -13.10 16.47
N ARG A 622 27.61 -13.69 17.12
CA ARG A 622 27.11 -14.99 16.71
C ARG A 622 26.51 -14.97 15.31
N TYR A 623 25.83 -13.87 14.95
CA TYR A 623 25.31 -13.70 13.60
C TYR A 623 26.43 -13.72 12.57
N SER A 624 27.49 -12.95 12.82
CA SER A 624 28.64 -12.97 11.91
C SER A 624 29.26 -14.36 11.85
N GLU A 625 29.28 -15.07 12.98
CA GLU A 625 29.81 -16.44 13.00
C GLU A 625 29.03 -17.35 12.07
N LEU A 626 27.71 -17.42 12.25
CA LEU A 626 26.89 -18.31 11.44
C LEU A 626 26.82 -17.91 9.98
N ILE A 627 27.05 -16.64 9.66
CA ILE A 627 26.96 -16.19 8.28
C ILE A 627 28.20 -16.57 7.45
N GLN A 628 29.31 -16.92 8.11
CA GLN A 628 30.57 -17.08 7.40
C GLN A 628 30.52 -18.21 6.38
N GLY A 629 31.20 -17.99 5.25
CA GLY A 629 31.28 -18.99 4.20
C GLY A 629 30.00 -19.27 3.45
N ALA A 630 29.01 -18.37 3.53
CA ALA A 630 27.70 -18.63 2.93
C ALA A 630 27.74 -18.37 1.44
N ASP A 631 26.91 -19.13 0.70
CA ASP A 631 26.73 -18.91 -0.72
C ASP A 631 25.40 -18.26 -1.06
N MET A 632 24.37 -18.49 -0.24
CA MET A 632 23.07 -17.87 -0.42
C MET A 632 22.48 -17.52 0.93
N ILE A 633 21.68 -16.46 0.96
CA ILE A 633 20.95 -16.05 2.15
C ILE A 633 19.48 -15.87 1.77
N LEU A 634 18.62 -16.74 2.29
CA LEU A 634 17.18 -16.63 2.13
C LEU A 634 16.65 -15.74 3.25
N MET A 635 16.10 -14.60 2.87
CA MET A 635 15.65 -13.59 3.83
C MET A 635 14.13 -13.54 3.82
N LEU A 636 13.49 -14.13 4.84
CA LEU A 636 12.03 -14.13 4.95
C LEU A 636 11.73 -13.45 6.28
N SER A 637 11.69 -12.12 6.30
CA SER A 637 11.33 -11.41 7.53
C SER A 637 11.13 -9.93 7.25
N SER A 638 10.91 -9.18 8.33
CA SER A 638 10.95 -7.73 8.30
C SER A 638 12.36 -7.21 8.00
N MET A 639 12.41 -5.92 7.61
CA MET A 639 13.64 -5.29 7.14
C MET A 639 14.73 -5.28 8.21
N LEU A 640 14.35 -4.92 9.44
CA LEU A 640 15.32 -4.72 10.51
C LEU A 640 16.23 -5.93 10.67
N HIS A 641 15.64 -7.13 10.70
CA HIS A 641 16.42 -8.34 10.78
C HIS A 641 17.24 -8.54 9.50
N SER A 642 16.58 -8.38 8.35
CA SER A 642 17.23 -8.60 7.06
C SER A 642 18.32 -7.57 6.80
N ILE A 643 18.09 -6.31 7.16
CA ILE A 643 19.09 -5.28 6.95
C ILE A 643 20.34 -5.56 7.76
N GLY A 644 20.19 -6.01 9.00
CA GLY A 644 21.34 -6.35 9.81
C GLY A 644 22.12 -7.53 9.25
N VAL A 645 21.40 -8.57 8.82
CA VAL A 645 22.09 -9.73 8.27
C VAL A 645 22.83 -9.34 6.98
N GLY A 646 22.22 -8.48 6.17
CA GLY A 646 22.90 -8.00 4.97
C GLY A 646 24.11 -7.15 5.29
N ASN A 647 23.99 -6.26 6.27
CA ASN A 647 25.14 -5.47 6.71
C ASN A 647 26.29 -6.35 7.17
N MET A 648 26.00 -7.55 7.67
CA MET A 648 27.09 -8.44 8.05
C MET A 648 27.67 -9.26 6.91
N THR A 649 26.94 -9.40 5.72
CA THR A 649 27.41 -10.30 4.67
C THR A 649 28.21 -9.56 3.59
N PRO A 650 29.21 -10.22 3.02
CA PRO A 650 29.97 -9.65 1.89
C PRO A 650 29.19 -9.73 0.58
N SER A 651 29.80 -9.22 -0.48
CA SER A 651 29.12 -9.09 -1.77
C SER A 651 28.96 -10.42 -2.50
N GLY A 652 29.91 -11.33 -2.36
CA GLY A 652 29.89 -12.56 -3.12
C GLY A 652 28.67 -13.44 -2.86
N VAL A 653 28.04 -13.28 -1.70
CA VAL A 653 26.95 -14.14 -1.29
C VAL A 653 25.68 -13.79 -2.06
N LYS A 654 24.90 -14.81 -2.39
CA LYS A 654 23.64 -14.62 -3.10
C LYS A 654 22.53 -14.30 -2.11
N MET A 655 21.79 -13.23 -2.39
CA MET A 655 20.76 -12.74 -1.49
C MET A 655 19.40 -12.92 -2.16
N VAL A 656 18.50 -13.63 -1.49
CA VAL A 656 17.11 -13.72 -1.91
C VAL A 656 16.27 -13.00 -0.86
N CYS A 657 15.63 -11.91 -1.26
CA CYS A 657 14.85 -11.09 -0.33
C CYS A 657 13.40 -11.15 -0.78
N VAL A 658 12.55 -11.69 0.08
CA VAL A 658 11.13 -11.91 -0.23
C VAL A 658 10.32 -11.13 0.79
N ASP A 659 9.37 -10.33 0.31
CA ASP A 659 8.47 -9.65 1.23
C ASP A 659 7.28 -9.14 0.44
N ILE A 660 6.17 -8.90 1.15
CA ILE A 660 4.96 -8.45 0.47
C ILE A 660 4.92 -6.95 0.27
N ASN A 661 5.83 -6.22 0.89
CA ASN A 661 5.79 -4.78 0.64
C ASN A 661 6.59 -4.48 -0.62
N PRO A 662 6.07 -3.72 -1.57
CA PRO A 662 6.82 -3.52 -2.82
C PRO A 662 7.96 -2.53 -2.66
N ALA A 663 7.74 -1.52 -1.83
CA ALA A 663 8.80 -0.57 -1.51
C ALA A 663 9.81 -1.12 -0.51
N VAL A 664 9.44 -2.13 0.29
CA VAL A 664 10.37 -2.69 1.28
C VAL A 664 11.38 -3.64 0.66
N VAL A 665 11.26 -3.95 -0.62
CA VAL A 665 12.27 -4.79 -1.29
C VAL A 665 13.28 -3.82 -1.89
N THR A 666 14.20 -3.38 -1.03
CA THR A 666 15.28 -2.47 -1.41
C THR A 666 16.59 -3.05 -0.89
N LYS A 667 17.42 -3.53 -1.80
CA LYS A 667 18.74 -4.04 -1.44
C LYS A 667 19.68 -3.74 -2.60
N LEU A 668 20.83 -3.12 -2.28
CA LEU A 668 21.84 -2.70 -3.24
C LEU A 668 22.04 -3.69 -4.39
N VAL A 674 21.64 -9.55 -11.33
CA VAL A 674 22.11 -8.84 -10.15
C VAL A 674 22.55 -9.84 -9.09
N GLU A 675 23.37 -9.38 -8.14
CA GLU A 675 23.79 -10.25 -7.06
C GLU A 675 22.66 -10.54 -6.09
N SER A 676 21.75 -9.59 -5.90
CA SER A 676 20.61 -9.77 -5.03
C SER A 676 19.33 -9.86 -5.86
N VAL A 677 18.45 -10.77 -5.48
CA VAL A 677 17.16 -10.95 -6.13
C VAL A 677 16.10 -10.57 -5.11
N GLY A 678 15.11 -9.79 -5.53
CA GLY A 678 14.01 -9.40 -4.68
C GLY A 678 12.67 -9.81 -5.25
N VAL A 679 11.77 -10.23 -4.38
CA VAL A 679 10.43 -10.68 -4.77
C VAL A 679 9.41 -9.99 -3.88
N VAL A 680 8.32 -9.53 -4.50
CA VAL A 680 7.26 -8.84 -3.77
C VAL A 680 6.00 -9.71 -3.84
N THR A 681 5.95 -10.74 -3.00
CA THR A 681 4.81 -11.64 -2.92
C THR A 681 4.49 -11.93 -1.46
N ASP A 682 3.55 -12.84 -1.24
CA ASP A 682 3.33 -13.40 0.08
C ASP A 682 4.38 -14.47 0.35
N VAL A 683 5.08 -14.36 1.48
CA VAL A 683 6.23 -15.22 1.73
C VAL A 683 5.83 -16.69 1.79
N GLY A 684 4.62 -16.97 2.27
CA GLY A 684 4.15 -18.36 2.28
C GLY A 684 3.99 -18.94 0.89
N LEU A 685 3.44 -18.15 -0.04
CA LEU A 685 3.34 -18.59 -1.42
C LEU A 685 4.71 -18.85 -2.02
N PHE A 686 5.67 -17.95 -1.77
CA PHE A 686 7.03 -18.18 -2.23
C PHE A 686 7.59 -19.48 -1.68
N LEU A 687 7.36 -19.75 -0.39
CA LEU A 687 7.89 -20.98 0.21
C LEU A 687 7.25 -22.23 -0.40
N SER A 688 5.94 -22.19 -0.65
CA SER A 688 5.28 -23.34 -1.26
C SER A 688 5.80 -23.58 -2.67
N LEU A 689 5.91 -22.51 -3.47
CA LEU A 689 6.44 -22.65 -4.82
C LEU A 689 7.87 -23.15 -4.80
N LEU A 690 8.68 -22.66 -3.86
CA LEU A 690 10.07 -23.08 -3.77
C LEU A 690 10.18 -24.55 -3.42
N VAL A 691 9.36 -25.02 -2.47
CA VAL A 691 9.40 -26.43 -2.09
C VAL A 691 8.96 -27.31 -3.25
N ARG A 692 7.91 -26.90 -3.98
CA ARG A 692 7.45 -27.68 -5.13
C ARG A 692 8.53 -27.75 -6.21
N GLN A 693 9.14 -26.61 -6.53
CA GLN A 693 10.15 -26.58 -7.57
C GLN A 693 11.39 -27.37 -7.16
N LEU A 694 11.75 -27.33 -5.87
CA LEU A 694 12.88 -28.11 -5.40
C LEU A 694 12.56 -29.60 -5.41
N GLN A 695 11.30 -29.98 -5.23
CA GLN A 695 10.92 -31.39 -5.36
C GLN A 695 11.06 -31.85 -6.80
N GLN A 696 10.61 -31.03 -7.75
CA GLN A 696 10.82 -31.36 -9.17
C GLN A 696 12.29 -31.60 -9.51
N LEU A 697 13.22 -31.30 -8.62
CA LEU A 697 14.62 -31.68 -8.78
C LEU A 697 14.96 -32.93 -7.98
N THR A 698 13.95 -33.63 -7.46
CA THR A 698 14.18 -34.87 -6.73
C THR A 698 13.17 -35.91 -7.20
N ARG A 699 12.02 -35.46 -7.65
CA ARG A 699 11.00 -36.38 -8.11
C ARG A 699 11.32 -36.83 -9.52
N ASP B 5 -25.42 -62.44 19.58
CA ASP B 5 -24.93 -61.07 19.60
C ASP B 5 -25.06 -60.45 18.22
N ASP B 6 -26.28 -60.08 17.87
CA ASP B 6 -26.61 -59.58 16.54
C ASP B 6 -26.59 -58.06 16.50
N ILE B 7 -26.47 -57.54 15.29
CA ILE B 7 -26.51 -56.11 15.03
C ILE B 7 -27.83 -55.83 14.31
N ARG B 8 -28.69 -55.01 14.92
CA ARG B 8 -29.98 -54.68 14.34
C ARG B 8 -30.02 -53.19 14.03
N ILE B 9 -30.50 -52.86 12.84
CA ILE B 9 -30.49 -51.50 12.31
C ILE B 9 -31.91 -51.13 11.90
N LEU B 10 -32.33 -49.91 12.23
CA LEU B 10 -33.67 -49.44 11.96
C LEU B 10 -33.72 -48.64 10.66
N MET B 11 -34.71 -48.94 9.82
CA MET B 11 -34.95 -48.23 8.57
C MET B 11 -36.44 -48.01 8.42
N CYS B 12 -36.81 -47.15 7.47
CA CYS B 12 -38.20 -46.79 7.21
C CYS B 12 -38.40 -46.63 5.71
N PRO B 13 -39.27 -47.42 5.09
CA PRO B 13 -39.36 -47.42 3.63
C PRO B 13 -40.19 -46.26 3.10
N PRO B 14 -39.84 -45.75 1.92
CA PRO B 14 -40.67 -44.72 1.25
C PRO B 14 -41.79 -45.37 0.46
N ASP B 15 -43.02 -45.20 0.94
CA ASP B 15 -44.18 -45.74 0.24
C ASP B 15 -45.48 -45.13 0.77
N SER B 35 -40.08 -40.66 -11.16
CA SER B 35 -38.87 -40.10 -10.57
C SER B 35 -38.65 -40.61 -9.16
N GLN B 36 -39.69 -40.48 -8.32
CA GLN B 36 -39.65 -41.07 -6.99
C GLN B 36 -39.50 -42.59 -7.05
N GLU B 37 -39.82 -43.19 -8.19
CA GLU B 37 -39.65 -44.63 -8.36
C GLU B 37 -38.18 -45.02 -8.21
N ARG B 38 -37.29 -44.24 -8.84
CA ARG B 38 -35.86 -44.49 -8.68
C ARG B 38 -35.44 -44.37 -7.22
N ALA B 39 -36.04 -43.42 -6.49
CA ALA B 39 -35.75 -43.28 -5.07
C ALA B 39 -36.12 -44.56 -4.32
N VAL B 40 -37.32 -45.09 -4.60
CA VAL B 40 -37.75 -46.33 -3.96
C VAL B 40 -36.79 -47.47 -4.32
N GLU B 41 -36.38 -47.55 -5.59
CA GLU B 41 -35.46 -48.59 -6.03
C GLU B 41 -34.12 -48.51 -5.28
N GLN B 42 -33.58 -47.29 -5.14
CA GLN B 42 -32.30 -47.15 -4.46
C GLN B 42 -32.43 -47.51 -2.98
N TRP B 43 -33.54 -47.11 -2.36
CA TRP B 43 -33.77 -47.49 -0.97
C TRP B 43 -33.85 -49.01 -0.82
N LYS B 44 -34.53 -49.69 -1.74
CA LYS B 44 -34.61 -51.14 -1.69
C LYS B 44 -33.23 -51.79 -1.84
N LYS B 45 -32.43 -51.29 -2.80
CA LYS B 45 -31.08 -51.81 -2.96
C LYS B 45 -30.27 -51.67 -1.67
N LEU B 46 -30.36 -50.51 -1.02
CA LEU B 46 -29.64 -50.32 0.24
C LEU B 46 -30.19 -51.24 1.32
N HIS B 47 -31.51 -51.43 1.34
CA HIS B 47 -32.13 -52.31 2.32
C HIS B 47 -31.57 -53.72 2.20
N GLN B 48 -31.46 -54.23 0.97
CA GLN B 48 -30.91 -55.57 0.78
C GLN B 48 -29.43 -55.62 1.16
N THR B 49 -28.67 -54.57 0.80
CA THR B 49 -27.25 -54.55 1.14
C THR B 49 -27.05 -54.63 2.64
N ILE B 50 -27.85 -53.89 3.41
CA ILE B 50 -27.72 -53.91 4.87
C ILE B 50 -28.28 -55.22 5.44
N LYS B 51 -29.30 -55.80 4.81
CA LYS B 51 -29.79 -57.10 5.25
C LYS B 51 -28.71 -58.15 5.13
N GLU B 52 -27.82 -58.02 4.14
CA GLU B 52 -26.71 -58.96 4.03
C GLU B 52 -25.73 -58.85 5.19
N CYS B 53 -25.73 -57.73 5.91
CA CYS B 53 -24.76 -57.49 6.98
C CYS B 53 -25.36 -57.40 8.36
N ALA B 54 -26.67 -57.21 8.49
CA ALA B 54 -27.29 -57.02 9.79
C ALA B 54 -28.77 -57.30 9.70
N ILE B 55 -29.41 -57.40 10.86
CA ILE B 55 -30.85 -57.58 10.93
C ILE B 55 -31.50 -56.21 10.81
N VAL B 56 -32.42 -56.07 9.85
CA VAL B 56 -33.03 -54.77 9.58
C VAL B 56 -34.48 -54.84 10.02
N ASP B 57 -34.79 -54.19 11.14
CA ASP B 57 -36.16 -53.99 11.56
C ASP B 57 -36.71 -52.76 10.86
N LEU B 58 -38.00 -52.81 10.52
CA LEU B 58 -38.64 -51.70 9.84
C LEU B 58 -39.69 -51.05 10.75
N VAL B 59 -39.95 -49.78 10.47
CA VAL B 59 -41.01 -49.03 11.12
C VAL B 59 -41.91 -48.48 10.03
N LYS B 60 -43.22 -48.47 10.30
CA LYS B 60 -44.18 -48.03 9.31
C LYS B 60 -44.10 -46.52 9.15
N PRO B 61 -44.05 -46.00 7.92
CA PRO B 61 -44.09 -44.54 7.74
C PRO B 61 -45.45 -43.98 8.11
N ALA B 62 -45.61 -42.67 8.09
CA ALA B 62 -46.88 -42.04 8.40
C ALA B 62 -47.24 -41.06 7.29
N LYS B 63 -48.54 -40.94 7.03
CA LYS B 63 -49.01 -39.95 6.07
C LYS B 63 -48.80 -38.55 6.66
N GLY B 64 -48.25 -37.66 5.84
CA GLY B 64 -47.89 -36.33 6.28
C GLY B 64 -46.47 -36.16 6.74
N TRP B 65 -45.69 -37.24 6.84
CA TRP B 65 -44.29 -37.19 7.22
C TRP B 65 -43.47 -38.11 6.33
N PRO B 66 -43.08 -37.64 5.13
CA PRO B 66 -42.36 -38.49 4.20
C PRO B 66 -40.90 -38.69 4.61
N ASP B 67 -40.34 -37.71 5.33
CA ASP B 67 -38.96 -37.72 5.78
C ASP B 67 -38.73 -38.61 6.99
N MET B 68 -39.65 -39.51 7.31
CA MET B 68 -39.37 -40.51 8.33
C MET B 68 -38.42 -41.59 7.84
N VAL B 69 -38.15 -41.64 6.52
CA VAL B 69 -37.24 -42.64 5.98
C VAL B 69 -35.84 -42.44 6.52
N PHE B 70 -35.46 -41.20 6.85
CA PHE B 70 -34.18 -40.91 7.48
C PHE B 70 -34.31 -41.23 8.97
N THR B 71 -34.11 -42.50 9.30
CA THR B 71 -34.30 -42.94 10.67
C THR B 71 -33.20 -42.44 11.60
N ALA B 72 -32.06 -42.01 11.04
CA ALA B 72 -30.99 -41.47 11.86
C ALA B 72 -31.43 -40.27 12.68
N ASN B 73 -32.42 -39.52 12.17
CA ASN B 73 -32.93 -38.34 12.86
C ASN B 73 -33.97 -38.69 13.92
N ALA B 74 -34.29 -39.97 14.11
CA ALA B 74 -35.30 -40.35 15.10
C ALA B 74 -34.81 -40.10 16.52
N GLY B 75 -33.57 -40.45 16.80
CA GLY B 75 -33.03 -40.37 18.14
C GLY B 75 -31.79 -41.23 18.24
N LEU B 76 -31.15 -41.15 19.41
CA LEU B 76 -29.95 -41.91 19.69
C LEU B 76 -30.27 -43.02 20.68
N VAL B 77 -29.95 -44.26 20.30
CA VAL B 77 -30.26 -45.44 21.10
C VAL B 77 -28.96 -46.03 21.62
N LEU B 78 -28.92 -46.33 22.91
CA LEU B 78 -27.82 -47.07 23.50
C LEU B 78 -28.40 -47.99 24.57
N GLY B 79 -28.14 -49.30 24.42
CA GLY B 79 -28.74 -50.26 25.32
C GLY B 79 -30.24 -50.16 25.27
N GLU B 80 -30.87 -50.13 26.43
CA GLU B 80 -32.33 -50.05 26.51
C GLU B 80 -32.85 -48.62 26.49
N ASN B 81 -31.96 -47.62 26.54
CA ASN B 81 -32.35 -46.23 26.61
C ASN B 81 -32.17 -45.54 25.27
N VAL B 82 -33.19 -44.76 24.88
CA VAL B 82 -33.15 -43.96 23.66
C VAL B 82 -33.46 -42.52 24.03
N VAL B 83 -32.66 -41.59 23.49
CA VAL B 83 -32.91 -40.16 23.64
C VAL B 83 -33.67 -39.71 22.40
N LEU B 84 -34.95 -39.43 22.56
CA LEU B 84 -35.76 -38.98 21.42
C LEU B 84 -35.25 -37.64 20.92
N SER B 85 -35.30 -37.47 19.60
CA SER B 85 -34.73 -36.27 18.99
C SER B 85 -35.67 -35.08 19.15
N ARG B 86 -35.07 -33.90 19.23
CA ARG B 86 -35.79 -32.62 19.26
C ARG B 86 -35.31 -31.81 18.07
N PHE B 87 -36.13 -31.74 17.02
CA PHE B 87 -35.70 -31.13 15.77
C PHE B 87 -35.56 -29.62 15.91
N TYR B 88 -34.60 -29.08 15.16
CA TYR B 88 -34.39 -27.62 15.15
C TYR B 88 -35.53 -26.93 14.43
N HIS B 89 -35.82 -27.36 13.21
CA HIS B 89 -36.89 -26.79 12.39
C HIS B 89 -38.23 -27.49 12.67
N LYS B 90 -39.31 -26.84 12.25
CA LYS B 90 -40.66 -27.36 12.44
C LYS B 90 -41.04 -28.43 11.43
N GLU B 91 -40.29 -28.56 10.34
CA GLU B 91 -40.69 -29.45 9.24
C GLU B 91 -40.71 -30.93 9.64
N ARG B 92 -39.85 -31.35 10.56
CA ARG B 92 -39.78 -32.75 10.97
C ARG B 92 -40.18 -32.98 12.43
N GLN B 93 -40.76 -31.98 13.09
CA GLN B 93 -41.15 -32.15 14.48
C GLN B 93 -42.31 -33.14 14.63
N GLY B 94 -43.15 -33.28 13.60
CA GLY B 94 -44.28 -34.19 13.66
C GLY B 94 -43.93 -35.67 13.70
N GLU B 95 -42.73 -36.04 13.24
CA GLU B 95 -42.35 -37.45 13.24
C GLU B 95 -41.96 -37.99 14.60
N GLU B 96 -41.61 -37.11 15.54
CA GLU B 96 -41.16 -37.54 16.86
C GLU B 96 -42.13 -38.50 17.56
N PRO B 97 -43.45 -38.27 17.56
CA PRO B 97 -44.34 -39.20 18.26
C PRO B 97 -44.37 -40.61 17.68
N TYR B 98 -44.44 -40.76 16.35
CA TYR B 98 -44.46 -42.09 15.77
C TYR B 98 -43.19 -42.88 16.10
N PHE B 99 -42.03 -42.22 16.05
CA PHE B 99 -40.79 -42.88 16.43
C PHE B 99 -40.84 -43.29 17.90
N LYS B 100 -41.28 -42.37 18.77
CA LYS B 100 -41.44 -42.71 20.18
C LYS B 100 -42.35 -43.91 20.35
N ALA B 101 -43.43 -43.98 19.55
CA ALA B 101 -44.35 -45.11 19.61
C ALA B 101 -43.64 -46.42 19.27
N TRP B 102 -42.89 -46.43 18.16
CA TRP B 102 -42.13 -47.63 17.80
C TRP B 102 -41.17 -48.02 18.92
N PHE B 103 -40.42 -47.05 19.44
CA PHE B 103 -39.44 -47.34 20.48
C PHE B 103 -40.11 -47.94 21.71
N GLU B 104 -41.25 -47.40 22.12
CA GLU B 104 -41.97 -47.95 23.27
C GLU B 104 -42.54 -49.32 22.95
N GLU B 105 -42.99 -49.53 21.71
CA GLU B 105 -43.54 -50.82 21.32
C GLU B 105 -42.47 -51.89 21.26
N ASN B 106 -41.20 -51.52 21.17
CA ASN B 106 -40.12 -52.50 21.13
C ASN B 106 -39.27 -52.47 22.40
N GLY B 107 -39.80 -51.91 23.49
CA GLY B 107 -39.19 -52.04 24.79
C GLY B 107 -38.03 -51.11 25.12
N PHE B 108 -38.01 -49.91 24.55
CA PHE B 108 -36.97 -48.93 24.84
C PHE B 108 -37.51 -47.87 25.81
N THR B 109 -36.63 -47.43 26.71
CA THR B 109 -36.96 -46.36 27.65
C THR B 109 -36.72 -45.01 26.97
N VAL B 110 -37.80 -44.41 26.47
CA VAL B 110 -37.70 -43.17 25.71
C VAL B 110 -37.54 -41.99 26.67
N TYR B 111 -36.62 -41.09 26.34
CA TYR B 111 -36.43 -39.84 27.05
C TYR B 111 -36.76 -38.66 26.16
N GLU B 112 -37.29 -37.60 26.76
CA GLU B 112 -37.66 -36.39 26.03
C GLU B 112 -36.81 -35.23 26.53
N LEU B 113 -36.43 -34.35 25.60
CA LEU B 113 -35.60 -33.20 25.88
C LEU B 113 -36.45 -31.96 26.15
N PRO B 114 -35.88 -30.96 26.81
CA PRO B 114 -36.59 -29.67 26.95
C PRO B 114 -37.01 -29.14 25.58
N GLN B 115 -38.13 -28.44 25.56
CA GLN B 115 -38.66 -27.92 24.30
C GLN B 115 -37.75 -26.91 23.63
N ASP B 116 -36.85 -26.26 24.38
CA ASP B 116 -35.96 -25.26 23.81
C ASP B 116 -34.60 -25.82 23.39
N LEU B 117 -34.35 -27.11 23.62
CA LEU B 117 -33.01 -27.68 23.41
C LEU B 117 -33.04 -28.64 22.23
N PRO B 118 -32.62 -28.21 21.03
CA PRO B 118 -32.72 -29.10 19.88
C PRO B 118 -31.61 -30.13 19.83
N PHE B 119 -31.97 -31.34 19.38
CA PHE B 119 -31.00 -32.40 19.15
C PHE B 119 -31.58 -33.31 18.06
N GLU B 120 -30.82 -33.50 16.99
CA GLU B 120 -31.32 -34.14 15.78
C GLU B 120 -30.84 -35.59 15.65
N GLY B 121 -30.66 -36.27 16.78
CA GLY B 121 -30.52 -37.71 16.80
C GLY B 121 -29.14 -38.21 16.39
N ALA B 122 -29.11 -39.40 15.81
CA ALA B 122 -27.87 -40.05 15.41
C ALA B 122 -27.19 -39.35 14.24
N GLY B 123 -27.85 -38.39 13.60
CA GLY B 123 -27.18 -37.58 12.60
C GLY B 123 -26.12 -36.69 13.19
N ASP B 124 -26.28 -36.32 14.47
CA ASP B 124 -25.33 -35.45 15.15
C ASP B 124 -24.66 -36.13 16.34
N ALA B 125 -24.78 -37.45 16.46
CA ALA B 125 -24.14 -38.17 17.56
C ALA B 125 -23.73 -39.54 17.05
N LEU B 126 -22.42 -39.78 16.96
CA LEU B 126 -21.88 -41.03 16.45
C LEU B 126 -20.97 -41.64 17.50
N PHE B 127 -21.25 -42.90 17.86
CA PHE B 127 -20.45 -43.59 18.85
C PHE B 127 -19.08 -43.97 18.30
N ASP B 128 -18.09 -43.97 19.19
CA ASP B 128 -16.85 -44.65 18.88
C ASP B 128 -17.15 -46.12 18.71
N ARG B 129 -16.57 -46.74 17.70
CA ARG B 129 -17.00 -48.09 17.34
C ARG B 129 -16.72 -49.10 18.46
N GLU B 130 -15.69 -48.89 19.27
CA GLU B 130 -15.51 -49.76 20.43
C GLU B 130 -16.49 -49.42 21.55
N GLY B 131 -17.12 -48.25 21.51
CA GLY B 131 -18.02 -47.83 22.57
C GLY B 131 -17.39 -47.01 23.67
N ARG B 132 -16.17 -46.52 23.48
CA ARG B 132 -15.47 -45.80 24.54
C ARG B 132 -16.18 -44.50 24.89
N TRP B 133 -16.64 -43.76 23.88
CA TRP B 133 -17.26 -42.46 24.08
C TRP B 133 -18.19 -42.19 22.89
N LEU B 134 -18.91 -41.08 22.98
CA LEU B 134 -19.83 -40.65 21.95
C LEU B 134 -19.40 -39.30 21.38
N TRP B 135 -19.15 -39.27 20.08
CA TRP B 135 -18.93 -37.99 19.40
C TRP B 135 -20.28 -37.32 19.18
N ALA B 136 -20.37 -36.04 19.52
CA ALA B 136 -21.60 -35.28 19.30
C ALA B 136 -21.25 -33.92 18.71
N GLY B 137 -21.93 -33.57 17.63
CA GLY B 137 -21.69 -32.31 16.95
C GLY B 137 -22.67 -31.23 17.38
N TYR B 138 -22.19 -29.99 17.35
CA TYR B 138 -23.03 -28.83 17.63
C TYR B 138 -22.61 -27.69 16.70
N GLY B 139 -23.49 -26.71 16.58
CA GLY B 139 -23.20 -25.57 15.73
C GLY B 139 -24.32 -25.17 14.78
N PHE B 140 -24.98 -26.15 14.16
CA PHE B 140 -26.09 -25.85 13.26
C PHE B 140 -27.44 -26.31 13.78
N ARG B 141 -27.62 -27.61 14.00
CA ARG B 141 -28.95 -28.12 14.30
C ARG B 141 -29.10 -28.64 15.73
N SER B 142 -28.02 -29.10 16.34
CA SER B 142 -28.02 -29.62 17.69
C SER B 142 -27.27 -28.64 18.58
N GLU B 143 -27.70 -28.54 19.83
CA GLU B 143 -27.16 -27.53 20.74
C GLU B 143 -26.13 -28.18 21.66
N LEU B 144 -25.09 -27.41 22.00
CA LEU B 144 -24.09 -27.91 22.94
C LEU B 144 -24.73 -28.23 24.28
N ASP B 145 -25.67 -27.40 24.74
CA ASP B 145 -26.34 -27.60 26.01
C ASP B 145 -27.18 -28.86 26.06
N SER B 146 -27.40 -29.53 24.92
CA SER B 146 -28.11 -30.80 24.91
C SER B 146 -27.21 -31.99 25.15
N HIS B 147 -25.89 -31.82 25.04
CA HIS B 147 -24.97 -32.94 25.16
C HIS B 147 -24.90 -33.55 26.56
N PRO B 148 -25.00 -32.76 27.65
CA PRO B 148 -25.02 -33.40 28.98
C PRO B 148 -26.23 -34.27 29.22
N TYR B 149 -27.41 -33.83 28.78
CA TYR B 149 -28.62 -34.63 28.93
C TYR B 149 -28.43 -36.02 28.35
N ILE B 150 -27.99 -36.08 27.08
CA ILE B 150 -27.69 -37.37 26.46
C ILE B 150 -26.78 -38.19 27.36
N ALA B 151 -25.68 -37.58 27.81
CA ALA B 151 -24.73 -38.30 28.64
C ALA B 151 -25.39 -38.83 29.90
N LYS B 152 -26.23 -38.01 30.53
CA LYS B 152 -26.93 -38.48 31.72
C LYS B 152 -27.88 -39.63 31.38
N TRP B 153 -28.59 -39.51 30.26
CA TRP B 153 -29.64 -40.47 29.93
C TRP B 153 -29.11 -41.74 29.29
N LEU B 154 -27.98 -41.68 28.58
CA LEU B 154 -27.43 -42.87 27.95
C LEU B 154 -26.26 -43.44 28.75
N ASP B 155 -25.85 -42.75 29.81
CA ASP B 155 -24.79 -43.22 30.70
C ASP B 155 -23.49 -43.49 29.93
N THR B 156 -23.01 -42.47 29.23
CA THR B 156 -21.81 -42.60 28.42
C THR B 156 -21.07 -41.26 28.37
N GLU B 157 -19.83 -41.33 27.89
CA GLU B 157 -19.00 -40.14 27.70
C GLU B 157 -19.33 -39.49 26.35
N VAL B 158 -19.38 -38.16 26.35
CA VAL B 158 -19.75 -37.38 25.17
C VAL B 158 -18.62 -36.41 24.84
N VAL B 159 -18.02 -36.59 23.67
CA VAL B 159 -16.97 -35.71 23.16
C VAL B 159 -17.59 -34.76 22.14
N SER B 160 -17.52 -33.45 22.40
CA SER B 160 -18.21 -32.45 21.60
C SER B 160 -17.28 -31.88 20.54
N LEU B 161 -17.80 -31.78 19.31
CA LEU B 161 -17.09 -31.20 18.16
C LEU B 161 -17.99 -30.17 17.53
N ARG B 162 -17.42 -29.03 17.12
CA ARG B 162 -18.21 -27.96 16.52
C ARG B 162 -18.12 -28.01 15.01
N LEU B 163 -19.29 -28.00 14.36
CA LEU B 163 -19.39 -27.95 12.91
C LEU B 163 -19.44 -26.49 12.47
N ILE B 164 -18.67 -26.17 11.43
CA ILE B 164 -18.54 -24.80 10.95
C ILE B 164 -18.98 -24.62 9.51
N ASP B 165 -19.17 -25.70 8.76
CA ASP B 165 -19.45 -25.62 7.33
C ASP B 165 -20.93 -25.92 7.09
N GLU B 166 -21.62 -25.01 6.40
CA GLU B 166 -23.05 -25.16 6.17
C GLU B 166 -23.34 -26.36 5.28
N ARG B 167 -22.39 -26.77 4.45
CA ARG B 167 -22.59 -27.96 3.64
C ARG B 167 -22.71 -29.20 4.51
N PHE B 168 -21.91 -29.28 5.57
CA PHE B 168 -21.96 -30.37 6.53
C PHE B 168 -22.47 -29.83 7.86
N TYR B 169 -23.80 -29.73 7.96
CA TYR B 169 -24.48 -29.30 9.16
C TYR B 169 -24.80 -30.45 10.11
N HIS B 170 -24.59 -31.69 9.68
CA HIS B 170 -24.76 -32.88 10.48
C HIS B 170 -23.41 -33.56 10.67
N LEU B 171 -23.22 -34.16 11.84
CA LEU B 171 -21.95 -34.83 12.11
C LEU B 171 -21.71 -35.98 11.14
N ASP B 172 -22.76 -36.73 10.81
CA ASP B 172 -22.62 -37.90 9.97
C ASP B 172 -22.42 -37.60 8.48
N THR B 173 -22.35 -36.32 8.10
CA THR B 173 -22.02 -35.98 6.72
C THR B 173 -20.54 -35.69 6.54
N CYS B 174 -19.77 -35.61 7.63
CA CYS B 174 -18.34 -35.34 7.56
C CYS B 174 -17.55 -36.15 8.57
N PHE B 175 -18.19 -37.11 9.25
CA PHE B 175 -17.59 -37.83 10.36
C PHE B 175 -18.17 -39.24 10.38
N CYS B 176 -17.30 -40.25 10.42
CA CYS B 176 -17.73 -41.64 10.39
C CYS B 176 -16.73 -42.50 11.16
N PRO B 177 -17.01 -42.80 12.43
CA PRO B 177 -16.15 -43.74 13.16
C PRO B 177 -16.25 -45.13 12.58
N LEU B 178 -15.09 -45.76 12.36
CA LEU B 178 -15.00 -47.09 11.81
C LEU B 178 -14.37 -48.04 12.82
N SER B 179 -14.63 -49.33 12.63
CA SER B 179 -14.05 -50.35 13.48
C SER B 179 -12.54 -50.41 13.27
N GLY B 180 -11.86 -51.12 14.17
CA GLY B 180 -10.41 -51.14 14.16
C GLY B 180 -9.76 -49.88 14.69
N GLY B 181 -10.52 -49.04 15.38
CA GLY B 181 -10.01 -47.77 15.87
C GLY B 181 -9.83 -46.71 14.82
N TYR B 182 -10.39 -46.91 13.63
CA TYR B 182 -10.21 -45.99 12.51
C TYR B 182 -11.31 -44.93 12.49
N LEU B 183 -10.98 -43.77 11.93
CA LEU B 183 -11.91 -42.65 11.83
C LEU B 183 -11.85 -42.07 10.42
N LEU B 184 -12.97 -42.12 9.71
CA LEU B 184 -13.11 -41.56 8.37
C LEU B 184 -13.88 -40.24 8.48
N TYR B 185 -13.22 -39.12 8.17
CA TYR B 185 -13.83 -37.82 8.40
C TYR B 185 -13.24 -36.77 7.48
N TYR B 186 -13.87 -35.60 7.48
CA TYR B 186 -13.50 -34.45 6.64
C TYR B 186 -13.13 -33.28 7.54
N PRO B 187 -11.84 -33.04 7.77
CA PRO B 187 -11.41 -32.03 8.76
C PRO B 187 -11.93 -30.63 8.48
N PRO B 188 -11.98 -30.16 7.22
CA PRO B 188 -12.45 -28.78 6.99
C PRO B 188 -13.84 -28.48 7.52
N ALA B 189 -14.62 -29.49 7.90
CA ALA B 189 -15.93 -29.26 8.48
C ALA B 189 -15.89 -28.92 9.96
N PHE B 190 -14.70 -28.93 10.57
CA PHE B 190 -14.54 -28.67 11.99
C PHE B 190 -13.57 -27.52 12.21
N ASP B 191 -13.76 -26.81 13.32
CA ASP B 191 -12.86 -25.74 13.70
C ASP B 191 -11.57 -26.32 14.28
N ALA B 192 -10.62 -25.43 14.60
CA ALA B 192 -9.30 -25.88 15.06
C ALA B 192 -9.39 -26.67 16.36
N TYR B 193 -10.22 -26.21 17.30
CA TYR B 193 -10.32 -26.89 18.60
C TYR B 193 -10.85 -28.31 18.46
N SER B 194 -11.93 -28.49 17.68
CA SER B 194 -12.49 -29.83 17.51
C SER B 194 -11.51 -30.75 16.79
N ASN B 195 -10.78 -30.21 15.81
CA ASN B 195 -9.75 -30.99 15.13
C ASN B 195 -8.65 -31.40 16.10
N ARG B 196 -8.25 -30.49 17.00
CA ARG B 196 -7.27 -30.84 18.02
C ARG B 196 -7.79 -31.95 18.91
N VAL B 197 -9.08 -31.90 19.24
CA VAL B 197 -9.68 -32.96 20.05
C VAL B 197 -9.60 -34.30 19.32
N ILE B 198 -10.03 -34.31 18.05
CA ILE B 198 -10.01 -35.53 17.25
C ILE B 198 -8.60 -36.11 17.20
N GLU B 199 -7.60 -35.25 16.94
CA GLU B 199 -6.23 -35.72 16.84
C GLU B 199 -5.69 -36.20 18.18
N MET B 200 -6.08 -35.52 19.27
CA MET B 200 -5.69 -35.97 20.60
C MET B 200 -6.22 -37.37 20.88
N ARG B 201 -7.41 -37.69 20.38
CA ARG B 201 -8.03 -38.98 20.70
C ARG B 201 -7.67 -40.09 19.72
N ILE B 202 -7.41 -39.76 18.47
CA ILE B 202 -7.20 -40.75 17.41
C ILE B 202 -5.78 -40.60 16.88
N PRO B 203 -4.98 -41.66 16.86
CA PRO B 203 -3.61 -41.56 16.35
C PRO B 203 -3.60 -41.32 14.85
N PRO B 204 -2.54 -40.72 14.32
CA PRO B 204 -2.52 -40.39 12.88
C PRO B 204 -2.65 -41.58 11.95
N GLU B 205 -2.11 -42.75 12.32
CA GLU B 205 -2.24 -43.93 11.48
C GLU B 205 -3.68 -44.39 11.30
N LYS B 206 -4.59 -43.95 12.17
CA LYS B 206 -5.97 -44.41 12.18
C LYS B 206 -6.92 -43.42 11.51
N ARG B 207 -6.40 -42.36 10.91
CA ARG B 207 -7.23 -41.33 10.30
C ARG B 207 -7.32 -41.56 8.79
N ILE B 208 -8.54 -41.59 8.27
CA ILE B 208 -8.79 -41.66 6.83
C ILE B 208 -9.37 -40.31 6.45
N ILE B 209 -8.51 -39.41 5.96
CA ILE B 209 -8.93 -38.08 5.55
C ILE B 209 -9.57 -38.17 4.17
N VAL B 210 -10.68 -37.44 3.98
CA VAL B 210 -11.37 -37.42 2.69
C VAL B 210 -11.11 -36.07 2.02
N GLU B 211 -10.92 -36.10 0.71
CA GLU B 211 -10.81 -34.90 -0.08
C GLU B 211 -12.19 -34.31 -0.39
N GLU B 212 -12.19 -33.06 -0.83
CA GLU B 212 -13.42 -32.27 -0.88
C GLU B 212 -14.50 -32.89 -1.75
N LEU B 213 -14.12 -33.47 -2.90
CA LEU B 213 -15.12 -34.04 -3.80
C LEU B 213 -15.89 -35.18 -3.13
N ASP B 214 -15.16 -36.09 -2.49
CA ASP B 214 -15.81 -37.16 -1.74
C ASP B 214 -16.75 -36.58 -0.68
N ALA B 215 -16.26 -35.61 0.09
CA ALA B 215 -17.05 -35.01 1.15
C ALA B 215 -18.37 -34.48 0.60
N VAL B 216 -18.31 -33.73 -0.51
CA VAL B 216 -19.54 -33.19 -1.08
C VAL B 216 -20.42 -34.28 -1.66
N ASN B 217 -19.85 -35.44 -1.99
CA ASN B 217 -20.67 -36.58 -2.38
C ASN B 217 -21.02 -37.47 -1.18
N PHE B 218 -20.85 -36.94 0.04
CA PHE B 218 -21.28 -37.61 1.27
C PHE B 218 -20.59 -38.97 1.43
N ALA B 219 -19.29 -39.00 1.19
CA ALA B 219 -18.53 -40.23 1.38
C ALA B 219 -18.54 -40.65 2.85
N CYS B 220 -18.54 -39.68 3.76
CA CYS B 220 -18.55 -39.98 5.19
C CYS B 220 -19.91 -40.48 5.68
N ASN B 221 -20.98 -40.31 4.90
CA ASN B 221 -22.30 -40.79 5.30
C ASN B 221 -22.42 -42.29 5.02
N ALA B 222 -21.58 -43.05 5.73
CA ALA B 222 -21.41 -44.48 5.45
C ALA B 222 -21.70 -45.32 6.68
N VAL B 223 -22.25 -46.51 6.44
CA VAL B 223 -22.60 -47.46 7.49
C VAL B 223 -21.51 -48.52 7.55
N ASN B 224 -21.01 -48.78 8.77
CA ASN B 224 -19.91 -49.72 8.94
C ASN B 224 -20.33 -50.85 9.87
N VAL B 225 -20.45 -52.04 9.30
CA VAL B 225 -20.54 -53.29 10.05
C VAL B 225 -19.16 -53.92 9.92
N ASN B 226 -18.87 -54.92 10.75
CA ASN B 226 -17.56 -55.04 11.38
C ASN B 226 -16.40 -54.57 10.51
N ASP B 227 -16.21 -55.16 9.34
CA ASP B 227 -15.19 -54.71 8.41
C ASP B 227 -15.78 -54.18 7.10
N ILE B 228 -17.08 -54.35 6.90
CA ILE B 228 -17.76 -53.90 5.69
C ILE B 228 -18.16 -52.44 5.87
N ILE B 229 -18.03 -51.64 4.82
CA ILE B 229 -18.48 -50.26 4.83
C ILE B 229 -19.36 -50.02 3.61
N ILE B 230 -20.61 -49.62 3.86
CA ILE B 230 -21.60 -49.37 2.81
C ILE B 230 -21.73 -47.87 2.62
N MET B 231 -21.61 -47.40 1.38
CA MET B 231 -21.75 -45.99 1.10
C MET B 231 -22.27 -45.79 -0.33
N ASN B 232 -22.51 -44.54 -0.68
CA ASN B 232 -22.93 -44.16 -2.01
C ASN B 232 -21.72 -44.18 -2.95
N LEU B 233 -21.93 -43.88 -4.23
CA LEU B 233 -20.83 -43.96 -5.17
C LEU B 233 -19.77 -42.91 -4.86
N VAL B 234 -18.53 -43.38 -4.68
CA VAL B 234 -17.40 -42.55 -4.26
C VAL B 234 -16.21 -42.81 -5.17
N SER B 235 -15.16 -42.03 -4.97
CA SER B 235 -13.95 -42.14 -5.77
C SER B 235 -13.21 -43.46 -5.49
N ARG B 236 -12.47 -43.91 -6.50
CA ARG B 236 -11.60 -45.08 -6.35
C ARG B 236 -10.52 -44.84 -5.28
N THR B 237 -10.00 -43.61 -5.20
CA THR B 237 -8.89 -43.35 -4.27
C THR B 237 -9.33 -43.53 -2.81
N LEU B 238 -10.52 -43.06 -2.47
CA LEU B 238 -11.03 -43.28 -1.12
C LEU B 238 -11.21 -44.78 -0.84
N LYS B 239 -11.79 -45.51 -1.80
CA LYS B 239 -11.98 -46.94 -1.62
C LYS B 239 -10.64 -47.66 -1.43
N GLU B 240 -9.62 -47.25 -2.17
CA GLU B 240 -8.30 -47.86 -2.03
C GLU B 240 -7.69 -47.56 -0.67
N LYS B 241 -7.83 -46.32 -0.19
CA LYS B 241 -7.32 -46.02 1.14
C LYS B 241 -8.05 -46.84 2.20
N LEU B 242 -9.37 -47.02 2.05
CA LEU B 242 -10.13 -47.82 3.00
C LEU B 242 -9.71 -49.29 2.96
N ALA B 243 -9.54 -49.84 1.76
CA ALA B 243 -9.12 -51.24 1.64
C ALA B 243 -7.71 -51.42 2.20
N GLU B 244 -6.83 -50.44 1.97
CA GLU B 244 -5.50 -50.47 2.57
C GLU B 244 -5.60 -50.51 4.08
N ALA B 245 -6.59 -49.80 4.65
CA ALA B 245 -6.84 -49.89 6.08
C ALA B 245 -7.49 -51.21 6.49
N GLY B 246 -8.03 -51.99 5.56
CA GLY B 246 -8.65 -53.26 5.86
C GLY B 246 -10.17 -53.37 5.75
N PHE B 247 -10.83 -52.43 5.08
CA PHE B 247 -12.28 -52.41 4.93
C PHE B 247 -12.74 -52.93 3.57
N LYS B 248 -13.92 -53.55 3.56
CA LYS B 248 -14.54 -54.09 2.36
C LYS B 248 -15.73 -53.22 1.99
N VAL B 249 -15.64 -52.55 0.84
CA VAL B 249 -16.60 -51.53 0.44
C VAL B 249 -17.75 -52.17 -0.32
N ARG B 250 -18.99 -51.81 0.07
CA ARG B 250 -20.20 -52.19 -0.66
C ARG B 250 -20.91 -50.93 -1.11
N GLU B 251 -20.96 -50.70 -2.42
CA GLU B 251 -21.58 -49.51 -2.99
C GLU B 251 -23.01 -49.78 -3.46
N THR B 252 -23.84 -48.76 -3.31
CA THR B 252 -25.17 -48.73 -3.89
C THR B 252 -25.42 -47.26 -4.23
N PRO B 253 -26.02 -46.96 -5.37
CA PRO B 253 -26.31 -45.57 -5.71
C PRO B 253 -27.48 -45.06 -4.88
N LEU B 254 -27.32 -43.84 -4.35
CA LEU B 254 -28.35 -43.19 -3.58
C LEU B 254 -28.47 -41.73 -3.98
N THR B 255 -28.21 -41.46 -5.26
CA THR B 255 -28.14 -40.09 -5.75
C THR B 255 -29.45 -39.34 -5.57
N GLU B 256 -30.58 -40.02 -5.72
CA GLU B 256 -31.86 -39.35 -5.52
C GLU B 256 -32.03 -38.89 -4.07
N PHE B 257 -31.55 -39.69 -3.12
CA PHE B 257 -31.59 -39.27 -1.72
C PHE B 257 -30.51 -38.25 -1.40
N LEU B 258 -29.39 -38.28 -2.13
CA LEU B 258 -28.33 -37.30 -1.91
C LEU B 258 -28.84 -35.88 -2.12
N LYS B 259 -29.71 -35.68 -3.10
CA LYS B 259 -30.38 -34.38 -3.27
C LYS B 259 -31.32 -34.16 -2.09
N ALA B 260 -31.05 -33.13 -1.30
CA ALA B 260 -31.90 -32.74 -0.16
C ALA B 260 -31.92 -33.80 0.94
N GLY B 261 -30.89 -34.63 1.04
CA GLY B 261 -30.86 -35.62 2.10
C GLY B 261 -29.48 -36.23 2.27
N GLY B 262 -29.39 -37.13 3.25
CA GLY B 262 -28.15 -37.84 3.52
C GLY B 262 -27.97 -39.05 2.61
N ALA B 263 -26.71 -39.34 2.29
CA ALA B 263 -26.41 -40.46 1.40
C ALA B 263 -26.89 -41.81 1.91
N ALA B 264 -26.23 -42.36 2.92
CA ALA B 264 -26.52 -43.74 3.28
C ALA B 264 -26.81 -43.93 4.75
N LYS B 265 -25.98 -43.32 5.61
CA LYS B 265 -26.14 -43.48 7.05
C LYS B 265 -27.43 -42.85 7.55
N CYS B 266 -27.86 -41.75 6.92
CA CYS B 266 -29.07 -41.06 7.36
C CYS B 266 -30.29 -41.94 7.24
N LEU B 267 -30.32 -42.86 6.29
CA LEU B 267 -31.43 -43.77 6.10
C LEU B 267 -31.42 -44.94 7.08
N THR B 268 -30.50 -44.93 8.04
CA THR B 268 -30.35 -46.01 8.99
C THR B 268 -30.22 -45.46 10.40
N LEU B 269 -30.57 -46.30 11.37
CA LEU B 269 -30.34 -46.02 12.79
C LEU B 269 -29.93 -47.33 13.45
N ARG B 270 -28.72 -47.36 14.00
CA ARG B 270 -28.21 -48.58 14.61
C ARG B 270 -28.72 -48.68 16.04
N VAL B 271 -29.48 -49.74 16.31
CA VAL B 271 -30.09 -49.89 17.63
C VAL B 271 -29.22 -50.69 18.59
N THR B 272 -28.37 -51.58 18.07
CA THR B 272 -27.50 -52.39 18.91
C THR B 272 -26.09 -51.78 18.91
N GLU B 273 -25.93 -50.76 19.69
CA GLU B 273 -24.65 -50.10 19.84
C GLU B 273 -23.92 -50.68 21.03
N PRO B 274 -22.59 -50.78 20.99
CA PRO B 274 -21.89 -51.49 22.06
C PRO B 274 -21.83 -50.70 23.36
N ILE B 275 -21.83 -51.44 24.46
CA ILE B 275 -21.82 -50.90 25.82
C ILE B 275 -20.58 -51.43 26.52
N LEU B 276 -19.70 -50.52 26.93
CA LEU B 276 -18.54 -51.02 27.64
C LEU B 276 -18.65 -50.75 29.14
N PRO B 277 -18.29 -51.74 29.96
CA PRO B 277 -18.11 -51.48 31.39
C PRO B 277 -16.99 -50.49 31.60
N ASP B 278 -16.96 -49.89 32.79
CA ASP B 278 -15.98 -48.87 33.18
C ASP B 278 -16.17 -47.57 32.41
N VAL B 279 -17.25 -47.44 31.65
CA VAL B 279 -17.57 -46.21 30.93
C VAL B 279 -18.95 -45.74 31.37
N HIS B 280 -19.01 -44.55 31.97
CA HIS B 280 -20.28 -44.00 32.42
C HIS B 280 -20.32 -42.51 32.10
N ALA B 281 -21.47 -41.90 32.38
CA ALA B 281 -21.76 -40.52 32.02
C ALA B 281 -20.64 -39.56 32.41
N THR B 282 -19.99 -38.97 31.41
CA THR B 282 -18.97 -37.96 31.62
C THR B 282 -19.04 -36.95 30.50
N VAL B 283 -18.92 -35.67 30.86
CA VAL B 283 -18.92 -34.58 29.90
C VAL B 283 -17.96 -33.52 30.39
N SER B 284 -17.18 -32.94 29.48
CA SER B 284 -16.25 -31.87 29.79
C SER B 284 -16.91 -30.49 29.80
N ILE B 285 -18.16 -30.38 29.35
CA ILE B 285 -18.80 -29.08 29.16
C ILE B 285 -18.92 -28.35 30.49
N GLU B 286 -18.61 -27.06 30.46
CA GLU B 286 -18.80 -26.15 31.58
C GLU B 286 -19.81 -25.07 31.20
N SER B 287 -20.67 -24.71 32.14
CA SER B 287 -21.66 -23.66 31.92
C SER B 287 -21.49 -22.59 32.98
N ARG B 288 -21.66 -21.33 32.59
CA ARG B 288 -21.55 -20.22 33.52
C ARG B 288 -22.57 -19.16 33.17
N VAL B 289 -23.05 -18.44 34.19
CA VAL B 289 -23.95 -17.32 34.03
C VAL B 289 -23.19 -16.03 34.33
N ILE B 290 -23.39 -15.02 33.49
CA ILE B 290 -22.79 -13.71 33.66
C ILE B 290 -23.88 -12.66 33.57
N ARG B 291 -23.63 -11.52 34.22
CA ARG B 291 -24.50 -10.35 34.09
C ARG B 291 -23.68 -9.22 33.49
N MET B 292 -24.31 -8.47 32.59
CA MET B 292 -23.66 -7.31 31.99
C MET B 292 -24.61 -6.13 32.09
N GLU B 293 -24.18 -5.08 32.77
CA GLU B 293 -24.97 -3.86 32.91
C GLU B 293 -24.40 -2.76 32.01
N GLY B 294 -25.22 -1.76 31.73
CA GLY B 294 -24.81 -0.61 30.94
C GLY B 294 -25.44 -0.48 29.57
N HIS B 295 -24.82 0.33 28.71
CA HIS B 295 -25.37 0.62 27.38
C HIS B 295 -25.19 -0.53 26.41
N LEU B 296 -25.63 -1.73 26.79
CA LEU B 296 -25.40 -2.91 25.96
C LEU B 296 -26.16 -2.79 24.64
N LEU B 297 -27.34 -2.15 24.66
CA LEU B 297 -28.14 -2.00 23.46
C LEU B 297 -27.67 -0.81 22.61
N ASP B 298 -27.39 0.33 23.23
CA ASP B 298 -26.83 1.47 22.53
C ASP B 298 -25.48 1.09 21.95
N ALA B 299 -24.47 0.95 22.80
CA ALA B 299 -23.17 0.44 22.34
C ALA B 299 -23.32 -0.96 21.76
N GLY B 300 -22.24 -1.52 21.23
CA GLY B 300 -22.28 -2.88 20.74
C GLY B 300 -21.66 -3.90 21.68
N ILE B 301 -21.85 -3.70 22.99
CA ILE B 301 -21.19 -4.54 23.98
C ILE B 301 -21.79 -5.95 24.01
N LEU B 302 -23.12 -6.05 23.99
CA LEU B 302 -23.76 -7.36 24.12
C LEU B 302 -23.48 -8.27 22.91
N ASN B 303 -23.62 -7.72 21.71
CA ASN B 303 -23.37 -8.54 20.52
C ASN B 303 -21.89 -8.90 20.40
N GLN B 304 -20.98 -7.98 20.77
CA GLN B 304 -19.57 -8.34 20.80
C GLN B 304 -19.30 -9.47 21.79
N ALA B 305 -19.97 -9.44 22.95
CA ALA B 305 -19.82 -10.54 23.90
C ALA B 305 -20.26 -11.85 23.28
N LEU B 306 -21.41 -11.84 22.60
CA LEU B 306 -21.92 -13.09 22.03
C LEU B 306 -21.06 -13.57 20.86
N ASP B 307 -20.50 -12.65 20.08
CA ASP B 307 -19.53 -13.02 19.05
C ASP B 307 -18.29 -13.65 19.68
N LEU B 308 -17.83 -13.11 20.79
CA LEU B 308 -16.72 -13.70 21.52
C LEU B 308 -17.04 -15.13 21.91
N VAL B 309 -18.24 -15.35 22.44
CA VAL B 309 -18.64 -16.69 22.86
C VAL B 309 -18.62 -17.65 21.66
N VAL B 310 -19.30 -17.28 20.57
CA VAL B 310 -19.47 -18.20 19.45
C VAL B 310 -18.12 -18.46 18.76
N GLU B 311 -17.38 -17.40 18.45
CA GLU B 311 -16.11 -17.55 17.75
C GLU B 311 -15.11 -18.39 18.54
N ASN B 312 -15.24 -18.41 19.87
CA ASN B 312 -14.40 -19.24 20.72
C ASN B 312 -14.97 -20.62 20.96
N SER B 313 -15.89 -21.06 20.09
CA SER B 313 -16.45 -22.42 20.09
C SER B 313 -17.41 -22.67 21.26
N GLY B 314 -18.12 -21.64 21.69
CA GLY B 314 -19.11 -21.76 22.74
C GLY B 314 -20.53 -21.50 22.25
N SER B 315 -21.46 -21.61 23.18
CA SER B 315 -22.86 -21.33 22.94
C SER B 315 -23.39 -20.42 24.04
N PHE B 316 -24.54 -19.81 23.79
CA PHE B 316 -25.12 -18.89 24.76
C PHE B 316 -26.63 -18.93 24.66
N ARG B 317 -27.26 -18.43 25.72
CA ARG B 317 -28.71 -18.22 25.76
C ARG B 317 -28.96 -16.98 26.59
N VAL B 318 -29.56 -15.95 26.00
CA VAL B 318 -29.87 -14.75 26.77
C VAL B 318 -31.01 -15.08 27.71
N LEU B 319 -30.74 -15.00 29.02
CA LEU B 319 -31.76 -15.36 29.99
C LEU B 319 -32.75 -14.21 30.22
N ASN B 320 -32.26 -12.98 30.22
CA ASN B 320 -33.12 -11.83 30.48
C ASN B 320 -32.42 -10.57 30.00
N PHE B 321 -33.10 -9.76 29.19
CA PHE B 321 -32.61 -8.42 28.83
C PHE B 321 -33.48 -7.38 29.51
N ASN B 322 -32.90 -6.62 30.44
CA ASN B 322 -33.60 -5.55 31.13
C ASN B 322 -33.16 -4.18 30.60
N LEU B 323 -34.14 -3.41 30.12
CA LEU B 323 -33.93 -2.03 29.67
C LEU B 323 -34.08 -1.11 30.87
N GLY B 324 -33.37 0.03 30.82
CA GLY B 324 -33.39 0.94 31.95
C GLY B 324 -34.74 1.56 32.23
N VAL B 325 -35.32 1.19 33.39
CA VAL B 325 -36.65 1.64 33.78
C VAL B 325 -36.58 3.00 34.47
N GLU B 326 -37.63 3.79 34.28
CA GLU B 326 -37.69 5.18 34.74
C GLU B 326 -36.37 5.92 34.63
N ARG B 327 -35.83 6.09 33.42
CA ARG B 327 -34.58 6.83 33.21
C ARG B 327 -33.39 6.13 33.85
N ASN B 328 -33.49 4.82 34.07
CA ASN B 328 -32.35 4.10 34.61
C ASN B 328 -31.18 4.19 33.63
N SER B 329 -29.97 4.21 34.18
CA SER B 329 -28.80 4.37 33.32
C SER B 329 -28.42 3.07 32.64
N THR B 330 -28.03 2.07 33.43
CA THR B 330 -27.62 0.81 32.85
C THR B 330 -28.81 -0.01 32.35
N SER B 331 -28.64 -0.59 31.16
CA SER B 331 -29.51 -1.66 30.68
C SER B 331 -28.77 -2.95 30.99
N SER B 332 -29.48 -3.94 31.52
CA SER B 332 -28.80 -5.12 32.05
C SER B 332 -29.34 -6.41 31.46
N ALA B 333 -28.49 -7.42 31.43
CA ALA B 333 -28.84 -8.71 30.89
C ALA B 333 -28.10 -9.81 31.61
N GLU B 334 -28.73 -10.99 31.69
CA GLU B 334 -28.10 -12.20 32.18
C GLU B 334 -28.00 -13.17 31.02
N VAL B 335 -26.85 -13.83 30.88
CA VAL B 335 -26.61 -14.74 29.77
C VAL B 335 -25.99 -16.01 30.33
N ARG B 336 -26.51 -17.16 29.89
CA ARG B 336 -25.88 -18.44 30.20
C ARG B 336 -24.87 -18.72 29.11
N VAL B 337 -23.64 -19.05 29.50
CA VAL B 337 -22.57 -19.30 28.57
C VAL B 337 -22.08 -20.73 28.75
N SER B 338 -22.02 -21.48 27.65
CA SER B 338 -21.60 -22.86 27.67
C SER B 338 -20.31 -23.02 26.88
N ALA B 339 -19.50 -24.00 27.28
CA ALA B 339 -18.24 -24.25 26.62
C ALA B 339 -17.96 -25.74 26.61
N PRO B 340 -17.48 -26.26 25.48
CA PRO B 340 -17.29 -27.72 25.34
C PRO B 340 -16.11 -28.26 26.10
N SER B 341 -15.11 -27.44 26.39
CA SER B 341 -13.81 -27.91 26.84
C SER B 341 -13.57 -27.65 28.31
N HIS B 342 -12.61 -28.41 28.84
CA HIS B 342 -12.18 -28.28 30.22
C HIS B 342 -11.97 -26.81 30.59
N GLN B 343 -11.18 -26.07 29.80
CA GLN B 343 -10.95 -24.67 30.16
C GLN B 343 -10.83 -23.76 28.92
N ILE B 344 -11.52 -24.07 27.82
CA ILE B 344 -11.69 -22.99 26.83
C ILE B 344 -12.65 -21.96 27.42
N MET B 345 -13.55 -22.43 28.28
CA MET B 345 -14.38 -21.56 29.10
C MET B 345 -13.51 -20.51 29.78
N GLU B 346 -12.29 -20.90 30.17
CA GLU B 346 -11.34 -19.98 30.79
C GLU B 346 -11.05 -18.79 29.88
N GLU B 347 -10.68 -19.06 28.63
CA GLU B 347 -10.35 -17.98 27.68
C GLU B 347 -11.57 -17.12 27.40
N ILE B 348 -12.72 -17.77 27.15
CA ILE B 348 -13.96 -17.03 26.93
C ILE B 348 -14.21 -16.07 28.09
N MET B 349 -13.99 -16.56 29.30
CA MET B 349 -14.31 -15.77 30.48
C MET B 349 -13.32 -14.63 30.68
N THR B 350 -12.03 -14.83 30.37
CA THR B 350 -11.10 -13.71 30.47
C THR B 350 -11.53 -12.60 29.53
N GLU B 351 -11.82 -12.94 28.28
CA GLU B 351 -12.24 -11.92 27.32
C GLU B 351 -13.56 -11.28 27.74
N LEU B 352 -14.46 -12.03 28.38
CA LEU B 352 -15.69 -11.42 28.89
C LEU B 352 -15.41 -10.49 30.07
N ILE B 353 -14.47 -10.88 30.94
CA ILE B 353 -14.10 -10.03 32.08
C ILE B 353 -13.59 -8.69 31.59
N ASP B 354 -12.88 -8.69 30.46
CA ASP B 354 -12.44 -7.43 29.90
C ASP B 354 -13.62 -6.54 29.53
N LEU B 355 -14.79 -7.14 29.28
CA LEU B 355 -16.02 -6.40 29.05
C LEU B 355 -16.72 -6.27 30.40
N GLY B 356 -17.98 -5.86 30.41
CA GLY B 356 -18.66 -5.65 31.69
C GLY B 356 -19.09 -6.91 32.43
N ALA B 357 -18.71 -8.09 31.97
CA ALA B 357 -19.19 -9.35 32.56
C ALA B 357 -18.73 -9.55 34.01
N VAL B 358 -19.69 -9.95 34.85
CA VAL B 358 -19.46 -10.28 36.27
C VAL B 358 -20.36 -11.45 36.66
N PRO B 359 -19.88 -12.33 37.53
CA PRO B 359 -20.72 -13.45 38.00
C PRO B 359 -21.85 -12.97 38.90
N PRO B 360 -22.92 -13.76 39.00
CA PRO B 360 -24.03 -13.39 39.89
C PRO B 360 -23.58 -13.39 41.34
N PRO B 361 -24.26 -12.63 42.21
CA PRO B 361 -23.72 -12.44 43.58
C PRO B 361 -23.53 -13.74 44.34
N GLN B 362 -24.39 -14.73 44.08
CA GLN B 362 -24.33 -15.99 44.81
C GLN B 362 -23.04 -16.76 44.55
N GLU B 363 -22.31 -16.41 43.48
CA GLU B 363 -21.17 -17.19 43.03
C GLU B 363 -19.86 -16.42 43.02
N LEU B 364 -19.87 -15.11 43.26
CA LEU B 364 -18.62 -14.36 43.31
C LEU B 364 -17.82 -14.92 44.47
N CYS B 365 -16.70 -15.55 44.15
CA CYS B 365 -15.78 -16.09 45.13
C CYS B 365 -14.49 -15.27 45.14
N ASP B 366 -13.51 -15.75 45.88
CA ASP B 366 -12.22 -15.11 45.91
C ASP B 366 -11.32 -15.73 44.84
N ILE B 367 -10.15 -15.13 44.66
CA ILE B 367 -9.27 -15.59 43.60
C ILE B 367 -8.48 -16.79 44.10
N ASN B 368 -8.25 -17.74 43.21
CA ASN B 368 -7.37 -18.86 43.52
C ASN B 368 -6.00 -18.53 42.98
N THR B 369 -4.98 -18.98 43.71
CA THR B 369 -3.61 -18.73 43.32
C THR B 369 -2.82 -20.03 43.51
N GLU B 370 -1.64 -20.06 42.89
CA GLU B 370 -0.73 -21.18 43.03
C GLU B 370 0.67 -20.62 43.20
N THR B 371 1.49 -21.33 43.96
CA THR B 371 2.80 -20.83 44.35
C THR B 371 3.85 -21.12 43.30
N VAL B 372 4.82 -20.22 43.22
CA VAL B 372 5.88 -20.28 42.22
C VAL B 372 6.97 -21.21 42.75
N THR B 373 7.17 -22.35 42.08
CA THR B 373 8.21 -23.28 42.48
C THR B 373 9.52 -23.05 41.73
N GLN B 374 9.42 -22.76 40.44
CA GLN B 374 10.59 -22.49 39.60
C GLN B 374 10.75 -21.00 39.37
N GLY B 375 12.00 -20.53 39.39
CA GLY B 375 12.25 -19.12 39.19
C GLY B 375 11.97 -18.73 37.74
N GLY B 376 11.16 -17.69 37.56
CA GLY B 376 10.81 -17.26 36.22
C GLY B 376 9.84 -18.17 35.50
N VAL B 377 9.13 -19.03 36.22
CA VAL B 377 8.08 -19.86 35.65
C VAL B 377 6.80 -19.65 36.45
N ALA B 378 5.67 -19.80 35.80
CA ALA B 378 4.34 -19.61 36.37
C ALA B 378 3.55 -20.91 36.33
N PRO B 379 2.53 -21.05 37.18
CA PRO B 379 1.64 -22.21 37.08
C PRO B 379 0.95 -22.22 35.71
N ASP B 380 0.77 -23.42 35.15
CA ASP B 380 0.27 -23.55 33.79
C ASP B 380 -1.07 -22.83 33.60
N ASP B 381 -1.85 -22.68 34.66
CA ASP B 381 -3.16 -22.06 34.57
C ASP B 381 -3.15 -20.61 35.06
N PHE B 382 -1.98 -19.98 35.09
CA PHE B 382 -1.89 -18.60 35.55
C PHE B 382 -2.72 -17.68 34.66
N TYR B 383 -3.38 -16.72 35.30
CA TYR B 383 -4.18 -15.75 34.57
C TYR B 383 -3.26 -14.77 33.86
N VAL B 384 -3.54 -14.52 32.58
CA VAL B 384 -2.76 -13.58 31.79
C VAL B 384 -3.44 -12.22 31.86
N SER B 385 -2.70 -11.22 32.35
CA SER B 385 -3.27 -9.90 32.54
C SER B 385 -3.47 -9.18 31.22
N THR B 386 -4.42 -8.26 31.21
CA THR B 386 -4.74 -7.44 30.05
C THR B 386 -4.33 -6.00 30.31
N ILE B 387 -4.64 -5.13 29.35
CA ILE B 387 -4.25 -3.73 29.47
C ILE B 387 -5.15 -2.98 30.46
N TYR B 388 -6.40 -3.43 30.64
CA TYR B 388 -7.37 -2.69 31.43
C TYR B 388 -7.13 -2.84 32.93
N PRO B 389 -7.43 -1.81 33.72
CA PRO B 389 -7.22 -1.89 35.17
C PRO B 389 -8.15 -2.89 35.84
N THR B 390 -7.60 -3.66 36.77
CA THR B 390 -8.26 -4.83 37.34
C THR B 390 -8.28 -4.82 38.87
N GLU B 391 -9.32 -5.44 39.43
CA GLU B 391 -9.47 -5.72 40.86
C GLU B 391 -9.61 -7.23 41.07
N VAL B 392 -9.00 -7.74 42.13
CA VAL B 392 -9.06 -9.15 42.50
C VAL B 392 -9.64 -9.27 43.91
N ARG B 393 -10.43 -10.31 44.14
CA ARG B 393 -11.10 -10.49 45.43
C ARG B 393 -10.24 -11.36 46.35
N VAL B 394 -9.60 -10.74 47.32
CA VAL B 394 -8.78 -11.43 48.32
C VAL B 394 -9.48 -11.31 49.66
N ASN B 395 -9.74 -12.46 50.30
CA ASN B 395 -10.36 -12.51 51.61
C ASN B 395 -11.61 -11.63 51.69
N CYS B 396 -12.46 -11.78 50.67
CA CYS B 396 -13.75 -11.09 50.55
C CYS B 396 -13.63 -9.58 50.38
N GLU B 397 -12.45 -9.06 50.03
CA GLU B 397 -12.29 -7.64 49.76
C GLU B 397 -11.70 -7.44 48.36
N TRP B 398 -12.11 -6.35 47.71
CA TRP B 398 -11.60 -6.02 46.38
C TRP B 398 -10.29 -5.26 46.49
N VAL B 399 -9.26 -5.77 45.81
CA VAL B 399 -7.92 -5.19 45.81
C VAL B 399 -7.60 -4.76 44.38
N GLN B 400 -7.31 -3.49 44.19
CA GLN B 400 -6.91 -3.02 42.88
C GLN B 400 -5.49 -3.51 42.55
N VAL B 401 -5.29 -3.92 41.31
CA VAL B 401 -4.00 -4.44 40.88
C VAL B 401 -3.10 -3.27 40.49
N THR B 402 -1.86 -3.28 40.98
CA THR B 402 -0.91 -2.20 40.72
C THR B 402 0.03 -2.58 39.58
N GLY B 403 0.51 -1.55 38.88
CA GLY B 403 1.41 -1.73 37.76
C GLY B 403 0.80 -2.51 36.62
N GLN B 404 -0.40 -2.12 36.21
CA GLN B 404 -1.16 -2.88 35.22
C GLN B 404 -0.43 -2.91 33.89
N ARG B 405 -0.22 -4.11 33.38
CA ARG B 405 0.45 -4.35 32.12
C ARG B 405 -0.24 -5.54 31.46
N MET B 406 -0.26 -5.55 30.13
CA MET B 406 -0.83 -6.72 29.50
C MET B 406 0.22 -7.82 29.42
N ASP B 407 -0.27 -9.05 29.33
CA ASP B 407 0.58 -10.23 29.17
C ASP B 407 1.56 -10.36 30.34
N ALA B 408 1.01 -10.38 31.55
CA ALA B 408 1.79 -10.60 32.77
C ALA B 408 1.00 -11.48 33.71
N ALA B 409 1.65 -11.89 34.79
CA ALA B 409 0.99 -12.64 35.85
C ALA B 409 0.61 -11.68 36.99
N ILE B 410 -0.43 -12.05 37.73
CA ILE B 410 -0.86 -11.27 38.89
C ILE B 410 -0.38 -12.00 40.13
N VAL B 411 0.52 -11.34 40.89
CA VAL B 411 1.04 -11.89 42.14
C VAL B 411 0.32 -11.21 43.30
N VAL B 412 -0.15 -12.03 44.23
CA VAL B 412 -0.95 -11.59 45.36
C VAL B 412 -0.20 -11.84 46.66
N THR B 413 -0.27 -10.86 47.56
CA THR B 413 0.21 -11.00 48.92
C THR B 413 -1.00 -10.95 49.85
N SER B 414 -0.99 -11.80 50.88
CA SER B 414 -2.15 -12.02 51.74
C SER B 414 -2.16 -11.10 52.95
N ASN B 415 -1.00 -10.93 53.58
CA ASN B 415 -0.93 -10.21 54.86
C ASN B 415 -1.37 -8.75 54.81
N PRO B 416 -0.99 -7.93 53.83
CA PRO B 416 -1.40 -6.51 53.88
C PRO B 416 -2.85 -6.29 53.48
N PRO B 417 -3.38 -6.97 52.44
CA PRO B 417 -2.97 -7.72 51.25
C PRO B 417 -2.70 -6.80 50.06
N SER B 418 -2.26 -7.35 48.93
CA SER B 418 -2.03 -6.54 47.73
C SER B 418 -1.97 -7.46 46.52
N ALA B 419 -2.06 -6.85 45.34
CA ALA B 419 -1.89 -7.58 44.07
C ALA B 419 -1.19 -6.69 43.06
N ARG B 420 -0.20 -7.24 42.36
CA ARG B 420 0.58 -6.48 41.38
C ARG B 420 0.81 -7.31 40.13
N CYS B 421 0.98 -6.61 39.01
CA CYS B 421 1.35 -7.26 37.75
C CYS B 421 2.86 -7.46 37.72
N VAL B 422 3.28 -8.65 37.30
CA VAL B 422 4.69 -9.04 37.30
C VAL B 422 4.98 -9.85 36.05
N LEU B 423 6.11 -9.56 35.42
CA LEU B 423 6.55 -10.31 34.25
C LEU B 423 6.97 -11.72 34.64
N LEU B 424 6.90 -12.63 33.66
CA LEU B 424 7.26 -14.02 33.91
C LEU B 424 8.71 -14.14 34.41
N ARG B 425 9.64 -13.40 33.80
CA ARG B 425 11.04 -13.52 34.21
C ARG B 425 11.24 -13.01 35.64
N ASP B 426 10.44 -12.03 36.07
CA ASP B 426 10.59 -11.45 37.39
C ASP B 426 10.04 -12.32 38.51
N LEU B 427 9.32 -13.39 38.19
CA LEU B 427 8.73 -14.23 39.21
C LEU B 427 9.81 -14.82 40.12
N GLN B 428 9.62 -14.65 41.42
CA GLN B 428 10.50 -15.20 42.43
C GLN B 428 9.86 -16.42 43.06
N VAL B 429 10.68 -17.32 43.59
CA VAL B 429 10.17 -18.58 44.11
C VAL B 429 9.26 -18.32 45.30
N GLY B 430 8.18 -19.09 45.39
CA GLY B 430 7.20 -18.94 46.45
C GLY B 430 6.17 -17.86 46.24
N ASP B 431 6.16 -17.19 45.09
CA ASP B 431 5.14 -16.17 44.83
C ASP B 431 3.80 -16.83 44.56
N ARG B 432 2.74 -16.20 45.07
CA ARG B 432 1.38 -16.69 44.88
C ARG B 432 0.78 -15.94 43.69
N VAL B 433 0.60 -16.66 42.58
CA VAL B 433 0.15 -16.09 41.31
C VAL B 433 -1.31 -16.45 41.09
N MET B 434 -2.11 -15.47 40.70
CA MET B 434 -3.52 -15.72 40.43
C MET B 434 -3.67 -16.73 39.31
N VAL B 435 -4.64 -17.61 39.44
CA VAL B 435 -4.86 -18.71 38.52
C VAL B 435 -6.35 -18.79 38.20
N GLY B 436 -6.64 -19.16 36.95
CA GLY B 436 -8.04 -19.27 36.57
C GLY B 436 -8.68 -17.92 36.27
N VAL B 437 -10.00 -17.94 36.38
CA VAL B 437 -10.84 -16.79 36.05
C VAL B 437 -11.64 -16.31 37.26
N GLU B 438 -11.47 -16.93 38.42
CA GLU B 438 -12.29 -16.64 39.58
C GLU B 438 -11.81 -15.40 40.33
N GLY B 439 -12.76 -14.52 40.67
CA GLY B 439 -12.51 -13.43 41.58
C GLY B 439 -11.90 -12.19 40.97
N ILE B 440 -11.79 -12.14 39.65
CA ILE B 440 -11.17 -11.02 38.95
C ILE B 440 -12.27 -10.21 38.25
N ARG B 441 -12.14 -8.89 38.32
CA ARG B 441 -13.11 -7.95 37.77
C ARG B 441 -12.36 -6.75 37.23
N THR B 442 -12.93 -6.06 36.25
CA THR B 442 -12.23 -4.92 35.66
C THR B 442 -13.04 -3.65 35.86
N ILE B 443 -12.61 -2.79 36.79
CA ILE B 443 -13.25 -1.50 36.98
C ILE B 443 -13.22 -0.69 35.69
N LYS B 444 -12.32 -1.00 34.77
CA LYS B 444 -12.24 -0.35 33.46
C LYS B 444 -13.57 -0.34 32.70
N VAL B 467 -4.57 6.21 3.28
CA VAL B 467 -3.93 7.48 3.61
C VAL B 467 -4.95 8.61 3.56
N SER B 468 -5.15 9.27 4.70
CA SER B 468 -6.14 10.32 4.79
C SER B 468 -5.71 11.57 4.03
N SER B 469 -6.69 12.32 3.55
CA SER B 469 -6.40 13.60 2.92
C SER B 469 -5.97 14.62 3.97
N GLU B 470 -5.09 15.53 3.56
CA GLU B 470 -4.57 16.53 4.48
C GLU B 470 -5.68 17.31 5.17
N ARG B 471 -6.85 17.41 4.53
CA ARG B 471 -7.97 18.13 5.13
C ARG B 471 -8.44 17.47 6.42
N ARG B 472 -8.61 16.14 6.41
CA ARG B 472 -9.01 15.41 7.61
C ARG B 472 -7.85 15.25 8.59
N VAL B 473 -6.63 15.20 8.05
CA VAL B 473 -5.45 15.13 8.91
C VAL B 473 -5.34 16.38 9.77
N GLU B 474 -5.68 17.55 9.21
CA GLU B 474 -5.52 18.76 10.01
C GLU B 474 -6.57 18.84 11.10
N LEU B 475 -7.73 18.21 10.91
CA LEU B 475 -8.72 18.15 11.97
C LEU B 475 -8.28 17.23 13.09
N LEU B 476 -7.78 16.05 12.72
CA LEU B 476 -7.23 15.15 13.74
C LEU B 476 -6.08 15.79 14.49
N VAL B 477 -5.25 16.56 13.77
CA VAL B 477 -4.13 17.26 14.40
C VAL B 477 -4.64 18.33 15.36
N GLU B 478 -5.71 19.03 14.99
CA GLU B 478 -6.29 20.01 15.91
C GLU B 478 -6.72 19.34 17.21
N GLN B 479 -7.42 18.20 17.10
CA GLN B 479 -7.86 17.51 18.29
C GLN B 479 -6.68 17.05 19.15
N ILE B 480 -5.66 16.47 18.52
CA ILE B 480 -4.51 15.97 19.27
C ILE B 480 -3.74 17.12 19.92
N ALA B 481 -3.57 18.24 19.18
CA ALA B 481 -2.89 19.39 19.73
C ALA B 481 -3.62 19.96 20.94
N TRP B 482 -4.95 20.03 20.87
CA TRP B 482 -5.71 20.51 22.02
C TRP B 482 -5.53 19.59 23.22
N GLU B 483 -5.58 18.27 23.00
CA GLU B 483 -5.37 17.35 24.11
C GLU B 483 -3.98 17.53 24.71
N MET B 484 -2.98 17.74 23.85
CA MET B 484 -1.61 17.92 24.34
C MET B 484 -1.46 19.19 25.14
N ARG B 485 -2.07 20.29 24.66
CA ARG B 485 -2.01 21.54 25.40
C ARG B 485 -2.66 21.38 26.78
N GLN B 486 -3.80 20.70 26.83
CA GLN B 486 -4.46 20.45 28.11
C GLN B 486 -3.56 19.67 29.05
N ILE B 487 -2.95 18.58 28.56
CA ILE B 487 -2.12 17.75 29.42
C ILE B 487 -0.84 18.48 29.84
N ARG B 488 -0.33 19.37 28.98
CA ARG B 488 0.88 20.11 29.33
C ARG B 488 0.59 21.19 30.37
N ASP B 489 -0.56 21.85 30.28
CA ASP B 489 -0.87 22.93 31.21
C ASP B 489 -1.07 22.45 32.64
N GLN B 490 -1.35 21.16 32.83
CA GLN B 490 -1.29 20.55 34.15
C GLN B 490 0.06 19.87 34.30
N GLY B 491 0.24 19.17 35.42
CA GLY B 491 1.47 18.44 35.63
C GLY B 491 1.48 17.11 34.89
N GLY B 492 0.96 17.08 33.65
CA GLY B 492 0.82 15.84 32.93
C GLY B 492 2.08 15.44 32.17
N LYS B 493 2.30 14.14 32.09
CA LYS B 493 3.46 13.57 31.40
C LYS B 493 3.09 13.16 29.98
N ILE B 494 3.90 13.59 29.02
CA ILE B 494 3.82 13.11 27.64
C ILE B 494 5.15 12.45 27.30
N VAL B 495 5.07 11.21 26.80
CA VAL B 495 6.23 10.43 26.40
C VAL B 495 6.17 10.27 24.89
N VAL B 496 7.31 10.40 24.22
CA VAL B 496 7.38 10.25 22.77
C VAL B 496 8.32 9.09 22.43
N THR B 497 7.85 8.17 21.60
CA THR B 497 8.68 7.14 21.01
C THR B 497 8.93 7.51 19.56
N ALA B 498 10.20 7.62 19.20
CA ALA B 498 10.60 8.12 17.90
C ALA B 498 11.44 7.08 17.15
N GLY B 499 11.37 7.15 15.83
CA GLY B 499 12.22 6.36 14.97
C GLY B 499 12.95 7.26 13.99
N PRO B 500 13.87 6.69 13.20
CA PRO B 500 14.60 7.50 12.22
C PRO B 500 13.71 8.14 11.17
N VAL B 501 12.47 7.66 11.02
CA VAL B 501 11.55 8.26 10.06
C VAL B 501 11.27 9.72 10.41
N VAL B 502 11.34 10.07 11.70
CA VAL B 502 11.18 11.47 12.10
C VAL B 502 12.23 12.32 11.42
N ILE B 503 13.45 11.80 11.32
CA ILE B 503 14.54 12.54 10.70
C ILE B 503 14.42 12.51 9.18
N HIS B 504 14.07 11.34 8.62
CA HIS B 504 14.03 11.19 7.16
C HIS B 504 13.05 12.14 6.50
N THR B 505 11.96 12.48 7.18
CA THR B 505 10.88 13.27 6.59
C THR B 505 10.98 14.75 6.92
N GLY B 506 12.12 15.19 7.46
CA GLY B 506 12.28 16.59 7.79
C GLY B 506 11.64 16.99 9.10
N GLY B 507 11.41 16.04 10.00
CA GLY B 507 10.73 16.31 11.25
C GLY B 507 11.65 16.52 12.43
N ALA B 508 12.97 16.55 12.19
CA ALA B 508 13.92 16.78 13.27
C ALA B 508 13.63 18.11 13.96
N GLN B 509 13.45 19.17 13.16
CA GLN B 509 13.23 20.50 13.73
C GLN B 509 11.94 20.58 14.53
N HIS B 510 10.88 19.95 14.04
CA HIS B 510 9.58 20.03 14.72
C HIS B 510 9.61 19.26 16.05
N LEU B 511 10.18 18.05 16.04
CA LEU B 511 10.33 17.30 17.29
C LEU B 511 11.25 18.04 18.26
N SER B 512 12.28 18.69 17.72
CA SER B 512 13.16 19.50 18.55
C SER B 512 12.39 20.64 19.21
N HIS B 513 11.49 21.28 18.44
CA HIS B 513 10.65 22.34 19.02
C HIS B 513 9.73 21.78 20.10
N LEU B 514 9.13 20.61 19.87
CA LEU B 514 8.27 20.01 20.89
C LEU B 514 9.03 19.71 22.17
N VAL B 515 10.27 19.24 22.06
CA VAL B 515 11.07 19.00 23.25
C VAL B 515 11.44 20.31 23.93
N ARG B 516 11.79 21.32 23.12
CA ARG B 516 12.17 22.62 23.67
C ARG B 516 11.04 23.27 24.45
N GLU B 517 9.84 23.27 23.87
CA GLU B 517 8.67 23.91 24.46
C GLU B 517 7.98 23.05 25.51
N GLY B 518 8.67 22.04 26.07
CA GLY B 518 8.16 21.30 27.21
C GLY B 518 7.04 20.32 26.94
N TYR B 519 6.82 19.94 25.68
CA TYR B 519 5.79 18.97 25.36
C TYR B 519 6.26 17.51 25.44
N VAL B 520 7.56 17.28 25.61
CA VAL B 520 8.13 15.93 25.63
C VAL B 520 8.84 15.72 26.96
N HIS B 521 8.33 14.79 27.77
CA HIS B 521 8.93 14.48 29.06
C HIS B 521 9.81 13.23 29.05
N ALA B 522 9.71 12.38 28.04
CA ALA B 522 10.64 11.27 27.91
C ALA B 522 10.72 10.87 26.44
N LEU B 523 11.89 10.32 26.05
CA LEU B 523 12.12 9.88 24.68
C LEU B 523 12.51 8.41 24.67
N LEU B 524 11.79 7.63 23.89
CA LEU B 524 12.08 6.21 23.69
C LEU B 524 12.43 6.03 22.22
N GLY B 525 13.64 5.56 21.95
CA GLY B 525 14.09 5.40 20.58
C GLY B 525 15.15 4.34 20.47
N GLY B 526 15.99 4.45 19.45
CA GLY B 526 17.06 3.50 19.23
C GLY B 526 18.34 4.15 18.75
N ASN B 527 19.31 3.32 18.35
CA ASN B 527 20.57 3.82 17.84
C ASN B 527 20.37 4.66 16.57
N ALA B 528 19.52 4.19 15.66
CA ALA B 528 19.41 4.78 14.34
C ALA B 528 18.93 6.23 14.42
N ILE B 529 17.89 6.49 15.20
CA ILE B 529 17.33 7.83 15.25
C ILE B 529 18.34 8.81 15.82
N ALA B 530 19.13 8.37 16.80
CA ALA B 530 20.14 9.24 17.40
C ALA B 530 21.25 9.54 16.40
N VAL B 531 21.75 8.51 15.70
CA VAL B 531 22.83 8.78 14.75
C VAL B 531 22.35 9.66 13.61
N HIS B 532 21.10 9.49 13.17
CA HIS B 532 20.60 10.31 12.06
C HIS B 532 20.34 11.75 12.50
N ASP B 533 19.80 11.94 13.71
CA ASP B 533 19.63 13.28 14.24
C ASP B 533 20.97 14.00 14.34
N ILE B 534 21.97 13.31 14.89
CA ILE B 534 23.28 13.94 15.06
C ILE B 534 23.94 14.20 13.70
N GLU B 535 23.73 13.31 12.73
CA GLU B 535 24.26 13.54 11.39
C GLU B 535 23.62 14.76 10.74
N GLN B 536 22.30 14.89 10.84
CA GLN B 536 21.66 16.08 10.27
C GLN B 536 22.10 17.34 10.97
N ALA B 537 22.37 17.27 12.27
CA ALA B 537 22.84 18.44 13.00
C ALA B 537 24.25 18.84 12.56
N THR B 538 25.12 17.84 12.32
CA THR B 538 26.51 18.16 12.00
C THR B 538 26.71 18.53 10.54
N MET B 539 26.22 17.69 9.62
CA MET B 539 26.52 17.83 8.20
C MET B 539 25.34 18.25 7.35
N GLY B 540 24.16 18.44 7.94
CA GLY B 540 23.00 18.88 7.18
C GLY B 540 22.35 17.84 6.30
N THR B 541 22.74 16.56 6.42
CA THR B 541 22.17 15.49 5.62
C THR B 541 21.93 14.29 6.53
N SER B 542 21.37 13.22 5.94
CA SER B 542 21.15 11.98 6.67
C SER B 542 20.84 10.86 5.69
N LEU B 543 21.52 9.73 5.85
CA LEU B 543 21.36 8.57 4.96
C LEU B 543 21.62 8.94 3.50
N GLY B 556 26.40 8.16 1.43
CA GLY B 556 25.44 7.16 1.86
C GLY B 556 25.67 6.68 3.29
N HIS B 557 26.15 5.45 3.43
CA HIS B 557 26.35 4.88 4.75
C HIS B 557 27.57 5.48 5.45
N ARG B 558 28.58 5.89 4.67
CA ARG B 558 29.85 6.37 5.21
C ARG B 558 29.65 7.42 6.31
N HIS B 559 28.98 8.52 5.97
CA HIS B 559 28.77 9.60 6.94
C HIS B 559 28.24 9.08 8.27
N HIS B 560 27.43 8.00 8.24
CA HIS B 560 26.94 7.44 9.49
C HIS B 560 28.08 7.04 10.41
N LEU B 561 29.00 6.19 9.94
CA LEU B 561 30.03 5.68 10.85
C LEU B 561 30.93 6.77 11.37
N LYS B 562 31.32 7.72 10.51
CA LYS B 562 32.16 8.81 10.99
C LYS B 562 31.48 9.50 12.16
N ILE B 563 30.17 9.77 12.02
CA ILE B 563 29.46 10.40 13.13
C ILE B 563 29.54 9.51 14.36
N ILE B 564 29.26 8.22 14.19
CA ILE B 564 29.33 7.31 15.32
C ILE B 564 30.73 7.34 15.92
N ASN B 565 31.75 7.29 15.07
CA ASN B 565 33.11 7.31 15.59
C ASN B 565 33.35 8.58 16.36
N SER B 566 32.95 9.72 15.79
CA SER B 566 33.09 10.98 16.50
C SER B 566 32.41 10.90 17.86
N VAL B 567 31.17 10.43 17.88
CA VAL B 567 30.46 10.39 19.16
C VAL B 567 31.15 9.42 20.10
N ARG B 568 31.61 8.28 19.57
CA ARG B 568 32.35 7.33 20.40
C ARG B 568 33.61 7.97 20.95
N ARG B 569 34.26 8.83 20.15
CA ARG B 569 35.45 9.51 20.63
C ARG B 569 35.12 10.36 21.84
N TYR B 570 34.00 11.10 21.79
CA TYR B 570 33.61 11.85 22.97
C TYR B 570 33.08 10.95 24.08
N GLY B 571 32.77 9.69 23.77
CA GLY B 571 32.30 8.74 24.76
C GLY B 571 30.81 8.80 25.06
N GLY B 572 30.04 9.58 24.31
CA GLY B 572 28.61 9.64 24.50
C GLY B 572 28.04 10.92 23.92
N ILE B 573 26.71 10.99 23.92
CA ILE B 573 26.05 12.16 23.35
C ILE B 573 26.22 13.37 24.28
N ARG B 574 26.10 13.16 25.59
CA ARG B 574 26.23 14.27 26.54
C ARG B 574 27.61 14.94 26.45
N GLN B 575 28.66 14.12 26.41
CA GLN B 575 30.01 14.66 26.26
C GLN B 575 30.13 15.45 24.97
N ALA B 576 29.63 14.90 23.87
CA ALA B 576 29.68 15.58 22.59
C ALA B 576 28.86 16.87 22.58
N VAL B 577 27.83 16.96 23.43
CA VAL B 577 27.06 18.19 23.52
C VAL B 577 27.83 19.26 24.28
N GLU B 578 28.40 18.90 25.43
CA GLU B 578 29.12 19.92 26.19
C GLU B 578 30.43 20.31 25.51
N ALA B 579 31.03 19.41 24.72
CA ALA B 579 32.24 19.71 23.96
C ALA B 579 31.97 20.49 22.68
N GLY B 580 30.72 20.91 22.46
CA GLY B 580 30.38 21.67 21.27
C GLY B 580 30.39 20.90 19.97
N PHE B 581 30.22 19.59 20.02
CA PHE B 581 30.14 18.81 18.79
C PHE B 581 28.70 18.73 18.27
N ILE B 582 27.73 18.67 19.17
CA ILE B 582 26.31 18.69 18.83
C ILE B 582 25.73 20.00 19.35
N SER B 583 25.38 20.90 18.43
CA SER B 583 24.81 22.19 18.77
C SER B 583 23.30 22.23 18.60
N LYS B 584 22.73 21.30 17.83
CA LYS B 584 21.30 21.30 17.53
C LYS B 584 20.84 19.86 17.41
N GLY B 585 19.52 19.68 17.47
CA GLY B 585 18.89 18.40 17.21
C GLY B 585 18.02 17.95 18.36
N VAL B 586 17.40 16.78 18.17
CA VAL B 586 16.53 16.21 19.19
C VAL B 586 17.33 15.77 20.40
N MET B 587 18.43 15.05 20.16
CA MET B 587 19.28 14.62 21.26
C MET B 587 19.90 15.81 21.96
N TYR B 588 20.25 16.84 21.20
CA TYR B 588 20.77 18.07 21.79
C TYR B 588 19.76 18.70 22.75
N GLU B 589 18.51 18.84 22.30
CA GLU B 589 17.50 19.44 23.17
C GLU B 589 17.18 18.55 24.35
N CYS B 590 17.31 17.23 24.20
CA CYS B 590 17.09 16.33 25.33
C CYS B 590 18.18 16.50 26.38
N VAL B 591 19.44 16.60 25.93
CA VAL B 591 20.54 16.80 26.88
C VAL B 591 20.46 18.17 27.53
N LYS B 592 20.18 19.20 26.74
CA LYS B 592 20.16 20.57 27.25
C LYS B 592 19.03 20.76 28.26
N ASN B 593 17.81 20.46 27.86
CA ASN B 593 16.62 20.61 28.69
C ASN B 593 16.41 19.47 29.70
N ASN B 594 17.37 18.55 29.87
CA ASN B 594 17.29 17.48 30.87
C ASN B 594 16.04 16.63 30.69
N ILE B 595 15.93 16.00 29.52
CA ILE B 595 14.87 15.05 29.23
C ILE B 595 15.44 13.64 29.30
N PRO B 596 14.83 12.73 30.06
CA PRO B 596 15.32 11.34 30.07
C PRO B 596 15.00 10.65 28.73
N TYR B 597 16.01 9.99 28.18
CA TYR B 597 15.84 9.23 26.95
C TYR B 597 16.44 7.85 27.12
N CYS B 598 15.95 6.92 26.31
CA CYS B 598 16.48 5.56 26.30
C CYS B 598 16.56 5.07 24.86
N LEU B 599 17.75 4.66 24.45
CA LEU B 599 18.01 4.14 23.11
C LEU B 599 18.13 2.63 23.23
N ALA B 600 17.08 1.91 22.84
CA ALA B 600 17.12 0.46 22.84
C ALA B 600 17.91 -0.02 21.64
N GLY B 601 18.69 -1.07 21.85
CA GLY B 601 19.49 -1.60 20.79
C GLY B 601 18.70 -2.49 19.84
N SER B 602 19.30 -2.73 18.68
CA SER B 602 18.75 -3.63 17.68
C SER B 602 19.91 -4.38 17.06
N ILE B 603 19.62 -5.55 16.49
CA ILE B 603 20.68 -6.32 15.83
C ILE B 603 21.27 -5.59 14.63
N ARG B 604 20.55 -4.64 14.07
CA ARG B 604 21.06 -3.89 12.92
C ARG B 604 22.00 -2.76 13.32
N ASP B 605 22.19 -2.52 14.62
CA ASP B 605 22.88 -1.33 15.10
C ASP B 605 24.36 -1.32 14.70
N ASP B 606 24.79 -0.22 14.06
CA ASP B 606 26.19 0.04 13.77
C ASP B 606 26.81 0.78 14.96
N GLY B 607 28.07 0.46 15.27
CA GLY B 607 28.70 1.02 16.45
C GLY B 607 28.60 0.09 17.65
N PRO B 608 27.61 0.33 18.54
CA PRO B 608 26.65 1.45 18.54
C PRO B 608 27.19 2.74 19.15
N LEU B 609 26.31 3.72 19.30
CA LEU B 609 26.64 4.88 20.12
C LEU B 609 26.82 4.42 21.56
N PRO B 610 27.71 5.06 22.32
CA PRO B 610 27.90 4.67 23.73
C PRO B 610 26.62 4.63 24.55
N ASP B 611 25.62 5.42 24.16
CA ASP B 611 24.39 5.57 24.94
C ASP B 611 23.40 4.42 24.74
N THR B 612 23.38 3.79 23.57
CA THR B 612 22.36 2.79 23.27
C THR B 612 22.56 1.53 24.10
N GLU B 613 21.52 1.14 24.83
CA GLU B 613 21.58 -0.04 25.69
C GLU B 613 21.47 -1.30 24.83
N MET B 614 22.59 -2.01 24.69
CA MET B 614 22.62 -3.23 23.87
C MET B 614 22.14 -4.48 24.60
N ASN B 615 21.86 -4.40 25.89
CA ASN B 615 21.28 -5.51 26.64
C ASN B 615 19.81 -5.21 26.85
N LEU B 616 18.94 -5.95 26.15
CA LEU B 616 17.55 -5.53 25.99
C LEU B 616 16.68 -5.77 27.21
N VAL B 617 17.10 -6.61 28.17
CA VAL B 617 16.37 -6.67 29.43
C VAL B 617 16.52 -5.35 30.18
N ARG B 618 17.75 -4.83 30.24
CA ARG B 618 18.02 -3.52 30.82
C ARG B 618 17.25 -2.43 30.09
N ALA B 619 17.21 -2.51 28.76
CA ALA B 619 16.50 -1.52 27.96
C ALA B 619 15.00 -1.57 28.21
N GLN B 620 14.43 -2.77 28.31
CA GLN B 620 13.01 -2.91 28.62
C GLN B 620 12.70 -2.33 29.99
N SER B 621 13.60 -2.56 30.96
CA SER B 621 13.41 -1.99 32.29
C SER B 621 13.39 -0.46 32.23
N ARG B 622 14.37 0.14 31.54
CA ARG B 622 14.41 1.59 31.43
C ARG B 622 13.19 2.13 30.70
N TYR B 623 12.72 1.41 29.69
CA TYR B 623 11.50 1.79 28.97
C TYR B 623 10.31 1.84 29.91
N SER B 624 10.13 0.78 30.69
CA SER B 624 9.02 0.73 31.65
C SER B 624 9.15 1.85 32.68
N GLU B 625 10.38 2.16 33.10
CA GLU B 625 10.59 3.26 34.03
C GLU B 625 10.13 4.59 33.44
N LEU B 626 10.60 4.92 32.23
CA LEU B 626 10.25 6.19 31.61
C LEU B 626 8.76 6.27 31.27
N ILE B 627 8.08 5.12 31.11
CA ILE B 627 6.66 5.11 30.78
C ILE B 627 5.74 5.37 31.95
N GLN B 628 6.24 5.34 33.20
CA GLN B 628 5.38 5.23 34.38
C GLN B 628 4.29 6.30 34.55
N GLY B 629 4.66 7.57 34.71
CA GLY B 629 3.68 8.63 34.92
C GLY B 629 2.94 9.16 33.71
N ALA B 630 2.87 8.40 32.61
CA ALA B 630 2.41 8.97 31.34
C ALA B 630 0.91 9.15 31.26
N ASP B 631 0.52 10.23 30.59
CA ASP B 631 -0.85 10.55 30.19
C ASP B 631 -1.08 10.42 28.69
N MET B 632 -0.02 10.66 27.90
CA MET B 632 -0.04 10.53 26.46
C MET B 632 1.29 9.98 25.96
N ILE B 633 1.22 9.22 24.86
CA ILE B 633 2.39 8.66 24.20
C ILE B 633 2.31 8.99 22.72
N LEU B 634 3.23 9.82 22.24
CA LEU B 634 3.36 10.12 20.82
C LEU B 634 4.22 9.05 20.18
N MET B 635 3.62 8.31 19.26
CA MET B 635 4.26 7.20 18.58
C MET B 635 4.52 7.65 17.15
N LEU B 636 5.80 7.82 16.79
CA LEU B 636 6.19 8.34 15.48
C LEU B 636 6.76 7.11 14.78
N SER B 637 5.86 6.41 14.09
CA SER B 637 5.82 4.95 14.08
C SER B 637 7.10 4.24 13.65
N SER B 638 7.72 3.61 14.62
CA SER B 638 8.62 2.51 14.39
C SER B 638 7.80 1.32 14.87
N MET B 639 7.40 0.47 13.93
CA MET B 639 6.38 -0.53 14.23
C MET B 639 6.82 -1.42 15.38
N LEU B 640 8.07 -1.89 15.35
CA LEU B 640 8.61 -2.68 16.45
C LEU B 640 8.59 -1.88 17.76
N HIS B 641 9.10 -0.65 17.72
CA HIS B 641 9.10 0.19 18.92
C HIS B 641 7.68 0.49 19.39
N SER B 642 6.78 0.81 18.46
CA SER B 642 5.43 1.17 18.87
C SER B 642 4.71 -0.01 19.50
N ILE B 643 4.86 -1.21 18.94
CA ILE B 643 4.20 -2.36 19.54
C ILE B 643 4.81 -2.70 20.90
N GLY B 644 6.13 -2.61 21.04
CA GLY B 644 6.72 -2.90 22.34
C GLY B 644 6.30 -1.91 23.42
N VAL B 645 6.33 -0.62 23.08
CA VAL B 645 5.93 0.40 24.05
C VAL B 645 4.44 0.28 24.36
N GLY B 646 3.63 -0.07 23.36
CA GLY B 646 2.21 -0.27 23.62
C GLY B 646 1.94 -1.45 24.54
N ASN B 647 2.63 -2.57 24.32
CA ASN B 647 2.53 -3.69 25.24
C ASN B 647 2.96 -3.29 26.65
N MET B 648 3.87 -2.32 26.77
CA MET B 648 4.26 -1.89 28.11
C MET B 648 3.30 -0.88 28.73
N THR B 649 2.42 -0.26 27.95
CA THR B 649 1.61 0.81 28.53
C THR B 649 0.27 0.27 29.06
N PRO B 650 -0.21 0.78 30.19
CA PRO B 650 -1.53 0.40 30.70
C PRO B 650 -2.65 1.15 29.95
N SER B 651 -3.88 0.82 30.30
CA SER B 651 -5.04 1.47 29.71
C SER B 651 -5.23 2.84 30.36
N GLY B 652 -6.16 3.62 29.81
CA GLY B 652 -6.36 4.99 30.23
C GLY B 652 -5.46 5.99 29.52
N VAL B 653 -4.29 5.56 29.08
CA VAL B 653 -3.37 6.46 28.38
C VAL B 653 -3.83 6.62 26.95
N LYS B 654 -3.72 7.84 26.43
CA LYS B 654 -4.08 8.11 25.05
C LYS B 654 -2.89 7.78 24.15
N MET B 655 -3.15 7.03 23.09
CA MET B 655 -2.11 6.57 22.19
C MET B 655 -2.29 7.32 20.88
N VAL B 656 -1.25 8.03 20.46
CA VAL B 656 -1.24 8.70 19.16
C VAL B 656 -0.25 7.95 18.29
N CYS B 657 -0.76 7.32 17.24
CA CYS B 657 0.05 6.49 16.36
C CYS B 657 0.02 7.09 14.96
N VAL B 658 1.20 7.49 14.46
CA VAL B 658 1.33 8.16 13.17
C VAL B 658 2.22 7.31 12.28
N ASP B 659 1.76 7.04 11.06
CA ASP B 659 2.55 6.35 10.07
C ASP B 659 1.92 6.57 8.70
N ILE B 660 2.76 6.50 7.66
CA ILE B 660 2.27 6.70 6.30
C ILE B 660 1.74 5.40 5.68
N ASN B 661 1.96 4.35 6.29
CA ASN B 661 1.57 2.98 6.02
C ASN B 661 0.20 2.73 6.64
N PRO B 662 -0.63 1.83 6.10
CA PRO B 662 -1.79 1.40 6.90
C PRO B 662 -1.34 0.42 7.97
N ALA B 663 -0.18 0.70 8.54
CA ALA B 663 0.35 0.01 9.70
C ALA B 663 -0.32 0.49 10.96
N VAL B 664 -1.38 1.29 10.83
CA VAL B 664 -2.08 1.74 12.02
C VAL B 664 -2.99 0.61 12.43
N VAL B 665 -2.39 -0.44 12.97
CA VAL B 665 -3.11 -1.52 13.62
C VAL B 665 -2.94 -1.17 15.10
N THR B 666 -3.84 -0.34 15.59
CA THR B 666 -3.80 0.13 16.97
C THR B 666 -5.05 -0.38 17.67
N LYS B 667 -4.85 -1.23 18.67
CA LYS B 667 -5.88 -2.17 19.10
C LYS B 667 -7.19 -1.47 19.46
N LEU B 668 -7.15 -0.57 20.45
CA LEU B 668 -8.40 -0.05 20.99
C LEU B 668 -8.22 1.38 21.46
N SER B 669 -9.35 2.11 21.46
CA SER B 669 -9.41 3.44 22.04
C SER B 669 -9.71 3.31 23.53
N ASP B 670 -8.81 3.81 24.37
CA ASP B 670 -8.99 3.71 25.81
C ASP B 670 -8.23 4.83 26.51
N SER B 676 -5.50 4.08 20.51
CA SER B 676 -6.50 5.14 20.69
C SER B 676 -6.79 5.87 19.38
N VAL B 677 -5.92 6.83 19.03
CA VAL B 677 -6.06 7.59 17.79
C VAL B 677 -4.89 7.26 16.89
N GLY B 678 -5.20 6.99 15.62
CA GLY B 678 -4.19 6.73 14.61
C GLY B 678 -4.30 7.71 13.47
N VAL B 679 -3.16 8.06 12.88
CA VAL B 679 -3.09 9.03 11.80
C VAL B 679 -2.31 8.44 10.64
N VAL B 680 -2.82 8.63 9.42
CA VAL B 680 -2.17 8.09 8.23
C VAL B 680 -1.69 9.22 7.34
N THR B 681 -0.56 9.84 7.69
CA THR B 681 0.01 10.92 6.90
C THR B 681 1.53 10.72 6.87
N ASP B 682 2.24 11.71 6.34
CA ASP B 682 3.69 11.76 6.45
C ASP B 682 4.05 12.29 7.83
N VAL B 683 4.90 11.56 8.55
CA VAL B 683 5.17 11.88 9.95
C VAL B 683 5.80 13.26 10.09
N GLY B 684 6.64 13.64 9.13
CA GLY B 684 7.18 15.00 9.15
C GLY B 684 6.11 16.04 8.93
N LEU B 685 5.22 15.78 7.98
CA LEU B 685 4.08 16.65 7.75
C LEU B 685 3.18 16.72 8.97
N PHE B 686 2.95 15.57 9.62
CA PHE B 686 2.19 15.54 10.87
C PHE B 686 2.83 16.44 11.93
N LEU B 687 4.16 16.35 12.07
CA LEU B 687 4.85 17.15 13.06
C LEU B 687 4.76 18.64 12.72
N SER B 688 4.84 18.96 11.43
CA SER B 688 4.73 20.36 11.01
C SER B 688 3.34 20.91 11.37
N LEU B 689 2.29 20.15 11.05
CA LEU B 689 0.94 20.58 11.39
C LEU B 689 0.76 20.69 12.91
N LEU B 690 1.31 19.74 13.67
CA LEU B 690 1.16 19.77 15.12
C LEU B 690 1.85 20.98 15.72
N VAL B 691 3.07 21.27 15.27
CA VAL B 691 3.79 22.44 15.79
C VAL B 691 3.07 23.72 15.40
N ARG B 692 2.54 23.78 14.17
CA ARG B 692 1.81 24.97 13.74
C ARG B 692 0.58 25.19 14.62
N GLN B 693 -0.21 24.14 14.85
CA GLN B 693 -1.41 24.29 15.67
C GLN B 693 -1.07 24.60 17.13
N LEU B 694 0.01 24.00 17.64
CA LEU B 694 0.40 24.27 19.02
C LEU B 694 0.93 25.68 19.20
N GLN B 695 1.59 26.24 18.17
CA GLN B 695 2.01 27.63 18.21
C GLN B 695 0.84 28.60 18.09
N GLN B 696 -0.39 28.11 18.13
CA GLN B 696 -1.57 28.96 18.20
C GLN B 696 -2.19 28.95 19.59
N LEU B 697 -1.81 27.98 20.43
CA LEU B 697 -2.16 27.97 21.84
C LEU B 697 -0.97 28.45 22.66
N THR B 698 -0.21 29.38 22.08
CA THR B 698 0.92 30.04 22.70
C THR B 698 0.94 31.54 22.44
N ARG B 699 0.15 32.03 21.48
CA ARG B 699 0.16 33.44 21.11
C ARG B 699 -0.41 34.31 22.23
N ASP C 6 -34.93 47.69 32.04
CA ASP C 6 -34.64 46.83 33.18
C ASP C 6 -34.20 45.43 32.72
N ILE C 7 -32.89 45.21 32.71
CA ILE C 7 -32.30 43.92 32.37
C ILE C 7 -31.72 43.34 33.65
N ARG C 8 -32.22 42.17 34.04
CA ARG C 8 -31.80 41.52 35.27
C ARG C 8 -31.11 40.20 34.95
N ILE C 9 -29.98 39.96 35.61
CA ILE C 9 -29.13 38.79 35.36
C ILE C 9 -28.89 38.09 36.69
N LEU C 10 -29.03 36.76 36.69
CA LEU C 10 -28.86 35.96 37.89
C LEU C 10 -27.46 35.35 37.93
N MET C 11 -26.79 35.44 39.07
CA MET C 11 -25.45 34.90 39.24
C MET C 11 -25.31 34.19 40.58
N CYS C 12 -24.19 33.46 40.75
CA CYS C 12 -23.90 32.66 41.93
C CYS C 12 -22.42 32.71 42.28
N PRO C 13 -22.06 33.13 43.49
CA PRO C 13 -20.64 33.30 43.85
C PRO C 13 -19.97 31.95 44.09
N PRO C 14 -18.61 31.87 43.88
CA PRO C 14 -17.84 30.63 44.06
C PRO C 14 -17.49 30.32 45.52
N ASP C 15 -18.48 30.41 46.40
CA ASP C 15 -18.24 30.19 47.81
C ASP C 15 -17.91 28.73 48.13
N HIS C 16 -18.31 27.79 47.27
CA HIS C 16 -17.96 26.38 47.44
C HIS C 16 -17.40 25.80 46.16
N TYR C 17 -16.68 26.60 45.37
CA TYR C 17 -16.26 26.16 44.04
C TYR C 17 -15.04 25.26 44.12
N ASP C 18 -15.12 24.10 43.47
CA ASP C 18 -14.01 23.18 43.35
C ASP C 18 -14.18 22.42 42.04
N VAL C 19 -13.29 21.48 41.77
CA VAL C 19 -13.35 20.66 40.57
C VAL C 19 -13.24 19.21 41.00
N ASP C 20 -14.34 18.46 40.87
CA ASP C 20 -14.37 17.06 41.28
C ASP C 20 -15.02 16.15 40.25
N TYR C 21 -15.37 16.64 39.07
CA TYR C 21 -16.09 15.86 38.08
C TYR C 21 -15.19 15.55 36.89
N VAL C 22 -15.68 14.66 36.04
CA VAL C 22 -15.13 14.40 34.71
C VAL C 22 -16.25 14.63 33.71
N ILE C 23 -17.12 15.60 34.01
CA ILE C 23 -18.37 15.77 33.28
C ILE C 23 -18.13 16.11 31.81
N ASN C 24 -17.07 16.86 31.49
CA ASN C 24 -16.85 17.28 30.12
C ASN C 24 -15.36 17.26 29.79
N PRO C 25 -14.97 17.34 28.51
CA PRO C 25 -13.54 17.17 28.17
C PRO C 25 -12.64 18.23 28.76
N TRP C 26 -13.18 19.36 29.23
CA TRP C 26 -12.35 20.39 29.82
C TRP C 26 -11.90 20.06 31.24
N MET C 27 -12.59 19.13 31.91
CA MET C 27 -12.28 18.81 33.30
C MET C 27 -11.25 17.70 33.46
N GLU C 28 -11.05 16.87 32.43
CA GLU C 28 -10.13 15.75 32.52
C GLU C 28 -8.70 16.23 32.78
N GLY C 29 -8.20 15.99 33.99
CA GLY C 29 -6.88 16.41 34.39
C GLY C 29 -6.83 17.63 35.28
N ASN C 30 -7.98 18.18 35.67
CA ASN C 30 -8.04 19.41 36.46
C ASN C 30 -8.75 19.21 37.79
N ILE C 31 -8.78 17.98 38.29
CA ILE C 31 -9.44 17.71 39.57
C ILE C 31 -8.66 18.37 40.69
N HIS C 32 -9.36 19.16 41.51
CA HIS C 32 -8.78 19.83 42.68
C HIS C 32 -7.60 20.74 42.30
N LYS C 33 -7.60 21.25 41.07
CA LYS C 33 -6.52 22.06 40.53
C LYS C 33 -6.97 23.47 40.24
N SER C 34 -7.75 24.06 41.15
CA SER C 34 -8.20 25.44 41.02
C SER C 34 -7.99 26.16 42.34
N SER C 35 -7.41 27.36 42.27
CA SER C 35 -7.18 28.18 43.46
C SER C 35 -8.37 29.12 43.61
N GLN C 36 -9.17 28.90 44.67
CA GLN C 36 -10.37 29.70 44.85
C GLN C 36 -10.08 31.19 45.00
N GLU C 37 -8.86 31.58 45.35
CA GLU C 37 -8.54 33.00 45.47
C GLU C 37 -8.65 33.70 44.12
N ARG C 38 -7.97 33.16 43.10
CA ARG C 38 -8.06 33.73 41.76
C ARG C 38 -9.47 33.64 41.22
N ALA C 39 -10.16 32.53 41.51
CA ALA C 39 -11.54 32.35 41.05
C ALA C 39 -12.45 33.44 41.61
N VAL C 40 -12.35 33.69 42.93
CA VAL C 40 -13.15 34.73 43.57
C VAL C 40 -12.80 36.10 43.00
N GLU C 41 -11.50 36.37 42.79
CA GLU C 41 -11.11 37.66 42.22
C GLU C 41 -11.76 37.85 40.85
N GLN C 42 -11.70 36.83 40.00
CA GLN C 42 -12.26 36.93 38.66
C GLN C 42 -13.78 37.03 38.69
N TRP C 43 -14.43 36.26 39.57
CA TRP C 43 -15.88 36.35 39.70
C TRP C 43 -16.32 37.73 40.17
N LYS C 44 -15.60 38.31 41.14
CA LYS C 44 -15.92 39.65 41.60
C LYS C 44 -15.75 40.66 40.47
N LYS C 45 -14.65 40.56 39.73
CA LYS C 45 -14.43 41.46 38.60
C LYS C 45 -15.57 41.38 37.59
N LEU C 46 -15.97 40.15 37.23
CA LEU C 46 -17.04 39.99 36.25
C LEU C 46 -18.37 40.48 36.81
N HIS C 47 -18.64 40.19 38.09
CA HIS C 47 -19.88 40.64 38.70
C HIS C 47 -19.98 42.16 38.66
N GLN C 48 -18.89 42.85 38.97
CA GLN C 48 -18.90 44.30 38.94
C GLN C 48 -19.06 44.82 37.51
N THR C 49 -18.35 44.20 36.56
CA THR C 49 -18.45 44.63 35.16
C THR C 49 -19.88 44.50 34.64
N ILE C 50 -20.54 43.38 34.96
CA ILE C 50 -21.92 43.18 34.52
C ILE C 50 -22.87 44.06 35.31
N LYS C 51 -22.56 44.34 36.58
CA LYS C 51 -23.37 45.27 37.36
C LYS C 51 -23.37 46.66 36.75
N GLU C 52 -22.28 47.02 36.06
CA GLU C 52 -22.25 48.32 35.39
C GLU C 52 -23.27 48.42 34.26
N CYS C 53 -23.78 47.30 33.76
CA CYS C 53 -24.69 47.31 32.62
C CYS C 53 -26.09 46.79 32.91
N ALA C 54 -26.30 46.07 34.02
CA ALA C 54 -27.59 45.46 34.28
C ALA C 54 -27.69 45.11 35.76
N ILE C 55 -28.89 44.76 36.19
CA ILE C 55 -29.13 44.37 37.58
C ILE C 55 -28.75 42.91 37.76
N VAL C 56 -27.88 42.64 38.72
CA VAL C 56 -27.35 41.31 38.97
C VAL C 56 -27.87 40.81 40.30
N ASP C 57 -28.81 39.86 40.26
CA ASP C 57 -29.26 39.15 41.45
C ASP C 57 -28.32 37.98 41.75
N LEU C 58 -28.09 37.73 43.03
CA LEU C 58 -27.25 36.62 43.46
C LEU C 58 -28.07 35.56 44.19
N VAL C 59 -27.56 34.33 44.16
CA VAL C 59 -28.14 33.20 44.88
C VAL C 59 -27.06 32.59 45.77
N LYS C 60 -27.45 32.14 46.95
CA LYS C 60 -26.51 31.52 47.85
C LYS C 60 -26.14 30.13 47.32
N PRO C 61 -24.86 29.81 47.17
CA PRO C 61 -24.47 28.45 46.77
C PRO C 61 -24.72 27.44 47.88
N ALA C 62 -24.44 26.16 47.60
CA ALA C 62 -24.56 25.11 48.59
C ALA C 62 -23.26 24.32 48.64
N LYS C 63 -22.92 23.87 49.85
CA LYS C 63 -21.75 23.02 50.01
C LYS C 63 -22.02 21.65 49.39
N GLY C 64 -21.04 21.15 48.63
CA GLY C 64 -21.23 19.91 47.90
C GLY C 64 -21.66 20.08 46.47
N TRP C 65 -21.90 21.31 46.02
CA TRP C 65 -22.31 21.61 44.65
C TRP C 65 -21.44 22.76 44.15
N PRO C 66 -20.22 22.47 43.71
CA PRO C 66 -19.30 23.53 43.29
C PRO C 66 -19.63 24.10 41.92
N ASP C 67 -20.18 23.28 41.02
CA ASP C 67 -20.53 23.71 39.69
C ASP C 67 -21.87 24.46 39.66
N MET C 68 -22.36 24.91 40.81
CA MET C 68 -23.52 25.78 40.86
C MET C 68 -23.23 27.20 40.42
N VAL C 69 -21.95 27.58 40.32
CA VAL C 69 -21.61 28.93 39.90
C VAL C 69 -22.05 29.19 38.47
N PHE C 70 -22.08 28.16 37.63
CA PHE C 70 -22.50 28.29 36.24
C PHE C 70 -24.01 28.38 36.20
N THR C 71 -24.53 29.61 36.37
CA THR C 71 -25.96 29.82 36.48
C THR C 71 -26.71 29.66 35.16
N ALA C 72 -26.01 29.70 34.02
CA ALA C 72 -26.67 29.53 32.74
C ALA C 72 -27.37 28.18 32.65
N ASN C 73 -26.86 27.18 33.37
CA ASN C 73 -27.44 25.84 33.37
C ASN C 73 -28.61 25.69 34.34
N ALA C 74 -29.02 26.77 35.00
CA ALA C 74 -30.16 26.65 35.92
C ALA C 74 -31.43 26.35 35.16
N GLY C 75 -31.62 27.00 34.02
CA GLY C 75 -32.84 26.86 33.25
C GLY C 75 -32.98 28.00 32.27
N LEU C 76 -34.00 27.90 31.43
CA LEU C 76 -34.31 28.95 30.47
C LEU C 76 -35.55 29.69 30.93
N VAL C 77 -35.42 31.02 31.06
CA VAL C 77 -36.48 31.86 31.58
C VAL C 77 -37.03 32.71 30.45
N LEU C 78 -38.36 32.77 30.34
CA LEU C 78 -39.03 33.67 29.42
C LEU C 78 -40.33 34.16 30.04
N GLY C 79 -40.43 35.47 30.28
CA GLY C 79 -41.65 36.04 30.80
C GLY C 79 -42.24 35.42 32.05
N GLU C 80 -41.45 35.35 33.12
CA GLU C 80 -41.89 34.77 34.38
C GLU C 80 -42.03 33.25 34.31
N ASN C 81 -41.84 32.67 33.13
CA ASN C 81 -41.91 31.23 32.97
C ASN C 81 -40.49 30.69 32.80
N VAL C 82 -40.16 29.64 33.55
CA VAL C 82 -38.85 29.01 33.49
C VAL C 82 -39.03 27.50 33.33
N VAL C 83 -38.24 26.91 32.42
CA VAL C 83 -38.15 25.46 32.29
C VAL C 83 -36.93 25.02 33.09
N LEU C 84 -37.19 24.38 34.23
CA LEU C 84 -36.12 23.92 35.10
C LEU C 84 -35.32 22.83 34.38
N SER C 85 -34.01 22.85 34.60
CA SER C 85 -33.11 21.95 33.88
C SER C 85 -33.15 20.54 34.45
N ARG C 86 -32.94 19.57 33.57
CA ARG C 86 -32.75 18.17 33.96
C ARG C 86 -31.36 17.80 33.47
N PHE C 87 -30.39 17.78 34.38
CA PHE C 87 -29.00 17.63 33.98
C PHE C 87 -28.73 16.22 33.45
N TYR C 88 -27.79 16.15 32.51
CA TYR C 88 -27.42 14.87 31.91
C TYR C 88 -26.71 13.98 32.92
N HIS C 89 -25.67 14.48 33.56
CA HIS C 89 -24.96 13.69 34.54
C HIS C 89 -25.58 13.88 35.93
N LYS C 90 -25.28 12.94 36.82
CA LYS C 90 -25.82 12.99 38.17
C LYS C 90 -25.08 13.99 39.05
N GLU C 91 -23.87 14.38 38.67
CA GLU C 91 -23.06 15.25 39.51
C GLU C 91 -23.64 16.65 39.66
N ARG C 92 -24.54 17.07 38.76
CA ARG C 92 -25.17 18.37 38.86
C ARG C 92 -26.69 18.28 38.99
N GLN C 93 -27.26 17.08 39.11
CA GLN C 93 -28.70 16.98 39.32
C GLN C 93 -29.08 17.39 40.73
N GLY C 94 -28.16 17.24 41.70
CA GLY C 94 -28.46 17.63 43.06
C GLY C 94 -28.65 19.13 43.25
N GLU C 95 -28.07 19.95 42.38
CA GLU C 95 -28.27 21.40 42.50
C GLU C 95 -29.61 21.85 41.93
N GLU C 96 -30.29 21.02 41.14
CA GLU C 96 -31.59 21.41 40.59
C GLU C 96 -32.57 21.88 41.66
N PRO C 97 -32.66 21.26 42.84
CA PRO C 97 -33.62 21.77 43.83
C PRO C 97 -33.35 23.20 44.28
N TYR C 98 -32.09 23.56 44.53
CA TYR C 98 -31.79 24.93 44.93
C TYR C 98 -32.21 25.94 43.86
N PHE C 99 -31.93 25.63 42.58
CA PHE C 99 -32.36 26.49 41.49
C PHE C 99 -33.88 26.58 41.43
N LYS C 100 -34.56 25.44 41.49
CA LYS C 100 -36.02 25.43 41.51
C LYS C 100 -36.54 26.27 42.67
N ALA C 101 -35.85 26.19 43.82
CA ALA C 101 -36.24 26.98 44.98
C ALA C 101 -36.17 28.47 44.68
N TRP C 102 -35.04 28.93 44.13
CA TRP C 102 -34.94 30.35 43.79
C TRP C 102 -36.01 30.76 42.78
N PHE C 103 -36.20 29.96 41.74
CA PHE C 103 -37.21 30.30 40.73
C PHE C 103 -38.59 30.40 41.35
N GLU C 104 -38.95 29.48 42.23
CA GLU C 104 -40.25 29.56 42.88
C GLU C 104 -40.32 30.74 43.84
N GLU C 105 -39.20 31.05 44.51
CA GLU C 105 -39.15 32.16 45.45
C GLU C 105 -39.22 33.52 44.77
N ASN C 106 -38.95 33.58 43.47
CA ASN C 106 -38.97 34.84 42.75
C ASN C 106 -40.16 34.93 41.78
N GLY C 107 -41.20 34.12 42.00
CA GLY C 107 -42.44 34.31 41.29
C GLY C 107 -42.48 33.76 39.89
N PHE C 108 -41.75 32.69 39.61
CA PHE C 108 -41.72 32.09 38.29
C PHE C 108 -42.64 30.89 38.23
N THR C 109 -43.30 30.72 37.07
CA THR C 109 -44.11 29.52 36.84
C THR C 109 -43.13 28.45 36.39
N VAL C 110 -42.67 27.65 37.35
CA VAL C 110 -41.61 26.69 37.10
C VAL C 110 -42.21 25.47 36.41
N TYR C 111 -41.55 25.04 35.34
CA TYR C 111 -41.88 23.80 34.66
C TYR C 111 -40.70 22.85 34.76
N GLU C 112 -40.98 21.57 34.93
CA GLU C 112 -39.94 20.55 35.02
C GLU C 112 -40.11 19.56 33.89
N LEU C 113 -39.00 19.09 33.37
CA LEU C 113 -39.02 18.14 32.27
C LEU C 113 -39.02 16.72 32.82
N PRO C 114 -39.43 15.74 32.02
CA PRO C 114 -39.33 14.35 32.47
C PRO C 114 -37.93 14.02 32.96
N GLN C 115 -37.85 13.15 33.95
CA GLN C 115 -36.56 12.78 34.52
C GLN C 115 -35.64 12.12 33.50
N ASP C 116 -36.21 11.54 32.45
CA ASP C 116 -35.42 10.88 31.42
C ASP C 116 -35.07 11.79 30.26
N LEU C 117 -35.58 13.03 30.25
CA LEU C 117 -35.46 13.91 29.10
C LEU C 117 -34.57 15.08 29.52
N PRO C 118 -33.27 15.03 29.25
CA PRO C 118 -32.36 16.08 29.76
C PRO C 118 -32.38 17.36 28.96
N PHE C 119 -32.24 18.47 29.67
CA PHE C 119 -32.11 19.80 29.07
C PHE C 119 -31.33 20.67 30.04
N GLU C 120 -30.24 21.28 29.56
CA GLU C 120 -29.31 21.97 30.44
C GLU C 120 -29.45 23.49 30.38
N GLY C 121 -30.68 23.97 30.14
CA GLY C 121 -31.02 25.36 30.40
C GLY C 121 -30.53 26.33 29.33
N ALA C 122 -30.24 27.55 29.77
CA ALA C 122 -29.79 28.60 28.87
C ALA C 122 -28.41 28.35 28.30
N GLY C 123 -27.69 27.34 28.80
CA GLY C 123 -26.44 26.95 28.17
C GLY C 123 -26.67 26.29 26.83
N ASP C 124 -27.81 25.65 26.64
CA ASP C 124 -28.17 24.99 25.38
C ASP C 124 -29.41 25.59 24.74
N ALA C 125 -29.86 26.75 25.20
CA ALA C 125 -31.01 27.42 24.60
C ALA C 125 -30.79 28.92 24.71
N LEU C 126 -30.59 29.58 23.57
CA LEU C 126 -30.34 31.01 23.52
C LEU C 126 -31.37 31.66 22.61
N PHE C 127 -32.06 32.66 23.12
CA PHE C 127 -33.04 33.36 22.29
C PHE C 127 -32.31 34.29 21.31
N ASP C 128 -32.91 34.45 20.13
CA ASP C 128 -32.47 35.53 19.26
C ASP C 128 -32.79 36.85 19.95
N ARG C 129 -31.86 37.79 19.87
CA ARG C 129 -31.97 39.02 20.65
C ARG C 129 -33.21 39.81 20.27
N GLU C 130 -33.65 39.68 19.03
CA GLU C 130 -34.90 40.32 18.63
C GLU C 130 -36.12 39.64 19.25
N GLY C 131 -35.98 38.41 19.74
CA GLY C 131 -37.05 37.68 20.37
C GLY C 131 -37.92 36.87 19.44
N ARG C 132 -37.57 36.81 18.15
CA ARG C 132 -38.42 36.14 17.18
C ARG C 132 -38.44 34.63 17.41
N TRP C 133 -37.30 34.05 17.74
CA TRP C 133 -37.22 32.61 17.93
C TRP C 133 -36.09 32.27 18.90
N LEU C 134 -36.06 31.00 19.28
CA LEU C 134 -35.09 30.48 20.24
C LEU C 134 -34.26 29.39 19.59
N TRP C 135 -32.94 29.60 19.55
CA TRP C 135 -32.03 28.54 19.14
C TRP C 135 -31.88 27.56 20.30
N ALA C 136 -31.99 26.28 20.02
CA ALA C 136 -31.80 25.26 21.04
C ALA C 136 -30.90 24.17 20.48
N GLY C 137 -29.86 23.83 21.24
CA GLY C 137 -28.91 22.83 20.82
C GLY C 137 -29.23 21.46 21.41
N TYR C 138 -28.87 20.42 20.67
CA TYR C 138 -29.02 19.05 21.14
C TYR C 138 -27.82 18.24 20.68
N GLY C 139 -27.64 17.08 21.31
CA GLY C 139 -26.56 16.17 20.96
C GLY C 139 -25.73 15.62 22.11
N PHE C 140 -25.21 16.47 23.00
CA PHE C 140 -24.45 15.99 24.15
C PHE C 140 -25.27 15.92 25.43
N ARG C 141 -25.75 17.06 25.91
CA ARG C 141 -26.45 17.14 27.18
C ARG C 141 -27.94 17.37 27.04
N SER C 142 -28.38 17.92 25.93
CA SER C 142 -29.78 18.19 25.70
C SER C 142 -30.30 17.21 24.65
N GLU C 143 -31.57 16.84 24.81
CA GLU C 143 -32.22 15.89 23.93
C GLU C 143 -33.07 16.65 22.93
N LEU C 144 -33.07 16.16 21.69
CA LEU C 144 -33.96 16.73 20.69
C LEU C 144 -35.40 16.59 21.12
N ASP C 145 -35.73 15.45 21.73
CA ASP C 145 -37.09 15.15 22.16
C ASP C 145 -37.60 16.10 23.24
N SER C 146 -36.73 16.92 23.81
CA SER C 146 -37.16 17.93 24.78
C SER C 146 -37.55 19.26 24.14
N HIS C 147 -37.13 19.49 22.89
CA HIS C 147 -37.36 20.79 22.26
C HIS C 147 -38.82 21.11 21.96
N PRO C 148 -39.68 20.16 21.61
CA PRO C 148 -41.10 20.51 21.47
C PRO C 148 -41.72 20.96 22.78
N TYR C 149 -41.39 20.29 23.89
CA TYR C 149 -41.94 20.67 25.19
C TYR C 149 -41.67 22.14 25.45
N ILE C 150 -40.41 22.56 25.30
CA ILE C 150 -40.04 23.95 25.51
C ILE C 150 -40.99 24.86 24.73
N ALA C 151 -41.13 24.58 23.43
CA ALA C 151 -41.98 25.40 22.58
C ALA C 151 -43.41 25.42 23.11
N LYS C 152 -43.91 24.26 23.52
CA LYS C 152 -45.26 24.19 24.05
C LYS C 152 -45.39 25.01 25.34
N TRP C 153 -44.39 24.93 26.23
CA TRP C 153 -44.53 25.56 27.54
C TRP C 153 -44.23 27.05 27.50
N LEU C 154 -43.36 27.49 26.59
CA LEU C 154 -42.94 28.88 26.56
C LEU C 154 -43.62 29.69 25.48
N ASP C 155 -44.40 29.05 24.62
CA ASP C 155 -45.09 29.74 23.54
C ASP C 155 -44.10 30.51 22.68
N THR C 156 -43.12 29.78 22.14
CA THR C 156 -42.14 30.37 21.24
C THR C 156 -41.67 29.30 20.26
N GLU C 157 -41.03 29.75 19.18
CA GLU C 157 -40.48 28.83 18.19
C GLU C 157 -39.10 28.36 18.63
N VAL C 158 -38.82 27.08 18.40
CA VAL C 158 -37.55 26.48 18.79
C VAL C 158 -36.88 25.96 17.53
N VAL C 159 -35.74 26.54 17.19
CA VAL C 159 -34.95 26.14 16.04
C VAL C 159 -33.80 25.28 16.55
N SER C 160 -33.73 24.03 16.09
CA SER C 160 -32.82 23.04 16.65
C SER C 160 -31.49 23.02 15.90
N LEU C 161 -30.40 22.96 16.67
CA LEU C 161 -29.05 22.88 16.15
C LEU C 161 -28.33 21.71 16.78
N ARG C 162 -27.58 20.97 15.96
CA ARG C 162 -26.83 19.81 16.43
C ARG C 162 -25.37 20.19 16.66
N LEU C 163 -24.87 19.92 17.86
CA LEU C 163 -23.47 20.10 18.19
C LEU C 163 -22.71 18.81 17.91
N ILE C 164 -21.54 18.93 17.30
CA ILE C 164 -20.77 17.77 16.87
C ILE C 164 -19.41 17.65 17.55
N ASP C 165 -18.91 18.69 18.22
CA ASP C 165 -17.59 18.69 18.84
C ASP C 165 -17.74 18.60 20.35
N GLU C 166 -17.03 17.63 20.96
CA GLU C 166 -17.14 17.43 22.39
C GLU C 166 -16.62 18.63 23.17
N ARG C 167 -15.69 19.39 22.59
CA ARG C 167 -15.17 20.58 23.27
C ARG C 167 -16.26 21.62 23.50
N PHE C 168 -17.14 21.80 22.51
CA PHE C 168 -18.26 22.70 22.63
C PHE C 168 -19.52 21.84 22.71
N TYR C 169 -19.78 21.35 23.92
CA TYR C 169 -20.94 20.54 24.21
C TYR C 169 -22.15 21.39 24.60
N HIS C 170 -21.94 22.68 24.81
CA HIS C 170 -23.00 23.63 25.13
C HIS C 170 -23.12 24.62 23.98
N LEU C 171 -24.37 25.03 23.71
CA LEU C 171 -24.60 25.96 22.61
C LEU C 171 -23.92 27.30 22.86
N ASP C 172 -23.92 27.77 24.11
CA ASP C 172 -23.36 29.09 24.42
C ASP C 172 -21.84 29.10 24.40
N THR C 173 -21.19 27.99 24.08
CA THR C 173 -19.75 27.96 23.90
C THR C 173 -19.35 28.18 22.45
N CYS C 174 -20.32 28.16 21.53
CA CYS C 174 -20.06 28.37 20.11
C CYS C 174 -21.16 29.19 19.44
N PHE C 175 -22.08 29.77 20.21
CA PHE C 175 -23.26 30.41 19.65
C PHE C 175 -23.67 31.55 20.57
N CYS C 176 -23.85 32.75 20.01
CA CYS C 176 -24.19 33.93 20.80
C CYS C 176 -25.01 34.88 19.94
N PRO C 177 -26.33 34.87 20.08
CA PRO C 177 -27.14 35.91 19.42
C PRO C 177 -26.80 37.28 20.02
N LEU C 178 -26.56 38.25 19.16
CA LEU C 178 -26.21 39.61 19.53
C LEU C 178 -27.33 40.53 19.07
N SER C 179 -27.42 41.70 19.72
CA SER C 179 -28.45 42.65 19.36
C SER C 179 -28.23 43.15 17.94
N GLY C 180 -29.26 43.82 17.40
CA GLY C 180 -29.24 44.18 16.01
C GLY C 180 -29.49 43.02 15.08
N GLY C 181 -29.99 41.89 15.59
CA GLY C 181 -30.19 40.72 14.77
C GLY C 181 -28.93 39.96 14.43
N TYR C 182 -27.84 40.21 15.13
CA TYR C 182 -26.55 39.63 14.79
C TYR C 182 -26.35 38.28 15.44
N LEU C 183 -25.48 37.47 14.83
CA LEU C 183 -25.17 36.14 15.33
C LEU C 183 -23.67 35.93 15.33
N LEU C 184 -23.09 35.73 16.52
CA LEU C 184 -21.67 35.46 16.68
C LEU C 184 -21.50 33.96 16.94
N TYR C 185 -20.85 33.25 16.01
CA TYR C 185 -20.83 31.80 16.17
C TYR C 185 -19.62 31.19 15.50
N TYR C 186 -19.41 29.90 15.80
CA TYR C 186 -18.28 29.11 15.30
C TYR C 186 -18.83 27.95 14.49
N PRO C 187 -18.84 28.04 13.16
CA PRO C 187 -19.54 27.05 12.33
C PRO C 187 -19.04 25.62 12.53
N PRO C 188 -17.74 25.37 12.71
CA PRO C 188 -17.28 23.97 12.85
C PRO C 188 -17.91 23.19 14.00
N ALA C 189 -18.56 23.84 14.95
CA ALA C 189 -19.19 23.14 16.06
C ALA C 189 -20.55 22.53 15.72
N PHE C 190 -21.04 22.75 14.50
CA PHE C 190 -22.36 22.29 14.10
C PHE C 190 -22.24 21.40 12.87
N ASP C 191 -23.19 20.49 12.71
CA ASP C 191 -23.20 19.64 11.53
C ASP C 191 -23.68 20.43 10.31
N ALA C 192 -23.67 19.77 9.15
CA ALA C 192 -23.96 20.47 7.90
C ALA C 192 -25.37 21.05 7.88
N TYR C 193 -26.35 20.26 8.34
CA TYR C 193 -27.74 20.73 8.32
C TYR C 193 -27.93 21.94 9.23
N SER C 194 -27.34 21.91 10.43
CA SER C 194 -27.51 23.02 11.35
C SER C 194 -26.88 24.29 10.81
N ASN C 195 -25.73 24.18 10.15
CA ASN C 195 -25.13 25.36 9.51
C ASN C 195 -26.04 25.88 8.39
N ARG C 196 -26.63 24.97 7.61
CA ARG C 196 -27.56 25.40 6.57
C ARG C 196 -28.74 26.17 7.17
N VAL C 197 -29.27 25.68 8.29
CA VAL C 197 -30.38 26.36 8.96
C VAL C 197 -29.94 27.74 9.45
N ILE C 198 -28.78 27.79 10.12
CA ILE C 198 -28.25 29.05 10.64
C ILE C 198 -28.15 30.09 9.53
N GLU C 199 -27.61 29.68 8.38
CA GLU C 199 -27.49 30.61 7.27
C GLU C 199 -28.86 30.97 6.70
N MET C 200 -29.78 30.02 6.65
CA MET C 200 -31.13 30.31 6.17
C MET C 200 -31.81 31.40 6.98
N ARG C 201 -31.58 31.43 8.29
CA ARG C 201 -32.29 32.38 9.13
C ARG C 201 -31.56 33.71 9.32
N ILE C 202 -30.24 33.73 9.21
CA ILE C 202 -29.42 34.90 9.51
C ILE C 202 -28.75 35.36 8.22
N PRO C 203 -28.87 36.64 7.84
CA PRO C 203 -28.25 37.08 6.60
C PRO C 203 -26.74 37.07 6.73
N PRO C 204 -26.01 36.93 5.62
CA PRO C 204 -24.54 36.84 5.72
C PRO C 204 -23.91 38.09 6.30
N GLU C 205 -24.47 39.27 6.05
CA GLU C 205 -23.95 40.50 6.63
C GLU C 205 -24.03 40.51 8.15
N LYS C 206 -24.90 39.69 8.74
CA LYS C 206 -25.12 39.71 10.19
C LYS C 206 -24.41 38.59 10.94
N ARG C 207 -23.60 37.78 10.26
CA ARG C 207 -22.91 36.66 10.89
C ARG C 207 -21.46 37.03 11.19
N ILE C 208 -21.04 36.81 12.43
CA ILE C 208 -19.66 37.02 12.84
C ILE C 208 -19.06 35.65 13.15
N ILE C 209 -18.35 35.10 12.16
CA ILE C 209 -17.62 33.83 12.31
C ILE C 209 -16.30 34.08 13.03
N VAL C 210 -15.95 33.18 13.93
CA VAL C 210 -14.72 33.26 14.72
C VAL C 210 -13.72 32.22 14.21
N GLU C 211 -12.44 32.59 14.29
CA GLU C 211 -11.35 31.68 13.99
C GLU C 211 -11.18 30.68 15.14
N GLU C 212 -10.47 29.58 14.85
CA GLU C 212 -10.39 28.48 15.80
C GLU C 212 -9.77 28.94 17.12
N LEU C 213 -8.77 29.82 17.05
CA LEU C 213 -8.12 30.34 18.24
C LEU C 213 -9.11 31.03 19.15
N ASP C 214 -10.00 31.85 18.56
CA ASP C 214 -11.06 32.49 19.34
C ASP C 214 -11.94 31.45 20.02
N ALA C 215 -12.41 30.46 19.26
CA ALA C 215 -13.33 29.46 19.78
C ALA C 215 -12.74 28.72 20.98
N VAL C 216 -11.49 28.28 20.89
CA VAL C 216 -10.91 27.49 21.97
C VAL C 216 -10.76 28.29 23.27
N ASN C 217 -10.70 29.62 23.20
CA ASN C 217 -10.68 30.45 24.39
C ASN C 217 -12.08 30.94 24.80
N PHE C 218 -13.14 30.29 24.32
CA PHE C 218 -14.51 30.61 24.73
C PHE C 218 -14.88 32.05 24.36
N ALA C 219 -14.52 32.46 23.14
CA ALA C 219 -14.90 33.78 22.67
C ALA C 219 -16.41 33.91 22.53
N CYS C 220 -17.07 32.83 22.13
CA CYS C 220 -18.53 32.87 21.95
C CYS C 220 -19.28 32.85 23.28
N ASN C 221 -18.61 32.49 24.37
CA ASN C 221 -19.25 32.46 25.69
C ASN C 221 -19.24 33.86 26.30
N ALA C 222 -19.98 34.76 25.67
CA ALA C 222 -19.97 36.19 25.99
C ALA C 222 -21.36 36.69 26.32
N VAL C 223 -21.45 37.62 27.26
CA VAL C 223 -22.72 38.24 27.67
C VAL C 223 -22.81 39.62 27.05
N ASN C 224 -23.95 39.93 26.43
CA ASN C 224 -24.14 41.17 25.69
C ASN C 224 -25.35 41.94 26.24
N VAL C 225 -25.08 43.13 26.80
CA VAL C 225 -26.12 44.11 27.07
C VAL C 225 -25.92 45.18 25.99
N ASN C 226 -26.92 46.02 25.78
CA ASN C 226 -27.28 46.47 24.42
C ASN C 226 -26.13 46.57 23.42
N ASP C 227 -25.11 47.37 23.71
CA ASP C 227 -23.96 47.48 22.81
C ASP C 227 -22.66 46.99 23.40
N ILE C 228 -22.60 46.81 24.72
CA ILE C 228 -21.40 46.29 25.35
C ILE C 228 -21.49 44.78 25.35
N ILE C 229 -20.35 44.14 25.10
CA ILE C 229 -20.22 42.70 25.13
C ILE C 229 -19.01 42.35 25.99
N ILE C 230 -19.25 41.61 27.06
CA ILE C 230 -18.23 41.17 28.00
C ILE C 230 -17.92 39.71 27.71
N MET C 231 -16.63 39.40 27.57
CA MET C 231 -16.20 38.03 27.31
C MET C 231 -14.85 37.83 27.97
N ASN C 232 -14.32 36.62 27.86
CA ASN C 232 -13.07 36.25 28.53
C ASN C 232 -11.85 36.86 27.86
N LEU C 233 -11.75 36.80 26.54
CA LEU C 233 -10.54 37.23 25.84
C LEU C 233 -10.83 37.33 24.36
N VAL C 234 -10.30 38.37 23.72
CA VAL C 234 -10.61 38.62 22.33
C VAL C 234 -9.33 38.69 21.52
N SER C 235 -9.46 38.36 20.24
CA SER C 235 -8.41 38.55 19.26
C SER C 235 -8.40 40.02 18.84
N ARG C 236 -7.24 40.50 18.37
CA ARG C 236 -7.24 41.83 17.77
C ARG C 236 -8.20 41.84 16.57
N THR C 237 -8.20 40.76 15.80
CA THR C 237 -9.09 40.64 14.65
C THR C 237 -10.55 40.51 15.10
N LEU C 238 -10.79 39.69 16.12
CA LEU C 238 -12.15 39.54 16.66
C LEU C 238 -12.66 40.85 17.23
N LYS C 239 -11.83 41.53 18.04
CA LYS C 239 -12.24 42.80 18.62
C LYS C 239 -12.50 43.84 17.54
N GLU C 240 -11.68 43.86 16.49
CA GLU C 240 -11.89 44.84 15.42
C GLU C 240 -13.17 44.56 14.64
N LYS C 241 -13.43 43.28 14.33
CA LYS C 241 -14.68 42.94 13.65
C LYS C 241 -15.88 43.25 14.53
N LEU C 242 -15.77 43.03 15.84
CA LEU C 242 -16.86 43.39 16.75
C LEU C 242 -17.08 44.90 16.75
N ALA C 243 -15.98 45.66 16.76
CA ALA C 243 -16.08 47.12 16.69
C ALA C 243 -16.71 47.58 15.39
N GLU C 244 -16.52 46.81 14.31
CA GLU C 244 -17.18 47.16 13.04
C GLU C 244 -18.69 47.24 13.22
N ALA C 245 -19.27 46.29 13.96
CA ALA C 245 -20.64 46.43 14.40
C ALA C 245 -20.68 47.42 15.56
N GLY C 246 -21.88 47.79 15.98
CA GLY C 246 -21.98 48.77 17.04
C GLY C 246 -21.62 48.26 18.43
N PHE C 247 -20.96 47.11 18.52
CA PHE C 247 -20.65 46.55 19.83
C PHE C 247 -19.24 46.96 20.30
N LYS C 248 -19.16 47.28 21.59
CA LYS C 248 -17.94 47.70 22.25
C LYS C 248 -17.54 46.64 23.26
N VAL C 249 -16.37 46.04 23.05
CA VAL C 249 -15.94 44.87 23.81
C VAL C 249 -15.27 45.33 25.10
N ARG C 250 -15.67 44.72 26.21
CA ARG C 250 -14.99 44.86 27.51
C ARG C 250 -14.56 43.46 27.92
N GLU C 251 -13.25 43.22 27.97
CA GLU C 251 -12.71 41.91 28.29
C GLU C 251 -12.36 41.80 29.77
N THR C 252 -12.52 40.58 30.30
CA THR C 252 -12.16 40.24 31.68
C THR C 252 -11.63 38.82 31.78
N PRO C 253 -10.63 38.58 32.62
CA PRO C 253 -10.07 37.23 32.75
C PRO C 253 -10.97 36.30 33.54
N LEU C 254 -11.13 35.08 33.02
CA LEU C 254 -11.91 34.04 33.69
C LEU C 254 -11.25 32.67 33.58
N THR C 255 -9.91 32.65 33.53
CA THR C 255 -9.18 31.40 33.24
C THR C 255 -9.46 30.30 34.26
N GLU C 256 -9.69 30.65 35.53
CA GLU C 256 -9.92 29.64 36.56
C GLU C 256 -11.17 28.80 36.28
N PHE C 257 -12.22 29.43 35.75
CA PHE C 257 -13.46 28.70 35.47
C PHE C 257 -13.36 27.83 34.22
N LEU C 258 -12.48 28.20 33.28
CA LEU C 258 -12.26 27.36 32.10
C LEU C 258 -11.80 25.96 32.47
N LYS C 259 -11.13 25.81 33.62
CA LYS C 259 -10.75 24.48 34.09
C LYS C 259 -11.94 23.57 34.34
N ALA C 260 -13.15 24.11 34.33
CA ALA C 260 -14.38 23.32 34.39
C ALA C 260 -15.23 23.59 33.16
N GLY C 261 -14.61 24.08 32.09
CA GLY C 261 -15.27 24.37 30.84
C GLY C 261 -16.42 25.36 30.96
N GLY C 262 -16.11 26.61 31.28
CA GLY C 262 -17.12 27.64 31.36
C GLY C 262 -16.53 29.05 31.38
N ALA C 263 -17.18 29.95 30.67
CA ALA C 263 -16.78 31.35 30.59
C ALA C 263 -17.91 32.28 31.02
N ALA C 264 -17.81 33.56 30.61
CA ALA C 264 -18.70 34.61 31.13
C ALA C 264 -20.17 34.26 30.93
N LYS C 265 -20.55 33.80 29.74
CA LYS C 265 -21.96 33.49 29.51
C LYS C 265 -22.44 32.36 30.39
N CYS C 266 -21.57 31.37 30.66
CA CYS C 266 -21.96 30.27 31.52
C CYS C 266 -22.24 30.71 32.95
N LEU C 267 -21.54 31.74 33.42
CA LEU C 267 -21.73 32.25 34.78
C LEU C 267 -22.91 33.21 34.91
N THR C 268 -23.70 33.42 33.85
CA THR C 268 -24.81 34.36 33.89
C THR C 268 -26.06 33.71 33.31
N LEU C 269 -27.21 34.21 33.75
CA LEU C 269 -28.50 33.83 33.20
C LEU C 269 -29.43 35.03 33.18
N ARG C 270 -29.92 35.40 32.00
CA ARG C 270 -30.79 36.56 31.86
C ARG C 270 -32.22 36.16 32.22
N VAL C 271 -32.77 36.78 33.27
CA VAL C 271 -34.11 36.44 33.73
C VAL C 271 -35.19 37.29 33.07
N THR C 272 -34.82 38.44 32.48
CA THR C 272 -35.79 39.33 31.85
C THR C 272 -35.79 39.03 30.35
N GLU C 273 -36.50 37.95 29.98
CA GLU C 273 -36.46 37.69 28.55
C GLU C 273 -37.69 38.27 27.85
N PRO C 274 -37.53 38.82 26.65
CA PRO C 274 -38.64 39.48 25.98
C PRO C 274 -39.60 38.48 25.34
N ILE C 275 -40.88 38.86 25.30
CA ILE C 275 -41.95 38.01 24.81
C ILE C 275 -42.66 38.68 23.65
N LEU C 276 -42.71 38.00 22.50
CA LEU C 276 -43.47 38.55 21.38
C LEU C 276 -44.78 37.81 21.24
N PRO C 277 -45.89 38.54 21.11
CA PRO C 277 -47.19 37.85 21.01
C PRO C 277 -47.42 37.17 19.66
N ASP C 278 -46.80 37.65 18.58
CA ASP C 278 -47.13 37.19 17.24
C ASP C 278 -46.67 35.76 16.95
N VAL C 279 -45.77 35.19 17.75
CA VAL C 279 -44.97 34.04 17.34
C VAL C 279 -45.60 32.69 17.68
N HIS C 280 -46.88 32.68 18.06
CA HIS C 280 -47.21 32.07 19.35
C HIS C 280 -46.38 30.82 19.70
N ALA C 281 -46.65 29.62 19.18
CA ALA C 281 -45.94 28.40 19.63
C ALA C 281 -45.98 27.27 18.60
N THR C 282 -44.87 27.08 17.88
CA THR C 282 -44.74 25.93 16.98
C THR C 282 -43.26 25.61 16.80
N VAL C 283 -42.98 24.34 16.58
CA VAL C 283 -41.62 23.81 16.42
C VAL C 283 -41.65 22.84 15.25
N SER C 284 -40.54 22.81 14.50
CA SER C 284 -40.45 22.03 13.26
C SER C 284 -40.16 20.55 13.45
N ILE C 285 -39.74 20.10 14.64
CA ILE C 285 -39.31 18.72 14.81
C ILE C 285 -40.45 17.77 14.47
N GLU C 286 -40.11 16.69 13.76
CA GLU C 286 -41.01 15.59 13.42
C GLU C 286 -40.59 14.35 14.18
N SER C 287 -41.56 13.61 14.69
CA SER C 287 -41.30 12.37 15.40
C SER C 287 -42.12 11.23 14.78
N ARG C 288 -41.53 10.03 14.74
CA ARG C 288 -42.21 8.85 14.23
C ARG C 288 -41.79 7.65 15.07
N VAL C 289 -42.70 6.69 15.16
CA VAL C 289 -42.41 5.41 15.80
C VAL C 289 -42.26 4.38 14.70
N ILE C 290 -41.24 3.53 14.82
CA ILE C 290 -41.01 2.45 13.88
C ILE C 290 -40.83 1.16 14.67
N ARG C 291 -41.11 0.05 14.03
CA ARG C 291 -40.86 -1.27 14.58
C ARG C 291 -39.84 -1.98 13.70
N MET C 292 -38.97 -2.76 14.33
CA MET C 292 -37.99 -3.55 13.61
C MET C 292 -38.17 -5.01 14.00
N GLU C 293 -38.52 -5.83 13.03
CA GLU C 293 -38.70 -7.25 13.22
C GLU C 293 -37.56 -8.07 12.67
N GLY C 294 -36.57 -7.42 12.06
CA GLY C 294 -35.35 -8.09 11.63
C GLY C 294 -34.84 -9.00 12.71
N HIS C 295 -34.54 -10.25 12.36
CA HIS C 295 -34.14 -11.22 13.37
C HIS C 295 -32.74 -10.94 13.91
N LEU C 296 -32.02 -10.01 13.31
CA LEU C 296 -30.64 -9.75 13.72
C LEU C 296 -30.57 -9.09 15.09
N LEU C 297 -30.99 -9.79 16.13
CA LEU C 297 -30.85 -9.26 17.48
C LEU C 297 -29.43 -9.49 17.95
N ASP C 298 -28.94 -10.72 17.80
CA ASP C 298 -27.52 -10.91 17.59
C ASP C 298 -27.16 -10.37 16.21
N ALA C 299 -25.89 -10.01 16.05
CA ALA C 299 -25.24 -9.47 14.86
C ALA C 299 -25.46 -7.95 14.72
N GLY C 300 -26.25 -7.31 15.57
CA GLY C 300 -26.19 -5.86 15.67
C GLY C 300 -26.99 -4.98 14.72
N ILE C 301 -28.21 -5.35 14.35
CA ILE C 301 -28.96 -4.53 13.40
C ILE C 301 -29.36 -3.21 14.04
N LEU C 302 -29.74 -3.25 15.32
CA LEU C 302 -30.18 -2.05 16.03
C LEU C 302 -29.06 -1.03 16.11
N ASN C 303 -27.81 -1.48 16.24
CA ASN C 303 -26.70 -0.54 16.35
C ASN C 303 -26.53 0.27 15.08
N GLN C 304 -26.59 -0.37 13.91
CA GLN C 304 -26.54 0.39 12.67
C GLN C 304 -27.73 1.32 12.55
N ALA C 305 -28.91 0.89 12.98
CA ALA C 305 -30.07 1.77 12.92
C ALA C 305 -29.85 3.03 13.74
N LEU C 306 -29.41 2.87 14.99
CA LEU C 306 -29.25 4.03 15.88
C LEU C 306 -28.09 4.93 15.45
N ASP C 307 -27.00 4.33 14.97
CA ASP C 307 -25.89 5.13 14.45
C ASP C 307 -26.33 5.95 13.24
N LEU C 308 -27.11 5.35 12.33
CA LEU C 308 -27.65 6.11 11.22
C LEU C 308 -28.52 7.27 11.69
N VAL C 309 -29.40 7.01 12.67
CA VAL C 309 -30.27 8.07 13.17
C VAL C 309 -29.45 9.23 13.71
N VAL C 310 -28.49 8.94 14.61
CA VAL C 310 -27.74 10.02 15.26
C VAL C 310 -26.84 10.73 14.25
N GLU C 311 -26.11 9.96 13.44
CA GLU C 311 -25.18 10.55 12.47
C GLU C 311 -25.90 11.42 11.45
N ASN C 312 -27.18 11.14 11.19
CA ASN C 312 -27.98 11.92 10.26
C ASN C 312 -28.73 13.06 10.95
N SER C 313 -28.28 13.46 12.15
CA SER C 313 -28.80 14.60 12.88
C SER C 313 -30.18 14.34 13.48
N GLY C 314 -30.47 13.09 13.82
CA GLY C 314 -31.70 12.74 14.48
C GLY C 314 -31.45 12.24 15.90
N SER C 315 -32.55 11.93 16.58
CA SER C 315 -32.47 11.35 17.91
C SER C 315 -33.40 10.15 17.99
N PHE C 316 -33.19 9.34 19.04
CA PHE C 316 -33.98 8.14 19.22
C PHE C 316 -34.11 7.86 20.71
N ARG C 317 -35.13 7.08 21.04
CA ARG C 317 -35.28 6.48 22.36
C ARG C 317 -35.93 5.13 22.13
N VAL C 318 -35.23 4.06 22.48
CA VAL C 318 -35.79 2.73 22.28
C VAL C 318 -36.91 2.52 23.28
N LEU C 319 -38.13 2.34 22.78
CA LEU C 319 -39.30 2.23 23.67
C LEU C 319 -39.48 0.82 24.23
N ASN C 320 -39.83 -0.14 23.39
CA ASN C 320 -40.12 -1.50 23.83
C ASN C 320 -39.14 -2.49 23.20
N PHE C 321 -38.50 -3.31 24.04
CA PHE C 321 -37.68 -4.45 23.62
C PHE C 321 -38.28 -5.76 24.11
N ASN C 322 -38.79 -6.59 23.18
CA ASN C 322 -39.29 -7.93 23.49
C ASN C 322 -38.35 -9.00 22.95
N LEU C 323 -37.79 -9.81 23.84
CA LEU C 323 -36.98 -10.97 23.44
C LEU C 323 -37.87 -12.20 23.33
N GLY C 324 -37.58 -13.05 22.36
CA GLY C 324 -38.38 -14.25 22.17
C GLY C 324 -38.14 -15.31 23.24
N VAL C 325 -39.01 -16.32 23.22
CA VAL C 325 -38.93 -17.41 24.18
C VAL C 325 -37.96 -18.51 23.76
N GLU C 326 -37.34 -18.39 22.59
CA GLU C 326 -36.56 -19.48 22.02
C GLU C 326 -35.69 -18.93 20.91
N ARG C 327 -34.65 -19.70 20.57
CA ARG C 327 -33.71 -19.38 19.50
C ARG C 327 -34.43 -19.20 18.17
N ASN C 328 -35.70 -19.62 18.12
CA ASN C 328 -36.48 -19.48 16.91
C ASN C 328 -37.27 -18.19 16.87
N SER C 329 -37.71 -17.68 18.02
CA SER C 329 -38.44 -16.42 18.05
C SER C 329 -37.45 -15.26 18.04
N THR C 330 -37.50 -14.45 16.99
CA THR C 330 -36.62 -13.31 16.86
C THR C 330 -37.01 -12.24 17.86
N SER C 331 -36.00 -11.52 18.36
CA SER C 331 -36.29 -10.39 19.24
C SER C 331 -36.51 -9.15 18.40
N SER C 332 -37.61 -8.46 18.67
CA SER C 332 -38.05 -7.31 17.89
C SER C 332 -38.37 -6.17 18.83
N ALA C 333 -38.27 -4.94 18.31
CA ALA C 333 -38.42 -3.76 19.15
C ALA C 333 -39.06 -2.62 18.37
N GLU C 334 -39.67 -1.71 19.12
CA GLU C 334 -40.24 -0.48 18.58
C GLU C 334 -39.40 0.70 19.05
N VAL C 335 -39.14 1.64 18.15
CA VAL C 335 -38.27 2.78 18.41
C VAL C 335 -38.94 4.07 17.91
N ARG C 336 -38.91 5.10 18.75
CA ARG C 336 -39.27 6.47 18.35
C ARG C 336 -38.06 7.20 17.80
N VAL C 337 -38.21 7.78 16.60
CA VAL C 337 -37.15 8.50 15.92
C VAL C 337 -37.62 9.91 15.66
N SER C 338 -36.82 10.89 16.07
CA SER C 338 -37.13 12.31 15.90
C SER C 338 -36.06 12.98 15.04
N ALA C 339 -36.48 14.02 14.31
CA ALA C 339 -35.59 14.75 13.41
C ALA C 339 -35.90 16.24 13.41
N PRO C 340 -34.88 17.10 13.34
CA PRO C 340 -35.12 18.54 13.46
C PRO C 340 -35.81 19.15 12.25
N SER C 341 -35.67 18.54 11.08
CA SER C 341 -36.25 19.05 9.85
C SER C 341 -37.36 18.09 9.44
N HIS C 342 -38.35 18.61 8.72
CA HIS C 342 -39.46 17.78 8.27
C HIS C 342 -38.96 16.55 7.52
N GLN C 343 -38.11 16.74 6.51
CA GLN C 343 -37.70 15.57 5.76
C GLN C 343 -36.27 15.11 6.04
N ILE C 344 -35.60 15.60 7.09
CA ILE C 344 -34.43 14.85 7.54
C ILE C 344 -34.93 13.49 8.00
N MET C 345 -36.16 13.48 8.53
CA MET C 345 -36.89 12.24 8.73
C MET C 345 -36.93 11.39 7.44
N GLU C 346 -37.06 12.02 6.26
CA GLU C 346 -37.06 11.29 4.99
C GLU C 346 -35.74 10.50 4.82
N GLU C 347 -34.59 11.16 5.03
CA GLU C 347 -33.31 10.47 4.87
C GLU C 347 -33.16 9.33 5.88
N ILE C 348 -33.45 9.63 7.16
CA ILE C 348 -33.37 8.61 8.21
C ILE C 348 -34.31 7.44 7.89
N MET C 349 -35.52 7.73 7.42
CA MET C 349 -36.51 6.69 7.20
C MET C 349 -36.16 5.85 5.98
N THR C 350 -35.64 6.48 4.91
CA THR C 350 -35.19 5.70 3.76
C THR C 350 -34.06 4.77 4.16
N GLU C 351 -33.08 5.27 4.92
CA GLU C 351 -31.98 4.42 5.37
C GLU C 351 -32.49 3.31 6.28
N LEU C 352 -33.54 3.59 7.08
CA LEU C 352 -34.11 2.57 7.96
C LEU C 352 -34.90 1.52 7.19
N ILE C 353 -35.58 1.93 6.13
CA ILE C 353 -36.52 1.07 5.40
C ILE C 353 -35.89 -0.24 5.02
N ASP C 354 -34.57 -0.25 4.80
CA ASP C 354 -33.83 -1.45 4.47
C ASP C 354 -33.94 -2.53 5.55
N LEU C 355 -34.48 -2.20 6.75
CA LEU C 355 -34.59 -3.23 7.79
C LEU C 355 -35.98 -3.38 8.38
N GLY C 356 -36.71 -2.30 8.63
CA GLY C 356 -37.98 -2.40 9.30
C GLY C 356 -39.01 -1.43 8.76
N ALA C 357 -40.27 -1.76 9.02
CA ALA C 357 -41.42 -0.98 8.57
C ALA C 357 -42.14 -0.34 9.74
N VAL C 358 -42.95 0.68 9.42
CA VAL C 358 -43.78 1.42 10.36
C VAL C 358 -44.62 0.47 11.20
N PRO C 359 -45.08 0.86 12.39
CA PRO C 359 -45.88 -0.07 13.19
C PRO C 359 -47.16 -0.41 12.46
N PRO C 360 -47.72 -1.59 12.73
CA PRO C 360 -48.90 -2.06 12.00
C PRO C 360 -50.16 -1.21 12.19
N PRO C 361 -50.60 -0.95 13.44
CA PRO C 361 -52.01 -0.54 13.60
C PRO C 361 -52.47 0.70 12.84
N GLN C 362 -51.65 1.75 12.77
CA GLN C 362 -52.11 2.98 12.15
C GLN C 362 -51.10 3.69 11.25
N GLU C 363 -49.82 3.35 11.32
CA GLU C 363 -48.79 4.13 10.66
C GLU C 363 -48.57 3.70 9.22
N LEU C 364 -49.28 2.68 8.77
CA LEU C 364 -49.13 2.16 7.42
C LEU C 364 -50.01 2.99 6.49
N CYS C 365 -49.36 3.71 5.59
CA CYS C 365 -50.02 4.43 4.51
C CYS C 365 -49.63 3.80 3.19
N ASP C 366 -50.36 4.17 2.15
CA ASP C 366 -49.96 3.71 0.83
C ASP C 366 -48.92 4.68 0.30
N ILE C 367 -48.34 4.36 -0.83
CA ILE C 367 -47.24 5.20 -1.28
C ILE C 367 -47.80 6.37 -2.06
N ASN C 368 -47.09 7.48 -1.96
CA ASN C 368 -47.44 8.67 -2.71
C ASN C 368 -46.66 8.67 -4.01
N THR C 369 -47.28 9.19 -5.05
CA THR C 369 -46.63 9.26 -6.36
C THR C 369 -46.87 10.65 -6.93
N GLU C 370 -46.04 10.98 -7.93
CA GLU C 370 -46.15 12.26 -8.60
C GLU C 370 -45.95 12.07 -10.10
N THR C 371 -46.60 12.93 -10.86
CA THR C 371 -46.58 12.82 -12.32
C THR C 371 -45.37 13.54 -12.88
N VAL C 372 -44.84 12.99 -13.97
CA VAL C 372 -43.63 13.51 -14.61
C VAL C 372 -44.04 14.60 -15.59
N THR C 373 -43.67 15.84 -15.29
CA THR C 373 -43.95 16.96 -16.18
C THR C 373 -42.80 17.25 -17.13
N GLN C 374 -41.56 17.14 -16.65
CA GLN C 374 -40.39 17.36 -17.48
C GLN C 374 -39.88 16.01 -17.98
N GLY C 375 -39.46 15.96 -19.23
CA GLY C 375 -39.02 14.72 -19.81
C GLY C 375 -37.70 14.28 -19.20
N GLY C 376 -37.67 13.07 -18.66
CA GLY C 376 -36.45 12.55 -18.07
C GLY C 376 -36.01 13.22 -16.79
N VAL C 377 -36.90 13.96 -16.12
CA VAL C 377 -36.58 14.57 -14.83
C VAL C 377 -37.61 14.14 -13.80
N ALA C 378 -37.15 13.54 -12.70
CA ALA C 378 -38.13 13.15 -11.71
C ALA C 378 -38.51 14.37 -10.86
N PRO C 379 -39.73 14.39 -10.34
CA PRO C 379 -40.07 15.45 -9.39
C PRO C 379 -39.26 15.32 -8.11
N ASP C 380 -38.87 16.46 -7.55
CA ASP C 380 -38.03 16.45 -6.35
C ASP C 380 -38.72 15.64 -5.24
N ASP C 381 -37.90 15.17 -4.30
CA ASP C 381 -38.33 14.32 -3.20
C ASP C 381 -38.78 12.93 -3.66
N PHE C 382 -38.43 12.55 -4.88
CA PHE C 382 -38.73 11.21 -5.38
C PHE C 382 -37.96 10.18 -4.56
N TYR C 383 -38.58 9.03 -4.30
CA TYR C 383 -37.88 8.01 -3.54
C TYR C 383 -36.77 7.39 -4.39
N VAL C 384 -35.59 7.26 -3.79
CA VAL C 384 -34.42 6.69 -4.45
C VAL C 384 -34.35 5.21 -4.11
N SER C 385 -34.33 4.37 -5.14
CA SER C 385 -34.33 2.93 -4.93
C SER C 385 -32.99 2.44 -4.41
N THR C 386 -33.02 1.32 -3.70
CA THR C 386 -31.82 0.66 -3.18
C THR C 386 -31.61 -0.65 -3.95
N ILE C 387 -30.57 -1.39 -3.54
CA ILE C 387 -30.26 -2.64 -4.20
C ILE C 387 -31.22 -3.74 -3.76
N TYR C 388 -31.75 -3.65 -2.56
CA TYR C 388 -32.54 -4.70 -1.94
C TYR C 388 -33.95 -4.74 -2.51
N PRO C 389 -34.56 -5.92 -2.56
CA PRO C 389 -35.92 -6.02 -3.11
C PRO C 389 -36.91 -5.26 -2.24
N THR C 390 -37.78 -4.49 -2.89
CA THR C 390 -38.68 -3.58 -2.21
C THR C 390 -40.10 -3.87 -2.62
N GLU C 391 -41.02 -3.62 -1.71
CA GLU C 391 -42.45 -3.72 -1.97
C GLU C 391 -43.09 -2.35 -1.72
N VAL C 392 -44.05 -2.01 -2.57
CA VAL C 392 -44.76 -0.74 -2.50
C VAL C 392 -46.24 -1.02 -2.28
N ARG C 393 -46.89 -0.20 -1.45
CA ARG C 393 -48.29 -0.44 -1.09
C ARG C 393 -49.17 0.31 -2.08
N VAL C 394 -49.71 -0.41 -3.06
CA VAL C 394 -50.56 0.15 -4.10
C VAL C 394 -51.97 -0.44 -3.93
N ASN C 395 -52.97 0.44 -3.86
CA ASN C 395 -54.36 0.05 -3.70
C ASN C 395 -54.53 -0.90 -2.51
N CYS C 396 -53.89 -0.55 -1.40
CA CYS C 396 -53.95 -1.30 -0.15
C CYS C 396 -53.37 -2.71 -0.29
N GLU C 397 -52.62 -2.95 -1.35
CA GLU C 397 -51.98 -4.24 -1.58
C GLU C 397 -50.48 -4.05 -1.79
N TRP C 398 -49.71 -5.07 -1.42
CA TRP C 398 -48.26 -5.05 -1.62
C TRP C 398 -47.91 -5.50 -3.03
N VAL C 399 -47.13 -4.67 -3.72
CA VAL C 399 -46.67 -4.93 -5.09
C VAL C 399 -45.15 -5.01 -5.04
N GLN C 400 -44.60 -6.14 -5.50
CA GLN C 400 -43.16 -6.27 -5.59
C GLN C 400 -42.63 -5.40 -6.72
N VAL C 401 -41.51 -4.74 -6.47
CA VAL C 401 -40.90 -3.89 -7.50
C VAL C 401 -40.05 -4.77 -8.40
N THR C 402 -40.22 -4.62 -9.71
CA THR C 402 -39.51 -5.44 -10.68
C THR C 402 -38.28 -4.70 -11.19
N GLY C 403 -37.25 -5.48 -11.54
CA GLY C 403 -36.01 -4.92 -12.01
C GLY C 403 -35.33 -4.08 -10.95
N GLN C 404 -35.19 -4.63 -9.74
CA GLN C 404 -34.69 -3.86 -8.62
C GLN C 404 -33.25 -3.42 -8.87
N ARG C 405 -33.03 -2.12 -8.78
CA ARG C 405 -31.70 -1.54 -9.00
C ARG C 405 -31.52 -0.36 -8.06
N MET C 406 -30.27 -0.11 -7.68
CA MET C 406 -29.99 1.05 -6.86
C MET C 406 -29.86 2.29 -7.75
N ASP C 407 -30.08 3.46 -7.15
CA ASP C 407 -29.98 4.75 -7.83
C ASP C 407 -30.94 4.82 -9.02
N ALA C 408 -32.21 4.55 -8.76
CA ALA C 408 -33.25 4.68 -9.75
C ALA C 408 -34.51 5.24 -9.09
N ALA C 409 -35.50 5.56 -9.91
CA ALA C 409 -36.81 5.94 -9.44
C ALA C 409 -37.73 4.73 -9.52
N ILE C 410 -38.74 4.70 -8.66
CA ILE C 410 -39.75 3.66 -8.70
C ILE C 410 -40.98 4.23 -9.39
N VAL C 411 -41.32 3.67 -10.55
CA VAL C 411 -42.46 4.09 -11.34
C VAL C 411 -43.58 3.09 -11.13
N VAL C 412 -44.78 3.59 -10.85
CA VAL C 412 -45.93 2.76 -10.53
C VAL C 412 -46.95 2.89 -11.65
N THR C 413 -47.55 1.76 -12.02
CA THR C 413 -48.66 1.71 -12.94
C THR C 413 -49.91 1.37 -12.14
N SER C 414 -50.99 2.09 -12.44
CA SER C 414 -52.14 2.06 -11.54
C SER C 414 -53.21 1.05 -11.94
N ASN C 415 -53.69 1.07 -13.19
CA ASN C 415 -54.79 0.17 -13.53
C ASN C 415 -54.34 -1.28 -13.45
N PRO C 416 -53.27 -1.71 -14.11
CA PRO C 416 -52.56 -2.89 -13.65
C PRO C 416 -51.57 -2.49 -12.57
N PRO C 417 -51.82 -2.80 -11.30
CA PRO C 417 -51.02 -2.17 -10.25
C PRO C 417 -49.64 -2.82 -10.16
N SER C 418 -48.66 -2.22 -10.82
CA SER C 418 -47.29 -2.69 -10.78
C SER C 418 -46.36 -1.57 -10.34
N ALA C 419 -45.13 -1.94 -9.99
CA ALA C 419 -44.08 -0.98 -9.70
C ALA C 419 -42.75 -1.52 -10.22
N ARG C 420 -42.00 -0.68 -10.92
CA ARG C 420 -40.74 -1.08 -11.52
C ARG C 420 -39.69 -0.01 -11.31
N CYS C 421 -38.43 -0.42 -11.29
CA CYS C 421 -37.32 0.54 -11.22
C CYS C 421 -37.03 1.08 -12.62
N VAL C 422 -36.88 2.40 -12.72
CA VAL C 422 -36.69 3.10 -13.98
C VAL C 422 -35.65 4.19 -13.76
N LEU C 423 -34.73 4.32 -14.72
CA LEU C 423 -33.72 5.37 -14.65
C LEU C 423 -34.35 6.75 -14.87
N LEU C 424 -33.67 7.77 -14.34
CA LEU C 424 -34.16 9.14 -14.46
C LEU C 424 -34.32 9.51 -15.93
N ARG C 425 -33.34 9.16 -16.76
CA ARG C 425 -33.39 9.54 -18.17
C ARG C 425 -34.54 8.84 -18.90
N ASP C 426 -34.91 7.63 -18.48
CA ASP C 426 -35.96 6.87 -19.15
C ASP C 426 -37.36 7.36 -18.80
N LEU C 427 -37.50 8.21 -17.79
CA LEU C 427 -38.84 8.64 -17.35
C LEU C 427 -39.57 9.31 -18.51
N GLN C 428 -40.78 8.83 -18.77
CA GLN C 428 -41.63 9.40 -19.79
C GLN C 428 -42.68 10.28 -19.12
N VAL C 429 -43.18 11.25 -19.89
CA VAL C 429 -44.12 12.20 -19.32
C VAL C 429 -45.38 11.48 -18.89
N GLY C 430 -45.94 11.89 -17.76
CA GLY C 430 -47.10 11.23 -17.20
C GLY C 430 -46.80 9.98 -16.38
N ASP C 431 -45.53 9.64 -16.17
CA ASP C 431 -45.19 8.51 -15.31
C ASP C 431 -45.40 8.87 -13.85
N ARG C 432 -45.87 7.90 -13.07
CA ARG C 432 -46.10 8.07 -11.64
C ARG C 432 -44.88 7.55 -10.90
N VAL C 433 -44.13 8.45 -10.29
CA VAL C 433 -42.90 8.11 -9.58
C VAL C 433 -43.18 8.15 -8.09
N MET C 434 -42.66 7.15 -7.38
CA MET C 434 -42.81 7.12 -5.93
C MET C 434 -42.11 8.33 -5.30
N VAL C 435 -42.77 8.92 -4.30
CA VAL C 435 -42.28 10.13 -3.64
C VAL C 435 -42.46 9.94 -2.14
N GLY C 436 -41.52 10.50 -1.38
CA GLY C 436 -41.56 10.36 0.07
C GLY C 436 -41.05 8.99 0.50
N VAL C 437 -41.36 8.64 1.74
CA VAL C 437 -40.89 7.40 2.35
C VAL C 437 -42.04 6.53 2.85
N GLU C 438 -43.28 6.97 2.71
CA GLU C 438 -44.40 6.24 3.29
C GLU C 438 -44.78 5.06 2.41
N GLY C 439 -44.97 3.90 3.04
CA GLY C 439 -45.53 2.76 2.36
C GLY C 439 -44.53 1.85 1.68
N ILE C 440 -43.24 2.02 1.93
CA ILE C 440 -42.20 1.20 1.31
C ILE C 440 -41.66 0.23 2.33
N ARG C 441 -41.41 -1.00 1.89
CA ARG C 441 -40.86 -2.04 2.75
C ARG C 441 -39.92 -2.92 1.93
N THR C 442 -38.93 -3.48 2.62
CA THR C 442 -37.96 -4.39 2.03
C THR C 442 -38.06 -5.72 2.75
N ILE C 443 -37.67 -6.78 2.05
CA ILE C 443 -37.67 -8.13 2.62
C ILE C 443 -36.30 -8.76 2.43
N LYS C 444 -35.99 -9.70 3.31
CA LYS C 444 -34.70 -10.38 3.28
C LYS C 444 -34.81 -11.76 2.63
N SER C 468 -1.85 -5.29 2.60
CA SER C 468 -2.24 -6.52 3.28
C SER C 468 -2.97 -7.46 2.34
N SER C 469 -2.22 -8.15 1.49
CA SER C 469 -2.81 -9.13 0.59
C SER C 469 -3.24 -10.37 1.37
N GLU C 470 -4.36 -10.96 0.95
CA GLU C 470 -4.91 -12.12 1.63
C GLU C 470 -3.93 -13.29 1.55
N ARG C 471 -3.54 -13.81 2.72
CA ARG C 471 -2.54 -14.87 2.75
C ARG C 471 -3.11 -16.18 2.22
N ARG C 472 -4.14 -16.71 2.87
CA ARG C 472 -4.77 -17.96 2.45
C ARG C 472 -6.01 -17.62 1.63
N VAL C 473 -5.77 -17.23 0.38
CA VAL C 473 -6.85 -17.02 -0.58
C VAL C 473 -7.54 -18.34 -0.90
N GLU C 474 -6.76 -19.42 -0.97
CA GLU C 474 -7.25 -20.72 -1.43
C GLU C 474 -8.50 -21.21 -0.70
N LEU C 475 -8.76 -20.74 0.52
CA LEU C 475 -10.01 -21.12 1.18
C LEU C 475 -11.20 -20.45 0.51
N LEU C 476 -11.09 -19.14 0.26
CA LEU C 476 -12.11 -18.43 -0.50
C LEU C 476 -12.25 -19.02 -1.89
N VAL C 477 -11.14 -19.44 -2.49
CA VAL C 477 -11.19 -20.05 -3.81
C VAL C 477 -11.94 -21.36 -3.78
N GLU C 478 -11.75 -22.16 -2.73
CA GLU C 478 -12.50 -23.40 -2.59
C GLU C 478 -14.00 -23.13 -2.52
N GLN C 479 -14.37 -22.15 -1.67
CA GLN C 479 -15.79 -21.82 -1.53
C GLN C 479 -16.37 -21.34 -2.86
N ILE C 480 -15.65 -20.45 -3.54
CA ILE C 480 -16.14 -19.88 -4.79
C ILE C 480 -16.25 -20.94 -5.88
N ALA C 481 -15.25 -21.83 -5.98
CA ALA C 481 -15.29 -22.89 -6.98
C ALA C 481 -16.49 -23.82 -6.77
N TRP C 482 -16.73 -24.22 -5.51
CA TRP C 482 -17.89 -25.07 -5.26
C TRP C 482 -19.18 -24.36 -5.62
N GLU C 483 -19.29 -23.08 -5.24
CA GLU C 483 -20.50 -22.33 -5.57
C GLU C 483 -20.69 -22.21 -7.08
N MET C 484 -19.60 -22.02 -7.82
CA MET C 484 -19.70 -21.90 -9.28
C MET C 484 -20.18 -23.20 -9.90
N ARG C 485 -19.64 -24.33 -9.45
CA ARG C 485 -20.10 -25.61 -9.97
C ARG C 485 -21.58 -25.82 -9.67
N GLN C 486 -22.01 -25.47 -8.45
CA GLN C 486 -23.42 -25.64 -8.08
C GLN C 486 -24.32 -24.78 -8.97
N ILE C 487 -24.00 -23.49 -9.12
CA ILE C 487 -24.87 -22.65 -9.93
C ILE C 487 -24.79 -22.99 -11.41
N ARG C 488 -23.70 -23.61 -11.88
CA ARG C 488 -23.65 -24.00 -13.28
C ARG C 488 -24.51 -25.24 -13.55
N ASP C 489 -24.53 -26.20 -12.62
CA ASP C 489 -25.23 -27.45 -12.90
C ASP C 489 -26.72 -27.20 -13.08
N GLN C 490 -27.39 -26.69 -12.04
CA GLN C 490 -28.67 -26.04 -12.27
C GLN C 490 -28.39 -24.88 -13.22
N GLY C 491 -29.24 -24.69 -14.23
CA GLY C 491 -28.88 -23.63 -15.17
C GLY C 491 -28.99 -22.23 -14.62
N GLY C 492 -27.84 -21.63 -14.32
CA GLY C 492 -27.78 -20.33 -13.69
C GLY C 492 -26.85 -19.40 -14.44
N LYS C 493 -27.16 -18.11 -14.37
CA LYS C 493 -26.37 -17.11 -15.07
C LYS C 493 -25.09 -16.78 -14.30
N ILE C 494 -23.95 -16.87 -15.00
CA ILE C 494 -22.68 -16.35 -14.50
C ILE C 494 -22.17 -15.30 -15.48
N VAL C 495 -21.87 -14.12 -14.95
CA VAL C 495 -21.31 -13.01 -15.71
C VAL C 495 -19.90 -12.75 -15.20
N VAL C 496 -18.99 -12.49 -16.13
CA VAL C 496 -17.61 -12.15 -15.81
C VAL C 496 -17.34 -10.77 -16.36
N THR C 497 -16.86 -9.86 -15.52
CA THR C 497 -16.39 -8.56 -15.95
C THR C 497 -14.86 -8.60 -15.94
N ALA C 498 -14.28 -8.31 -17.08
CA ALA C 498 -12.84 -8.47 -17.27
C ALA C 498 -12.19 -7.15 -17.64
N GLY C 499 -10.93 -7.01 -17.23
CA GLY C 499 -10.08 -5.92 -17.63
C GLY C 499 -8.77 -6.43 -18.17
N PRO C 500 -7.94 -5.53 -18.70
CA PRO C 500 -6.64 -5.95 -19.25
C PRO C 500 -5.71 -6.58 -18.20
N VAL C 501 -5.97 -6.34 -16.91
CA VAL C 501 -5.15 -6.95 -15.86
C VAL C 501 -5.26 -8.47 -15.91
N VAL C 502 -6.40 -9.00 -16.35
CA VAL C 502 -6.55 -10.44 -16.50
C VAL C 502 -5.50 -10.98 -17.46
N ILE C 503 -5.21 -10.23 -18.52
CA ILE C 503 -4.21 -10.66 -19.48
C ILE C 503 -2.80 -10.41 -18.95
N HIS C 504 -2.58 -9.24 -18.34
CA HIS C 504 -1.24 -8.87 -17.89
C HIS C 504 -0.70 -9.86 -16.85
N THR C 505 -1.58 -10.49 -16.07
CA THR C 505 -1.15 -11.35 -14.98
C THR C 505 -1.12 -12.83 -15.37
N GLY C 506 -1.20 -13.13 -16.66
CA GLY C 506 -1.13 -14.51 -17.10
C GLY C 506 -2.41 -15.29 -17.01
N GLY C 507 -3.56 -14.62 -16.99
CA GLY C 507 -4.84 -15.26 -16.81
C GLY C 507 -5.65 -15.54 -18.06
N ALA C 508 -5.08 -15.30 -19.25
CA ALA C 508 -5.82 -15.53 -20.48
C ALA C 508 -6.26 -16.99 -20.58
N GLN C 509 -5.34 -17.93 -20.36
CA GLN C 509 -5.65 -19.34 -20.50
C GLN C 509 -6.71 -19.79 -19.51
N HIS C 510 -6.63 -19.32 -18.27
CA HIS C 510 -7.57 -19.76 -17.25
C HIS C 510 -8.98 -19.23 -17.51
N LEU C 511 -9.11 -17.95 -17.85
CA LEU C 511 -10.43 -17.43 -18.20
C LEU C 511 -10.98 -18.10 -19.44
N SER C 512 -10.12 -18.38 -20.42
CA SER C 512 -10.56 -19.11 -21.60
C SER C 512 -11.07 -20.50 -21.24
N HIS C 513 -10.37 -21.19 -20.33
CA HIS C 513 -10.82 -22.49 -19.87
C HIS C 513 -12.17 -22.38 -19.17
N LEU C 514 -12.35 -21.35 -18.34
CA LEU C 514 -13.63 -21.13 -17.69
C LEU C 514 -14.74 -20.94 -18.73
N VAL C 515 -14.42 -20.25 -19.82
CA VAL C 515 -15.40 -20.05 -20.90
C VAL C 515 -15.71 -21.38 -21.58
N ARG C 516 -14.69 -22.23 -21.78
CA ARG C 516 -14.91 -23.50 -22.48
C ARG C 516 -15.92 -24.37 -21.74
N GLU C 517 -15.74 -24.52 -20.42
CA GLU C 517 -16.54 -25.41 -19.59
C GLU C 517 -17.86 -24.79 -19.14
N GLY C 518 -18.34 -23.74 -19.82
CA GLY C 518 -19.65 -23.23 -19.53
C GLY C 518 -19.78 -22.46 -18.23
N TYR C 519 -18.68 -22.02 -17.65
CA TYR C 519 -18.74 -21.23 -16.43
C TYR C 519 -18.96 -19.74 -16.68
N VAL C 520 -18.88 -19.31 -17.94
CA VAL C 520 -19.04 -17.92 -18.30
C VAL C 520 -20.21 -17.84 -19.25
N HIS C 521 -21.32 -17.24 -18.80
CA HIS C 521 -22.50 -17.06 -19.62
C HIS C 521 -22.61 -15.64 -20.16
N ALA C 522 -21.85 -14.69 -19.61
CA ALA C 522 -21.80 -13.38 -20.23
C ALA C 522 -20.46 -12.72 -19.91
N LEU C 523 -20.00 -11.87 -20.82
CA LEU C 523 -18.73 -11.16 -20.64
C LEU C 523 -18.96 -9.66 -20.77
N LEU C 524 -18.53 -8.93 -19.76
CA LEU C 524 -18.60 -7.48 -19.73
C LEU C 524 -17.16 -6.96 -19.66
N GLY C 525 -16.75 -6.18 -20.65
CA GLY C 525 -15.40 -5.67 -20.70
C GLY C 525 -15.32 -4.39 -21.48
N GLY C 526 -14.12 -4.12 -22.01
CA GLY C 526 -13.88 -2.93 -22.81
C GLY C 526 -12.95 -3.20 -23.99
N ASN C 527 -12.52 -2.12 -24.63
CA ASN C 527 -11.60 -2.23 -25.76
C ASN C 527 -10.27 -2.84 -25.35
N ALA C 528 -9.74 -2.40 -24.20
CA ALA C 528 -8.36 -2.72 -23.82
C ALA C 528 -8.17 -4.22 -23.62
N ILE C 529 -9.08 -4.87 -22.88
CA ILE C 529 -8.91 -6.28 -22.58
C ILE C 529 -8.96 -7.10 -23.87
N ALA C 530 -9.83 -6.70 -24.81
CA ALA C 530 -9.93 -7.43 -26.06
C ALA C 530 -8.66 -7.29 -26.89
N VAL C 531 -8.13 -6.06 -27.02
CA VAL C 531 -6.92 -5.90 -27.82
C VAL C 531 -5.74 -6.60 -27.16
N HIS C 532 -5.67 -6.61 -25.82
CA HIS C 532 -4.56 -7.27 -25.14
C HIS C 532 -4.65 -8.78 -25.26
N ASP C 533 -5.85 -9.33 -25.09
CA ASP C 533 -6.06 -10.76 -25.27
C ASP C 533 -5.68 -11.18 -26.69
N ILE C 534 -6.13 -10.43 -27.69
CA ILE C 534 -5.85 -10.81 -29.07
C ILE C 534 -4.36 -10.63 -29.39
N GLU C 535 -3.71 -9.62 -28.81
CA GLU C 535 -2.29 -9.43 -29.01
C GLU C 535 -1.48 -10.58 -28.40
N GLN C 536 -1.83 -11.00 -27.18
CA GLN C 536 -1.12 -12.15 -26.60
C GLN C 536 -1.42 -13.43 -27.36
N ALA C 537 -2.62 -13.54 -27.94
CA ALA C 537 -2.95 -14.74 -28.71
C ALA C 537 -2.17 -14.80 -30.01
N THR C 538 -2.03 -13.67 -30.70
CA THR C 538 -1.36 -13.67 -32.01
C THR C 538 0.15 -13.60 -31.87
N MET C 539 0.64 -12.65 -31.07
CA MET C 539 2.07 -12.34 -30.99
C MET C 539 2.73 -12.78 -29.70
N GLY C 540 1.98 -13.38 -28.78
CA GLY C 540 2.54 -13.87 -27.52
C GLY C 540 2.85 -12.84 -26.45
N THR C 541 3.11 -11.61 -26.83
CA THR C 541 3.46 -10.52 -25.90
C THR C 541 2.28 -9.57 -25.79
N SER C 542 1.87 -9.27 -24.55
CA SER C 542 0.77 -8.36 -24.30
C SER C 542 1.30 -6.99 -23.86
N LEU C 543 0.38 -6.13 -23.45
CA LEU C 543 0.71 -4.77 -22.99
C LEU C 543 1.48 -3.96 -24.01
N GLY C 556 7.00 -0.21 -28.55
CA GLY C 556 6.43 -1.05 -27.52
C GLY C 556 4.91 -1.02 -27.52
N HIS C 557 4.38 0.19 -27.62
CA HIS C 557 2.93 0.40 -27.72
C HIS C 557 2.40 0.10 -29.11
N ARG C 558 3.27 -0.16 -30.08
CA ARG C 558 2.84 -0.23 -31.47
C ARG C 558 2.02 -1.49 -31.74
N HIS C 559 2.32 -2.60 -31.05
CA HIS C 559 1.57 -3.83 -31.28
C HIS C 559 0.07 -3.62 -31.10
N HIS C 560 -0.32 -2.74 -30.17
CA HIS C 560 -1.73 -2.45 -29.99
C HIS C 560 -2.39 -2.04 -31.31
N LEU C 561 -1.80 -1.06 -32.00
CA LEU C 561 -2.42 -0.60 -33.24
C LEU C 561 -2.37 -1.67 -34.33
N LYS C 562 -1.28 -2.42 -34.43
CA LYS C 562 -1.24 -3.48 -35.44
C LYS C 562 -2.39 -4.45 -35.25
N ILE C 563 -2.60 -4.88 -34.00
CA ILE C 563 -3.70 -5.80 -33.71
C ILE C 563 -5.05 -5.15 -34.00
N ILE C 564 -5.24 -3.90 -33.52
CA ILE C 564 -6.50 -3.20 -33.73
C ILE C 564 -6.79 -3.05 -35.22
N ASN C 565 -5.76 -2.69 -36.00
CA ASN C 565 -5.91 -2.50 -37.43
C ASN C 565 -6.30 -3.79 -38.12
N SER C 566 -5.62 -4.89 -37.79
CA SER C 566 -5.97 -6.19 -38.37
C SER C 566 -7.42 -6.55 -38.07
N VAL C 567 -7.82 -6.43 -36.80
CA VAL C 567 -9.17 -6.82 -36.42
C VAL C 567 -10.21 -5.92 -37.09
N ARG C 568 -9.89 -4.62 -37.22
CA ARG C 568 -10.77 -3.72 -37.96
C ARG C 568 -10.89 -4.11 -39.41
N ARG C 569 -9.78 -4.55 -40.02
CA ARG C 569 -9.81 -5.00 -41.41
C ARG C 569 -10.74 -6.19 -41.57
N TYR C 570 -10.67 -7.16 -40.65
CA TYR C 570 -11.62 -8.26 -40.73
C TYR C 570 -13.04 -7.81 -40.38
N GLY C 571 -13.21 -6.61 -39.83
CA GLY C 571 -14.53 -6.06 -39.55
C GLY C 571 -15.14 -6.47 -38.23
N GLY C 572 -14.41 -7.15 -37.37
CA GLY C 572 -14.93 -7.52 -36.07
C GLY C 572 -14.17 -8.70 -35.50
N ILE C 573 -14.47 -9.01 -34.24
CA ILE C 573 -13.78 -10.11 -33.59
C ILE C 573 -14.29 -11.45 -34.12
N ARG C 574 -15.60 -11.56 -34.33
CA ARG C 574 -16.17 -12.81 -34.85
C ARG C 574 -15.60 -13.16 -36.21
N GLN C 575 -15.54 -12.19 -37.12
CA GLN C 575 -14.94 -12.42 -38.43
C GLN C 575 -13.47 -12.80 -38.33
N ALA C 576 -12.70 -12.09 -37.49
CA ALA C 576 -11.29 -12.42 -37.35
C ALA C 576 -11.08 -13.81 -36.77
N VAL C 577 -12.01 -14.30 -35.96
CA VAL C 577 -11.91 -15.67 -35.46
C VAL C 577 -12.29 -16.68 -36.54
N GLU C 578 -13.38 -16.41 -37.27
CA GLU C 578 -13.84 -17.32 -38.30
C GLU C 578 -12.87 -17.42 -39.47
N ALA C 579 -12.08 -16.37 -39.71
CA ALA C 579 -11.08 -16.44 -40.77
C ALA C 579 -9.84 -17.22 -40.37
N GLY C 580 -9.47 -17.19 -39.10
CA GLY C 580 -8.30 -17.88 -38.61
C GLY C 580 -7.12 -17.00 -38.23
N PHE C 581 -7.36 -15.73 -37.93
CA PHE C 581 -6.33 -14.82 -37.45
C PHE C 581 -6.23 -14.88 -35.94
N ILE C 582 -7.35 -15.14 -35.28
CA ILE C 582 -7.41 -15.35 -33.84
C ILE C 582 -7.72 -16.83 -33.63
N SER C 583 -6.74 -17.57 -33.14
CA SER C 583 -6.89 -19.00 -32.92
C SER C 583 -7.12 -19.39 -31.46
N LYS C 584 -6.76 -18.52 -30.52
CA LYS C 584 -6.86 -18.82 -29.10
C LYS C 584 -7.18 -17.54 -28.36
N GLY C 585 -7.62 -17.69 -27.11
CA GLY C 585 -7.81 -16.56 -26.22
C GLY C 585 -9.22 -16.51 -25.67
N VAL C 586 -9.45 -15.47 -24.85
CA VAL C 586 -10.76 -15.29 -24.23
C VAL C 586 -11.81 -14.92 -25.27
N MET C 587 -11.50 -13.95 -26.13
CA MET C 587 -12.45 -13.55 -27.16
C MET C 587 -12.70 -14.68 -28.15
N TYR C 588 -11.66 -15.45 -28.48
CA TYR C 588 -11.84 -16.60 -29.35
C TYR C 588 -12.83 -17.59 -28.76
N GLU C 589 -12.66 -17.93 -27.48
CA GLU C 589 -13.57 -18.86 -26.83
C GLU C 589 -14.97 -18.28 -26.67
N CYS C 590 -15.06 -16.96 -26.52
CA CYS C 590 -16.38 -16.32 -26.41
C CYS C 590 -17.13 -16.43 -27.74
N VAL C 591 -16.44 -16.19 -28.85
CA VAL C 591 -17.08 -16.30 -30.16
C VAL C 591 -17.41 -17.76 -30.47
N LYS C 592 -16.48 -18.67 -30.17
CA LYS C 592 -16.64 -20.07 -30.55
C LYS C 592 -17.83 -20.72 -29.85
N ASN C 593 -17.83 -20.68 -28.51
CA ASN C 593 -18.93 -21.26 -27.74
C ASN C 593 -20.16 -20.37 -27.70
N ASN C 594 -20.17 -19.30 -28.49
CA ASN C 594 -21.32 -18.40 -28.65
C ASN C 594 -21.75 -17.83 -27.30
N ILE C 595 -20.81 -17.13 -26.66
CA ILE C 595 -21.06 -16.43 -25.40
C ILE C 595 -21.19 -14.94 -25.71
N PRO C 596 -22.29 -14.29 -25.28
CA PRO C 596 -22.41 -12.85 -25.53
C PRO C 596 -21.46 -12.02 -24.68
N TYR C 597 -20.83 -11.05 -25.33
CA TYR C 597 -19.93 -10.11 -24.69
C TYR C 597 -20.29 -8.69 -25.10
N CYS C 598 -19.93 -7.74 -24.25
CA CYS C 598 -20.16 -6.33 -24.51
C CYS C 598 -18.92 -5.54 -24.10
N LEU C 599 -18.37 -4.79 -25.04
CA LEU C 599 -17.18 -3.97 -24.83
C LEU C 599 -17.61 -2.52 -24.75
N ALA C 600 -17.64 -1.97 -23.54
CA ALA C 600 -17.97 -0.57 -23.35
C ALA C 600 -16.77 0.28 -23.74
N GLY C 601 -17.04 1.43 -24.35
CA GLY C 601 -15.97 2.29 -24.79
C GLY C 601 -15.39 3.09 -23.65
N SER C 602 -14.21 3.67 -23.91
CA SER C 602 -13.55 4.52 -22.94
C SER C 602 -12.88 5.68 -23.66
N ILE C 603 -12.68 6.78 -22.92
CA ILE C 603 -11.98 7.93 -23.46
C ILE C 603 -10.54 7.58 -23.78
N ARG C 604 -10.01 6.54 -23.15
CA ARG C 604 -8.64 6.07 -23.36
C ARG C 604 -8.50 5.17 -24.58
N ASP C 605 -9.60 4.83 -25.27
CA ASP C 605 -9.52 3.82 -26.32
C ASP C 605 -8.60 4.33 -27.43
N ASP C 606 -7.57 3.54 -27.75
CA ASP C 606 -6.61 3.96 -28.76
C ASP C 606 -7.12 3.68 -30.17
N GLY C 607 -8.11 2.80 -30.28
CA GLY C 607 -8.69 2.41 -31.52
C GLY C 607 -9.83 1.49 -31.17
N PRO C 608 -11.01 1.83 -31.68
CA PRO C 608 -12.20 1.02 -31.37
C PRO C 608 -12.16 -0.23 -32.23
N LEU C 609 -12.22 -1.36 -31.56
CA LEU C 609 -12.57 -2.56 -32.26
C LEU C 609 -13.99 -2.38 -32.77
N PRO C 610 -14.31 -2.93 -33.94
CA PRO C 610 -15.68 -2.77 -34.48
C PRO C 610 -16.74 -3.14 -33.47
N ASP C 611 -16.40 -4.02 -32.52
CA ASP C 611 -17.33 -4.46 -31.49
C ASP C 611 -17.49 -3.46 -30.35
N THR C 612 -16.49 -2.61 -30.10
CA THR C 612 -16.54 -1.72 -28.93
C THR C 612 -17.64 -0.68 -29.08
N GLU C 613 -18.58 -0.69 -28.13
CA GLU C 613 -19.70 0.25 -28.14
C GLU C 613 -19.22 1.60 -27.64
N MET C 614 -19.25 2.61 -28.50
CA MET C 614 -18.81 3.95 -28.12
C MET C 614 -19.94 4.85 -27.67
N ASN C 615 -21.19 4.39 -27.75
CA ASN C 615 -22.34 5.11 -27.20
C ASN C 615 -22.74 4.44 -25.89
N LEU C 616 -22.48 5.12 -24.78
CA LEU C 616 -22.52 4.47 -23.48
C LEU C 616 -23.92 4.25 -22.95
N VAL C 617 -24.93 4.93 -23.48
CA VAL C 617 -26.30 4.56 -23.12
C VAL C 617 -26.64 3.20 -23.69
N ARG C 618 -26.28 2.95 -24.96
CA ARG C 618 -26.44 1.62 -25.54
C ARG C 618 -25.62 0.60 -24.77
N ALA C 619 -24.40 0.96 -24.35
CA ALA C 619 -23.57 0.03 -23.60
C ALA C 619 -24.18 -0.30 -22.24
N GLN C 620 -24.73 0.72 -21.56
CA GLN C 620 -25.40 0.48 -20.27
C GLN C 620 -26.64 -0.39 -20.44
N SER C 621 -27.41 -0.15 -21.50
CA SER C 621 -28.57 -0.98 -21.78
C SER C 621 -28.14 -2.43 -22.01
N ARG C 622 -27.10 -2.62 -22.83
CA ARG C 622 -26.61 -3.96 -23.12
C ARG C 622 -26.04 -4.62 -21.85
N TYR C 623 -25.40 -3.84 -20.98
CA TYR C 623 -24.92 -4.36 -19.72
C TYR C 623 -26.07 -4.88 -18.85
N SER C 624 -27.13 -4.07 -18.71
CA SER C 624 -28.28 -4.50 -17.93
C SER C 624 -28.94 -5.72 -18.56
N GLU C 625 -28.96 -5.80 -19.89
CA GLU C 625 -29.51 -6.96 -20.57
C GLU C 625 -28.72 -8.22 -20.21
N LEU C 626 -27.40 -8.18 -20.40
CA LEU C 626 -26.57 -9.34 -20.14
C LEU C 626 -26.48 -9.70 -18.66
N ILE C 627 -26.72 -8.73 -17.77
CA ILE C 627 -26.65 -9.02 -16.34
C ILE C 627 -27.93 -9.71 -15.87
N GLN C 628 -29.01 -9.64 -16.64
CA GLN C 628 -30.30 -10.10 -16.17
C GLN C 628 -30.27 -11.61 -15.89
N GLY C 629 -30.94 -12.01 -14.81
CA GLY C 629 -31.01 -13.40 -14.43
C GLY C 629 -29.71 -14.01 -13.95
N ALA C 630 -28.74 -13.20 -13.57
CA ALA C 630 -27.44 -13.71 -13.17
C ALA C 630 -27.52 -14.21 -11.73
N ASP C 631 -26.73 -15.24 -11.44
CA ASP C 631 -26.61 -15.76 -10.08
C ASP C 631 -25.30 -15.39 -9.41
N MET C 632 -24.23 -15.23 -10.17
CA MET C 632 -22.96 -14.76 -9.63
C MET C 632 -22.27 -13.87 -10.66
N ILE C 633 -21.49 -12.92 -10.17
CA ILE C 633 -20.72 -12.03 -11.03
C ILE C 633 -19.27 -12.08 -10.56
N LEU C 634 -18.40 -12.66 -11.39
CA LEU C 634 -16.97 -12.65 -11.15
C LEU C 634 -16.42 -11.37 -11.76
N MET C 635 -15.85 -10.52 -10.91
CA MET C 635 -15.36 -9.21 -11.31
C MET C 635 -13.84 -9.29 -11.29
N LEU C 636 -13.21 -9.26 -12.46
CA LEU C 636 -11.77 -9.48 -12.56
C LEU C 636 -11.03 -8.21 -12.99
N SER C 637 -10.69 -7.39 -11.98
CA SER C 637 -9.73 -6.28 -12.12
C SER C 637 -10.16 -5.22 -13.12
N SER C 638 -11.44 -4.86 -13.11
CA SER C 638 -11.89 -3.62 -13.72
C SER C 638 -12.55 -2.74 -12.66
N MET C 639 -11.80 -1.84 -12.02
CA MET C 639 -12.39 -1.08 -10.92
C MET C 639 -13.53 -0.20 -11.41
N LEU C 640 -13.27 0.56 -12.47
CA LEU C 640 -14.31 1.43 -13.02
C LEU C 640 -15.53 0.62 -13.43
N HIS C 641 -15.31 -0.50 -14.11
CA HIS C 641 -16.40 -1.35 -14.52
C HIS C 641 -17.09 -1.99 -13.30
N SER C 642 -16.33 -2.43 -12.31
CA SER C 642 -16.92 -3.18 -11.20
C SER C 642 -17.96 -2.34 -10.46
N ILE C 643 -17.67 -1.05 -10.22
CA ILE C 643 -18.64 -0.22 -9.52
C ILE C 643 -19.90 -0.02 -10.38
N GLY C 644 -19.73 0.18 -11.69
CA GLY C 644 -20.88 0.36 -12.56
C GLY C 644 -21.74 -0.90 -12.67
N VAL C 645 -21.10 -2.06 -12.83
CA VAL C 645 -21.84 -3.31 -12.94
C VAL C 645 -22.55 -3.61 -11.62
N GLY C 646 -21.90 -3.31 -10.49
CA GLY C 646 -22.57 -3.46 -9.22
C GLY C 646 -23.75 -2.53 -9.07
N ASN C 647 -23.60 -1.29 -9.53
CA ASN C 647 -24.72 -0.35 -9.56
C ASN C 647 -25.86 -0.90 -10.40
N MET C 648 -25.54 -1.72 -11.41
CA MET C 648 -26.55 -2.37 -12.22
C MET C 648 -27.10 -3.65 -11.60
N THR C 649 -26.40 -4.22 -10.65
CA THR C 649 -26.85 -5.52 -10.18
C THR C 649 -27.75 -5.41 -8.97
N PRO C 650 -28.74 -6.29 -8.86
CA PRO C 650 -29.54 -6.37 -7.63
C PRO C 650 -28.76 -7.05 -6.51
N SER C 651 -29.39 -7.09 -5.33
CA SER C 651 -28.69 -7.59 -4.17
C SER C 651 -28.58 -9.12 -4.15
N GLY C 652 -29.56 -9.83 -4.74
CA GLY C 652 -29.58 -11.28 -4.60
C GLY C 652 -28.38 -12.00 -5.18
N VAL C 653 -27.71 -11.40 -6.14
CA VAL C 653 -26.58 -12.03 -6.82
C VAL C 653 -25.35 -11.96 -5.92
N LYS C 654 -24.54 -13.02 -5.93
CA LYS C 654 -23.30 -13.00 -5.18
C LYS C 654 -22.23 -12.34 -6.04
N MET C 655 -21.50 -11.40 -5.45
CA MET C 655 -20.52 -10.59 -6.16
C MET C 655 -19.15 -11.05 -5.70
N VAL C 656 -18.31 -11.49 -6.62
CA VAL C 656 -16.94 -11.85 -6.28
C VAL C 656 -16.04 -10.78 -6.90
N CYS C 657 -15.37 -10.02 -6.04
CA CYS C 657 -14.52 -8.92 -6.46
C CYS C 657 -13.09 -9.24 -6.06
N VAL C 658 -12.20 -9.36 -7.04
CA VAL C 658 -10.82 -9.80 -6.80
C VAL C 658 -9.87 -8.70 -7.22
N ASP C 659 -8.96 -8.30 -6.32
CA ASP C 659 -7.92 -7.36 -6.69
C ASP C 659 -6.89 -7.23 -5.57
N ILE C 660 -5.68 -6.76 -5.93
CA ILE C 660 -4.59 -6.54 -4.98
C ILE C 660 -4.55 -5.15 -4.36
N ASN C 661 -5.40 -4.23 -4.79
CA ASN C 661 -5.30 -2.82 -4.38
C ASN C 661 -5.04 -2.55 -2.91
N PRO C 662 -5.66 -3.21 -1.91
CA PRO C 662 -6.86 -3.98 -1.58
C PRO C 662 -8.11 -3.16 -1.23
N ALA C 663 -8.06 -1.84 -1.38
CA ALA C 663 -9.22 -1.04 -1.02
C ALA C 663 -10.38 -1.22 -2.00
N VAL C 664 -10.09 -1.65 -3.23
CA VAL C 664 -11.15 -1.89 -4.21
C VAL C 664 -11.75 -3.28 -3.98
N VAL C 665 -11.37 -3.90 -2.86
CA VAL C 665 -11.99 -5.16 -2.44
C VAL C 665 -13.12 -4.83 -1.47
N THR C 666 -13.19 -3.57 -1.02
CA THR C 666 -14.24 -3.10 -0.12
C THR C 666 -15.49 -2.87 -0.96
N LYS C 667 -16.24 -3.95 -1.17
CA LYS C 667 -17.59 -3.90 -1.71
C LYS C 667 -18.52 -4.46 -0.66
N LEU C 668 -19.58 -3.72 -0.35
CA LEU C 668 -20.53 -4.15 0.68
C LEU C 668 -21.95 -3.70 0.34
N VAL C 674 -21.45 -10.52 3.08
CA VAL C 674 -21.58 -11.97 3.08
C VAL C 674 -22.29 -12.42 1.82
N GLU C 675 -23.17 -11.56 1.30
CA GLU C 675 -23.72 -11.77 -0.03
C GLU C 675 -22.72 -11.40 -1.11
N SER C 676 -21.66 -10.67 -0.76
CA SER C 676 -20.57 -10.37 -1.65
C SER C 676 -19.26 -10.80 -1.00
N VAL C 677 -18.38 -11.39 -1.80
CA VAL C 677 -17.07 -11.83 -1.37
C VAL C 677 -16.02 -10.96 -2.05
N GLY C 678 -15.04 -10.55 -1.28
CA GLY C 678 -13.91 -9.80 -1.81
C GLY C 678 -12.65 -10.60 -1.56
N VAL C 679 -11.73 -10.55 -2.52
CA VAL C 679 -10.48 -11.30 -2.46
C VAL C 679 -9.35 -10.33 -2.73
N VAL C 680 -8.29 -10.45 -1.93
CA VAL C 680 -7.15 -9.54 -2.02
C VAL C 680 -5.94 -10.32 -2.51
N THR C 681 -5.81 -10.46 -3.82
CA THR C 681 -4.65 -11.14 -4.38
C THR C 681 -4.47 -10.67 -5.82
N ASP C 682 -3.54 -11.32 -6.52
CA ASP C 682 -3.35 -11.12 -7.95
C ASP C 682 -4.37 -11.93 -8.74
N VAL C 683 -5.05 -11.26 -9.68
CA VAL C 683 -6.18 -11.85 -10.39
C VAL C 683 -5.77 -13.09 -11.19
N GLY C 684 -4.55 -13.11 -11.73
CA GLY C 684 -4.10 -14.29 -12.45
C GLY C 684 -3.94 -15.49 -11.55
N LEU C 685 -3.37 -15.27 -10.36
CA LEU C 685 -3.28 -16.34 -9.36
C LEU C 685 -4.66 -16.80 -8.93
N PHE C 686 -5.59 -15.87 -8.72
CA PHE C 686 -6.97 -16.22 -8.39
C PHE C 686 -7.57 -17.12 -9.47
N LEU C 687 -7.37 -16.78 -10.74
CA LEU C 687 -7.93 -17.59 -11.83
C LEU C 687 -7.27 -18.96 -11.89
N SER C 688 -5.95 -19.03 -11.69
CA SER C 688 -5.27 -20.33 -11.72
C SER C 688 -5.76 -21.24 -10.61
N LEU C 689 -5.84 -20.71 -9.38
CA LEU C 689 -6.35 -21.50 -8.27
C LEU C 689 -7.80 -21.91 -8.51
N LEU C 690 -8.60 -21.02 -9.08
CA LEU C 690 -10.00 -21.33 -9.33
C LEU C 690 -10.14 -22.48 -10.33
N VAL C 691 -9.34 -22.44 -11.41
CA VAL C 691 -9.40 -23.52 -12.39
C VAL C 691 -8.94 -24.84 -11.77
N ARG C 692 -7.88 -24.79 -10.95
CA ARG C 692 -7.40 -26.01 -10.31
C ARG C 692 -8.48 -26.62 -9.40
N GLN C 693 -9.12 -25.79 -8.56
CA GLN C 693 -10.13 -26.30 -7.65
C GLN C 693 -11.37 -26.77 -8.40
N LEU C 694 -11.74 -26.08 -9.48
CA LEU C 694 -12.86 -26.54 -10.29
C LEU C 694 -12.55 -27.84 -10.99
N GLN C 695 -11.27 -28.10 -11.29
CA GLN C 695 -10.89 -29.40 -11.82
C GLN C 695 -11.07 -30.46 -10.74
N GLN C 696 -10.41 -30.29 -9.60
CA GLN C 696 -10.63 -31.17 -8.45
C GLN C 696 -12.10 -31.35 -8.09
N LEU C 697 -12.99 -30.50 -8.60
CA LEU C 697 -14.43 -30.65 -8.35
C LEU C 697 -15.21 -31.31 -9.47
N THR C 698 -14.91 -31.02 -10.73
CA THR C 698 -15.62 -31.61 -11.86
C THR C 698 -14.81 -32.66 -12.60
N ARG C 699 -13.67 -33.09 -12.07
CA ARG C 699 -12.86 -34.14 -12.70
C ARG C 699 -12.64 -35.30 -11.74
N PRO C 700 -13.69 -36.06 -11.40
CA PRO C 700 -13.49 -37.39 -10.82
C PRO C 700 -13.14 -38.47 -11.83
N TYR C 701 -12.91 -38.10 -13.09
CA TYR C 701 -12.57 -39.06 -14.13
C TYR C 701 -11.06 -39.25 -14.23
N ASP D 5 24.67 -48.15 -41.97
CA ASP D 5 24.93 -46.73 -42.18
C ASP D 5 26.17 -46.28 -41.40
N ASP D 6 27.09 -45.62 -42.11
CA ASP D 6 28.39 -45.23 -41.54
C ASP D 6 28.25 -43.89 -40.83
N ILE D 7 27.81 -43.95 -39.57
CA ILE D 7 27.65 -42.78 -38.71
C ILE D 7 28.71 -42.84 -37.61
N ARG D 8 29.54 -41.80 -37.53
CA ARG D 8 30.62 -41.70 -36.56
C ARG D 8 30.40 -40.52 -35.62
N ILE D 9 30.65 -40.74 -34.33
CA ILE D 9 30.46 -39.73 -33.28
C ILE D 9 31.75 -39.58 -32.49
N LEU D 10 32.11 -38.33 -32.20
CA LEU D 10 33.33 -38.03 -31.45
C LEU D 10 33.00 -37.87 -29.97
N MET D 11 33.80 -38.52 -29.13
CA MET D 11 33.65 -38.44 -27.67
C MET D 11 35.04 -38.29 -27.05
N CYS D 12 35.06 -37.98 -25.76
CA CYS D 12 36.32 -37.79 -25.06
C CYS D 12 36.23 -38.30 -23.62
N PRO D 13 37.04 -39.29 -23.26
CA PRO D 13 36.93 -39.90 -21.93
C PRO D 13 37.59 -39.03 -20.87
N PRO D 14 37.15 -39.11 -19.61
CA PRO D 14 37.79 -38.34 -18.55
C PRO D 14 39.07 -39.02 -18.05
N SER D 35 33.55 -38.97 -4.75
CA SER D 35 34.41 -40.06 -5.18
C SER D 35 34.70 -40.00 -6.68
N GLN D 36 33.76 -39.44 -7.45
CA GLN D 36 33.94 -39.19 -8.88
C GLN D 36 33.91 -40.48 -9.68
N GLU D 37 33.99 -41.63 -9.00
CA GLU D 37 33.98 -42.92 -9.69
C GLU D 37 32.69 -43.14 -10.48
N ARG D 38 31.55 -42.82 -9.88
CA ARG D 38 30.28 -42.98 -10.57
C ARG D 38 30.25 -42.21 -11.89
N ALA D 39 30.89 -41.05 -11.94
CA ALA D 39 30.95 -40.29 -13.19
C ALA D 39 31.64 -41.09 -14.29
N VAL D 40 32.80 -41.68 -13.97
CA VAL D 40 33.52 -42.50 -14.94
C VAL D 40 32.68 -43.70 -15.36
N GLU D 41 32.04 -44.36 -14.39
CA GLU D 41 31.19 -45.51 -14.70
C GLU D 41 30.07 -45.13 -15.65
N GLN D 42 29.43 -43.98 -15.41
CA GLN D 42 28.34 -43.51 -16.26
C GLN D 42 28.85 -43.16 -17.65
N TRP D 43 30.03 -42.54 -17.74
CA TRP D 43 30.61 -42.24 -19.04
C TRP D 43 30.85 -43.52 -19.81
N LYS D 44 31.34 -44.57 -19.14
CA LYS D 44 31.55 -45.86 -19.80
C LYS D 44 30.24 -46.44 -20.29
N LYS D 45 29.19 -46.39 -19.46
CA LYS D 45 27.89 -46.91 -19.88
C LYS D 45 27.41 -46.22 -21.14
N LEU D 46 27.47 -44.89 -21.17
CA LEU D 46 27.02 -44.16 -22.36
C LEU D 46 27.94 -44.43 -23.55
N HIS D 47 29.24 -44.53 -23.31
CA HIS D 47 30.18 -44.79 -24.40
C HIS D 47 29.85 -46.09 -25.10
N GLN D 48 29.62 -47.17 -24.34
CA GLN D 48 29.27 -48.43 -24.99
C GLN D 48 27.89 -48.35 -25.64
N THR D 49 26.93 -47.70 -24.97
CA THR D 49 25.58 -47.62 -25.53
C THR D 49 25.60 -46.92 -26.89
N ILE D 50 26.34 -45.82 -27.02
CA ILE D 50 26.43 -45.12 -28.31
C ILE D 50 27.30 -45.89 -29.29
N LYS D 51 28.33 -46.57 -28.79
CA LYS D 51 29.16 -47.41 -29.66
C LYS D 51 28.37 -48.55 -30.28
N GLU D 52 27.36 -49.05 -29.57
CA GLU D 52 26.51 -50.11 -30.10
C GLU D 52 25.70 -49.65 -31.30
N CYS D 53 25.56 -48.34 -31.50
CA CYS D 53 24.76 -47.80 -32.58
C CYS D 53 25.58 -47.06 -33.64
N ALA D 54 26.82 -46.73 -33.35
CA ALA D 54 27.64 -45.95 -34.26
C ALA D 54 29.11 -46.12 -33.88
N ILE D 55 29.99 -45.65 -34.77
CA ILE D 55 31.42 -45.71 -34.53
C ILE D 55 31.82 -44.51 -33.68
N VAL D 56 32.50 -44.77 -32.57
CA VAL D 56 32.85 -43.73 -31.61
C VAL D 56 34.36 -43.51 -31.68
N ASP D 57 34.77 -42.42 -32.31
CA ASP D 57 36.17 -41.97 -32.27
C ASP D 57 36.40 -41.14 -31.02
N LEU D 58 37.59 -41.27 -30.45
CA LEU D 58 37.94 -40.54 -29.24
C LEU D 58 39.03 -39.51 -29.51
N VAL D 59 39.08 -38.50 -28.63
CA VAL D 59 40.11 -37.47 -28.64
C VAL D 59 40.81 -37.51 -27.30
N LYS D 60 42.11 -37.25 -27.30
CA LYS D 60 42.90 -37.34 -26.08
C LYS D 60 42.58 -36.17 -25.15
N PRO D 61 42.29 -36.44 -23.88
CA PRO D 61 42.10 -35.34 -22.92
C PRO D 61 43.41 -34.68 -22.57
N ALA D 62 43.31 -33.61 -21.79
CA ALA D 62 44.47 -32.90 -21.27
C ALA D 62 44.27 -32.67 -19.78
N LYS D 63 45.37 -32.70 -19.04
CA LYS D 63 45.32 -32.38 -17.61
C LYS D 63 45.03 -30.89 -17.45
N GLY D 64 44.10 -30.56 -16.56
CA GLY D 64 43.67 -29.19 -16.39
C GLY D 64 42.45 -28.78 -17.17
N TRP D 65 41.89 -29.68 -18.01
CA TRP D 65 40.70 -29.39 -18.80
C TRP D 65 39.74 -30.57 -18.72
N PRO D 66 38.96 -30.67 -17.63
CA PRO D 66 38.04 -31.81 -17.49
C PRO D 66 36.83 -31.65 -18.38
N ASP D 67 36.41 -30.40 -18.55
CA ASP D 67 35.23 -30.12 -19.34
C ASP D 67 35.50 -30.25 -20.82
N MET D 68 36.64 -30.87 -21.17
CA MET D 68 36.88 -31.29 -22.54
C MET D 68 36.08 -32.54 -22.87
N VAL D 69 35.48 -33.19 -21.86
CA VAL D 69 34.68 -34.38 -22.15
C VAL D 69 33.45 -34.02 -22.98
N PHE D 70 32.94 -32.80 -22.86
CA PHE D 70 31.78 -32.34 -23.63
C PHE D 70 32.21 -31.99 -25.05
N THR D 71 32.24 -33.01 -25.93
CA THR D 71 32.69 -32.78 -27.29
C THR D 71 31.68 -31.97 -28.10
N ALA D 72 30.43 -31.85 -27.62
CA ALA D 72 29.46 -31.00 -28.32
C ALA D 72 29.94 -29.56 -28.37
N ASN D 73 30.73 -29.14 -27.38
CA ASN D 73 31.27 -27.79 -27.32
C ASN D 73 32.55 -27.63 -28.16
N ALA D 74 32.97 -28.67 -28.87
CA ALA D 74 34.22 -28.58 -29.63
C ALA D 74 34.08 -27.65 -30.83
N GLY D 75 33.01 -27.80 -31.59
CA GLY D 75 32.83 -27.04 -32.81
C GLY D 75 31.85 -27.71 -33.74
N LEU D 76 31.02 -26.92 -34.41
CA LEU D 76 30.03 -27.51 -35.30
C LEU D 76 30.68 -27.96 -36.61
N VAL D 77 30.43 -29.22 -36.97
CA VAL D 77 31.04 -29.86 -38.12
C VAL D 77 29.98 -30.11 -39.19
N LEU D 78 30.32 -29.79 -40.44
CA LEU D 78 29.49 -30.13 -41.59
C LEU D 78 30.39 -30.53 -42.75
N GLY D 79 30.19 -31.74 -43.27
CA GLY D 79 31.02 -32.24 -44.35
C GLY D 79 32.49 -32.26 -43.96
N GLU D 80 33.33 -31.70 -44.83
CA GLU D 80 34.76 -31.67 -44.60
C GLU D 80 35.21 -30.45 -43.80
N ASN D 81 34.32 -29.51 -43.54
CA ASN D 81 34.63 -28.28 -42.83
C ASN D 81 34.10 -28.31 -41.40
N VAL D 82 34.92 -27.83 -40.47
CA VAL D 82 34.56 -27.73 -39.06
C VAL D 82 34.75 -26.27 -38.63
N VAL D 83 33.76 -25.74 -37.92
CA VAL D 83 33.85 -24.39 -37.33
C VAL D 83 34.30 -24.56 -35.88
N LEU D 84 35.55 -24.21 -35.60
CA LEU D 84 36.07 -24.32 -34.25
C LEU D 84 35.34 -23.36 -33.32
N SER D 85 35.10 -23.81 -32.09
CA SER D 85 34.31 -23.04 -31.14
C SER D 85 35.10 -21.90 -30.53
N ARG D 86 34.38 -20.83 -30.17
CA ARG D 86 34.94 -19.69 -29.44
C ARG D 86 34.17 -19.54 -28.14
N PHE D 87 34.77 -19.95 -27.03
CA PHE D 87 34.07 -19.98 -25.76
C PHE D 87 33.81 -18.56 -25.24
N TYR D 88 32.67 -18.40 -24.56
CA TYR D 88 32.33 -17.10 -23.97
C TYR D 88 33.21 -16.79 -22.77
N HIS D 89 33.30 -17.72 -21.82
CA HIS D 89 34.09 -17.52 -20.62
C HIS D 89 35.54 -17.91 -20.87
N LYS D 90 36.43 -17.45 -19.98
CA LYS D 90 37.84 -17.72 -20.17
C LYS D 90 38.21 -19.16 -19.84
N GLU D 91 37.40 -19.83 -19.01
CA GLU D 91 37.66 -21.23 -18.73
C GLU D 91 37.35 -22.06 -19.97
N ARG D 92 37.91 -23.27 -20.02
CA ARG D 92 37.71 -24.23 -21.10
C ARG D 92 38.14 -23.72 -22.46
N GLN D 93 38.80 -22.56 -22.54
CA GLN D 93 39.33 -22.11 -23.82
C GLN D 93 40.56 -22.93 -24.21
N GLY D 94 41.25 -23.50 -23.22
CA GLY D 94 42.41 -24.32 -23.48
C GLY D 94 42.11 -25.58 -24.25
N GLU D 95 40.84 -26.01 -24.26
CA GLU D 95 40.47 -27.21 -24.99
C GLU D 95 40.45 -26.98 -26.51
N GLU D 96 40.32 -25.73 -26.93
CA GLU D 96 40.27 -25.40 -28.35
C GLU D 96 41.45 -25.95 -29.14
N PRO D 97 42.70 -25.86 -28.67
CA PRO D 97 43.82 -26.38 -29.46
C PRO D 97 43.77 -27.89 -29.60
N TYR D 98 43.56 -28.59 -28.48
CA TYR D 98 43.48 -30.05 -28.51
C TYR D 98 42.39 -30.51 -29.45
N PHE D 99 41.24 -29.84 -29.42
CA PHE D 99 40.18 -30.13 -30.38
C PHE D 99 40.64 -29.81 -31.80
N LYS D 100 41.21 -28.63 -32.00
CA LYS D 100 41.65 -28.24 -33.34
C LYS D 100 42.58 -29.29 -33.93
N ALA D 101 43.53 -29.77 -33.13
CA ALA D 101 44.46 -30.77 -33.62
C ALA D 101 43.71 -31.99 -34.12
N TRP D 102 42.77 -32.50 -33.30
CA TRP D 102 42.00 -33.65 -33.72
C TRP D 102 41.34 -33.39 -35.07
N PHE D 103 40.70 -32.23 -35.20
CA PHE D 103 40.02 -31.90 -36.45
C PHE D 103 41.01 -31.92 -37.61
N GLU D 104 42.19 -31.36 -37.42
CA GLU D 104 43.20 -31.38 -38.48
C GLU D 104 43.76 -32.79 -38.68
N GLU D 105 43.83 -33.59 -37.60
CA GLU D 105 44.38 -34.94 -37.73
C GLU D 105 43.47 -35.86 -38.53
N ASN D 106 42.19 -35.50 -38.68
CA ASN D 106 41.24 -36.32 -39.42
C ASN D 106 40.80 -35.66 -40.72
N GLY D 107 41.57 -34.68 -41.21
CA GLY D 107 41.33 -34.15 -42.54
C GLY D 107 40.25 -33.11 -42.65
N PHE D 108 40.02 -32.32 -41.61
CA PHE D 108 39.00 -31.27 -41.63
C PHE D 108 39.63 -29.91 -41.91
N THR D 109 38.91 -29.10 -42.69
CA THR D 109 39.31 -27.72 -42.97
C THR D 109 38.79 -26.84 -41.83
N VAL D 110 39.66 -26.56 -40.87
CA VAL D 110 39.25 -25.87 -39.64
C VAL D 110 39.14 -24.37 -39.91
N TYR D 111 38.04 -23.77 -39.43
CA TYR D 111 37.85 -22.33 -39.42
C TYR D 111 37.76 -21.87 -37.98
N GLU D 112 38.31 -20.68 -37.70
CA GLU D 112 38.31 -20.11 -36.37
C GLU D 112 37.56 -18.78 -36.38
N LEU D 113 36.89 -18.49 -35.29
CA LEU D 113 36.14 -17.24 -35.29
C LEU D 113 36.97 -16.10 -34.72
N PRO D 114 36.62 -14.86 -35.07
CA PRO D 114 37.29 -13.70 -34.49
C PRO D 114 37.30 -13.73 -32.97
N GLN D 115 38.34 -13.11 -32.40
CA GLN D 115 38.51 -13.10 -30.95
C GLN D 115 37.32 -12.46 -30.22
N ASP D 116 36.52 -11.63 -30.90
CA ASP D 116 35.39 -10.95 -30.31
C ASP D 116 34.07 -11.70 -30.45
N LEU D 117 34.07 -12.82 -31.18
CA LEU D 117 32.87 -13.56 -31.58
C LEU D 117 32.75 -14.95 -30.96
N PRO D 118 32.02 -15.10 -29.85
CA PRO D 118 31.88 -16.42 -29.24
C PRO D 118 30.85 -17.27 -29.97
N PHE D 119 31.16 -18.56 -30.11
CA PHE D 119 30.24 -19.55 -30.65
C PHE D 119 30.66 -20.89 -30.09
N GLU D 120 29.73 -21.61 -29.46
CA GLU D 120 30.09 -22.80 -28.71
C GLU D 120 29.74 -24.10 -29.42
N GLY D 121 29.78 -24.11 -30.75
CA GLY D 121 29.79 -25.38 -31.47
C GLY D 121 28.43 -26.06 -31.50
N ALA D 122 28.47 -27.39 -31.48
CA ALA D 122 27.26 -28.20 -31.52
C ALA D 122 26.43 -28.08 -30.26
N GLY D 123 26.95 -27.45 -29.20
CA GLY D 123 26.13 -27.17 -28.04
C GLY D 123 25.07 -26.12 -28.30
N ASP D 124 25.32 -25.20 -29.23
CA ASP D 124 24.37 -24.14 -29.57
C ASP D 124 23.91 -24.19 -31.01
N ALA D 125 24.19 -25.26 -31.74
CA ALA D 125 23.79 -25.36 -33.14
C ALA D 125 23.50 -26.82 -33.49
N LEU D 126 22.24 -27.10 -33.82
CA LEU D 126 21.78 -28.46 -34.09
C LEU D 126 21.18 -28.54 -35.50
N PHE D 127 21.65 -29.51 -36.27
CA PHE D 127 21.16 -29.68 -37.63
C PHE D 127 19.77 -30.29 -37.62
N ASP D 128 18.95 -29.91 -38.60
CA ASP D 128 17.72 -30.64 -38.86
C ASP D 128 18.06 -32.05 -39.32
N ARG D 129 17.31 -33.04 -38.82
CA ARG D 129 17.68 -34.44 -39.06
C ARG D 129 17.54 -34.79 -40.53
N GLU D 130 16.62 -34.15 -41.25
CA GLU D 130 16.49 -34.34 -42.68
C GLU D 130 17.62 -33.67 -43.45
N GLY D 131 18.35 -32.76 -42.81
CA GLY D 131 19.42 -32.05 -43.47
C GLY D 131 19.01 -30.76 -44.13
N ARG D 132 17.78 -30.30 -43.92
CA ARG D 132 17.29 -29.11 -44.62
C ARG D 132 18.04 -27.85 -44.18
N TRP D 133 18.24 -27.68 -42.88
CA TRP D 133 18.91 -26.47 -42.39
C TRP D 133 19.48 -26.77 -41.01
N LEU D 134 20.15 -25.76 -40.45
CA LEU D 134 20.78 -25.84 -39.15
C LEU D 134 20.16 -24.79 -38.22
N TRP D 135 19.58 -25.25 -37.10
CA TRP D 135 19.14 -24.35 -36.04
C TRP D 135 20.35 -23.86 -35.25
N ALA D 136 20.37 -22.57 -34.98
CA ALA D 136 21.45 -21.99 -34.17
C ALA D 136 20.85 -21.07 -33.12
N GLY D 137 21.28 -21.25 -31.88
CA GLY D 137 20.81 -20.44 -30.77
C GLY D 137 21.75 -19.28 -30.52
N TYR D 138 21.20 -18.18 -30.02
CA TYR D 138 22.01 -17.03 -29.68
C TYR D 138 21.55 -16.41 -28.38
N GLY D 139 22.42 -15.59 -27.80
CA GLY D 139 22.15 -14.94 -26.53
C GLY D 139 23.26 -15.02 -25.51
N PHE D 140 23.01 -15.79 -24.45
CA PHE D 140 23.93 -15.90 -23.31
C PHE D 140 25.35 -16.20 -23.73
N ARG D 141 25.58 -17.37 -24.36
CA ARG D 141 26.94 -17.84 -24.62
C ARG D 141 27.35 -17.73 -26.09
N SER D 142 26.40 -17.76 -27.01
CA SER D 142 26.67 -17.65 -28.44
C SER D 142 26.11 -16.34 -29.00
N GLU D 143 26.82 -15.77 -29.97
CA GLU D 143 26.47 -14.49 -30.56
C GLU D 143 25.77 -14.68 -31.90
N LEU D 144 24.77 -13.84 -32.14
CA LEU D 144 24.08 -13.85 -33.43
C LEU D 144 25.03 -13.54 -34.58
N ASP D 145 25.96 -12.61 -34.38
CA ASP D 145 26.88 -12.23 -35.43
C ASP D 145 27.80 -13.37 -35.87
N SER D 146 27.76 -14.52 -35.18
CA SER D 146 28.53 -15.70 -35.60
C SER D 146 27.78 -16.53 -36.64
N HIS D 147 26.49 -16.34 -36.76
CA HIS D 147 25.65 -17.12 -37.64
C HIS D 147 25.89 -16.84 -39.13
N PRO D 148 26.20 -15.60 -39.54
CA PRO D 148 26.58 -15.41 -40.95
C PRO D 148 27.84 -16.15 -41.33
N TYR D 149 28.84 -16.16 -40.43
CA TYR D 149 30.06 -16.93 -40.67
C TYR D 149 29.76 -18.39 -40.93
N ILE D 150 29.00 -19.01 -40.01
CA ILE D 150 28.69 -20.45 -40.11
C ILE D 150 28.20 -20.79 -41.51
N ALA D 151 27.14 -20.09 -41.95
CA ALA D 151 26.57 -20.37 -43.24
C ALA D 151 27.61 -20.20 -44.35
N LYS D 152 28.33 -19.08 -44.29
CA LYS D 152 29.33 -18.82 -45.32
C LYS D 152 30.37 -19.91 -45.34
N TRP D 153 30.76 -20.39 -44.17
CA TRP D 153 31.81 -21.40 -44.11
C TRP D 153 31.26 -22.78 -44.43
N LEU D 154 29.97 -23.03 -44.18
CA LEU D 154 29.40 -24.34 -44.42
C LEU D 154 28.48 -24.42 -45.64
N ASP D 155 28.19 -23.29 -46.29
CA ASP D 155 27.26 -23.27 -47.42
C ASP D 155 25.93 -23.89 -47.01
N THR D 156 25.34 -23.31 -45.96
CA THR D 156 24.13 -23.85 -45.36
C THR D 156 23.23 -22.71 -44.87
N GLU D 157 21.96 -23.05 -44.64
CA GLU D 157 21.00 -22.12 -44.07
C GLU D 157 21.04 -22.18 -42.55
N VAL D 158 20.93 -21.02 -41.91
CA VAL D 158 20.99 -20.91 -40.45
C VAL D 158 19.69 -20.28 -39.98
N VAL D 159 18.91 -21.04 -39.21
CA VAL D 159 17.68 -20.53 -38.62
C VAL D 159 17.97 -20.16 -37.18
N SER D 160 17.78 -18.89 -36.84
CA SER D 160 18.22 -18.35 -35.56
C SER D 160 17.10 -18.40 -34.53
N LEU D 161 17.43 -18.87 -33.33
CA LEU D 161 16.50 -18.90 -32.21
C LEU D 161 17.18 -18.23 -31.03
N ARG D 162 16.44 -17.37 -30.33
CA ARG D 162 17.01 -16.65 -29.21
C ARG D 162 16.60 -17.37 -27.93
N LEU D 163 17.60 -17.68 -27.11
CA LEU D 163 17.37 -18.35 -25.84
C LEU D 163 17.15 -17.31 -24.75
N ILE D 164 16.15 -17.54 -23.90
CA ILE D 164 15.77 -16.58 -22.88
C ILE D 164 15.91 -17.12 -21.47
N ASP D 165 16.10 -18.42 -21.29
CA ASP D 165 16.09 -19.04 -19.98
C ASP D 165 17.53 -19.33 -19.56
N GLU D 166 17.91 -18.81 -18.39
CA GLU D 166 19.29 -18.92 -17.93
C GLU D 166 19.68 -20.36 -17.65
N ARG D 167 18.72 -21.22 -17.28
CA ARG D 167 19.03 -22.63 -17.05
C ARG D 167 19.44 -23.31 -18.33
N PHE D 168 18.77 -23.00 -19.45
CA PHE D 168 19.09 -23.59 -20.74
C PHE D 168 19.78 -22.50 -21.58
N TYR D 169 21.07 -22.32 -21.32
CA TYR D 169 21.89 -21.39 -22.09
C TYR D 169 22.51 -22.04 -23.32
N HIS D 170 22.37 -23.34 -23.45
CA HIS D 170 22.85 -24.09 -24.60
C HIS D 170 21.65 -24.60 -25.38
N LEU D 171 21.74 -24.60 -26.71
CA LEU D 171 20.62 -25.07 -27.50
C LEU D 171 20.33 -26.53 -27.24
N ASP D 172 21.38 -27.35 -27.09
CA ASP D 172 21.19 -28.78 -26.91
C ASP D 172 20.70 -29.16 -25.52
N THR D 173 20.47 -28.20 -24.62
CA THR D 173 19.87 -28.48 -23.33
C THR D 173 18.36 -28.28 -23.31
N CYS D 174 17.79 -27.72 -24.38
CA CYS D 174 16.35 -27.49 -24.45
C CYS D 174 15.80 -27.79 -25.84
N PHE D 175 16.58 -28.39 -26.74
CA PHE D 175 16.20 -28.51 -28.13
C PHE D 175 16.85 -29.77 -28.69
N CYS D 176 16.04 -30.64 -29.32
CA CYS D 176 16.55 -31.88 -29.88
C CYS D 176 15.75 -32.21 -31.12
N PRO D 177 16.27 -31.87 -32.31
CA PRO D 177 15.61 -32.28 -33.56
C PRO D 177 15.68 -33.80 -33.72
N LEU D 178 14.54 -34.39 -34.05
CA LEU D 178 14.44 -35.83 -34.25
C LEU D 178 14.07 -36.15 -35.69
N SER D 179 14.38 -37.37 -36.10
CA SER D 179 14.02 -37.84 -37.43
C SER D 179 12.51 -37.99 -37.53
N GLY D 180 12.04 -38.17 -38.78
CA GLY D 180 10.61 -38.20 -39.00
C GLY D 180 9.93 -36.87 -38.88
N GLY D 181 10.69 -35.78 -38.87
CA GLY D 181 10.16 -34.44 -38.68
C GLY D 181 9.76 -34.11 -37.27
N TYR D 182 10.10 -34.94 -36.29
CA TYR D 182 9.69 -34.68 -34.92
C TYR D 182 10.74 -33.83 -34.23
N LEU D 183 10.29 -33.00 -33.30
CA LEU D 183 11.17 -32.09 -32.58
C LEU D 183 10.83 -32.13 -31.10
N LEU D 184 11.78 -32.52 -30.26
CA LEU D 184 11.57 -32.59 -28.82
C LEU D 184 12.16 -31.33 -28.18
N TYR D 185 11.30 -30.46 -27.63
CA TYR D 185 11.82 -29.19 -27.14
C TYR D 185 10.92 -28.62 -26.05
N TYR D 186 11.43 -27.58 -25.40
CA TYR D 186 10.77 -26.90 -24.29
C TYR D 186 10.51 -25.44 -24.67
N PRO D 187 9.30 -25.08 -25.07
CA PRO D 187 9.03 -23.74 -25.64
C PRO D 187 9.41 -22.60 -24.70
N PRO D 188 9.16 -22.70 -23.38
CA PRO D 188 9.51 -21.56 -22.50
C PRO D 188 10.99 -21.16 -22.54
N ALA D 189 11.86 -21.95 -23.16
CA ALA D 189 13.28 -21.59 -23.25
C ALA D 189 13.56 -20.61 -24.39
N PHE D 190 12.56 -20.25 -25.19
CA PHE D 190 12.75 -19.38 -26.34
C PHE D 190 11.80 -18.19 -26.23
N ASP D 191 12.17 -17.06 -26.83
CA ASP D 191 11.29 -15.91 -26.78
C ASP D 191 10.12 -16.10 -27.76
N ALA D 192 9.22 -15.11 -27.76
CA ALA D 192 8.00 -15.24 -28.56
C ALA D 192 8.33 -15.35 -30.05
N TYR D 193 9.27 -14.54 -30.53
CA TYR D 193 9.62 -14.57 -31.95
C TYR D 193 10.23 -15.91 -32.35
N SER D 194 11.16 -16.42 -31.53
CA SER D 194 11.80 -17.70 -31.85
C SER D 194 10.79 -18.84 -31.78
N ASN D 195 9.88 -18.79 -30.79
CA ASN D 195 8.83 -19.79 -30.72
C ASN D 195 7.92 -19.73 -31.94
N ARG D 196 7.60 -18.52 -32.40
CA ARG D 196 6.80 -18.37 -33.61
C ARG D 196 7.52 -18.97 -34.81
N VAL D 197 8.83 -18.77 -34.91
CA VAL D 197 9.61 -19.36 -36.01
C VAL D 197 9.52 -20.88 -35.95
N ILE D 198 9.80 -21.45 -34.76
CA ILE D 198 9.75 -22.90 -34.60
C ILE D 198 8.38 -23.45 -35.00
N GLU D 199 7.31 -22.80 -34.53
CA GLU D 199 5.97 -23.30 -34.85
C GLU D 199 5.66 -23.16 -36.34
N MET D 200 6.10 -22.07 -36.96
CA MET D 200 5.93 -21.91 -38.40
C MET D 200 6.63 -23.03 -39.16
N ARG D 201 7.77 -23.50 -38.67
CA ARG D 201 8.56 -24.48 -39.40
C ARG D 201 8.17 -25.92 -39.10
N ILE D 202 7.62 -26.22 -37.93
CA ILE D 202 7.33 -27.58 -37.50
C ILE D 202 5.83 -27.72 -37.31
N PRO D 203 5.18 -28.70 -37.95
CA PRO D 203 3.74 -28.89 -37.79
C PRO D 203 3.39 -29.43 -36.42
N PRO D 204 2.16 -29.21 -35.94
CA PRO D 204 1.80 -29.67 -34.59
C PRO D 204 1.91 -31.17 -34.41
N GLU D 205 1.62 -31.96 -35.44
CA GLU D 205 1.79 -33.41 -35.33
C GLU D 205 3.25 -33.78 -35.11
N LYS D 206 4.18 -32.87 -35.44
CA LYS D 206 5.61 -33.13 -35.36
C LYS D 206 6.28 -32.47 -34.16
N ARG D 207 5.53 -31.81 -33.28
CA ARG D 207 6.11 -31.14 -32.13
C ARG D 207 5.89 -31.96 -30.86
N ILE D 208 6.97 -32.23 -30.13
CA ILE D 208 6.92 -32.92 -28.84
C ILE D 208 7.35 -31.92 -27.77
N ILE D 209 6.37 -31.32 -27.12
CA ILE D 209 6.60 -30.42 -25.99
C ILE D 209 6.87 -31.24 -24.74
N VAL D 210 7.83 -30.79 -23.94
CA VAL D 210 8.19 -31.46 -22.68
C VAL D 210 7.64 -30.62 -21.54
N GLU D 211 7.21 -31.30 -20.47
CA GLU D 211 6.83 -30.56 -19.28
C GLU D 211 8.06 -30.10 -18.53
N GLU D 212 7.85 -29.16 -17.61
CA GLU D 212 8.96 -28.48 -16.95
C GLU D 212 9.87 -29.47 -16.24
N LEU D 213 9.28 -30.52 -15.66
CA LEU D 213 10.07 -31.52 -14.93
C LEU D 213 11.11 -32.18 -15.84
N ASP D 214 10.68 -32.61 -17.03
CA ASP D 214 11.61 -33.18 -18.00
C ASP D 214 12.67 -32.15 -18.41
N ALA D 215 12.23 -30.94 -18.77
CA ALA D 215 13.17 -29.91 -19.22
C ALA D 215 14.26 -29.67 -18.19
N VAL D 216 13.86 -29.50 -16.91
CA VAL D 216 14.85 -29.28 -15.86
C VAL D 216 15.68 -30.54 -15.65
N ASN D 217 15.18 -31.70 -16.09
CA ASN D 217 15.99 -32.90 -16.06
C ASN D 217 16.79 -33.11 -17.35
N PHE D 218 16.91 -32.07 -18.18
CA PHE D 218 17.72 -32.11 -19.40
C PHE D 218 17.27 -33.23 -20.33
N ALA D 219 15.95 -33.38 -20.48
CA ALA D 219 15.40 -34.41 -21.36
C ALA D 219 15.78 -34.18 -22.81
N CYS D 220 15.87 -32.92 -23.24
CA CYS D 220 16.21 -32.64 -24.63
C CYS D 220 17.68 -32.92 -24.94
N ASN D 221 18.51 -33.07 -23.91
CA ASN D 221 19.93 -33.37 -24.09
C ASN D 221 20.10 -34.86 -24.35
N ALA D 222 19.60 -35.29 -25.51
CA ALA D 222 19.48 -36.70 -25.85
C ALA D 222 20.24 -37.00 -27.13
N VAL D 223 20.80 -38.21 -27.20
CA VAL D 223 21.57 -38.65 -28.36
C VAL D 223 20.63 -39.47 -29.23
N ASN D 224 20.55 -39.12 -30.50
CA ASN D 224 19.56 -39.72 -31.39
C ASN D 224 20.23 -40.37 -32.60
N VAL D 225 20.03 -41.67 -32.74
CA VAL D 225 20.32 -42.37 -33.98
C VAL D 225 18.96 -42.47 -34.67
N ASN D 226 18.97 -42.56 -36.00
CA ASN D 226 17.74 -42.51 -36.80
C ASN D 226 16.55 -43.24 -36.17
N ASP D 227 16.80 -44.35 -35.47
CA ASP D 227 15.73 -45.08 -34.80
C ASP D 227 15.85 -45.12 -33.28
N ILE D 228 17.02 -44.81 -32.72
CA ILE D 228 17.26 -44.84 -31.28
C ILE D 228 17.33 -43.42 -30.72
N ILE D 229 16.81 -43.24 -29.52
CA ILE D 229 17.00 -41.99 -28.77
C ILE D 229 17.51 -42.36 -27.38
N ILE D 230 18.74 -41.93 -27.07
CA ILE D 230 19.39 -42.20 -25.79
C ILE D 230 19.32 -40.94 -24.95
N MET D 231 18.83 -41.08 -23.72
CA MET D 231 18.64 -39.93 -22.85
C MET D 231 18.78 -40.37 -21.40
N ASN D 232 18.66 -39.39 -20.50
CA ASN D 232 18.72 -39.63 -19.07
C ASN D 232 17.38 -40.22 -18.63
N LEU D 233 17.11 -40.24 -17.32
CA LEU D 233 15.84 -40.77 -16.88
C LEU D 233 14.77 -39.74 -17.17
N VAL D 234 13.69 -40.17 -17.83
CA VAL D 234 12.66 -39.25 -18.32
C VAL D 234 11.32 -39.76 -17.80
N SER D 235 10.29 -38.92 -17.97
CA SER D 235 8.98 -39.30 -17.46
C SER D 235 8.40 -40.45 -18.28
N ARG D 236 7.58 -41.26 -17.62
CA ARG D 236 6.90 -42.36 -18.30
C ARG D 236 5.98 -41.85 -19.41
N THR D 237 5.29 -40.73 -19.15
CA THR D 237 4.40 -40.17 -20.16
C THR D 237 5.20 -39.69 -21.36
N LEU D 238 6.36 -39.07 -21.10
CA LEU D 238 7.26 -38.69 -22.18
C LEU D 238 7.68 -39.91 -22.98
N LYS D 239 8.03 -41.01 -22.29
CA LYS D 239 8.41 -42.23 -22.98
C LYS D 239 7.28 -42.74 -23.86
N GLU D 240 6.04 -42.65 -23.39
CA GLU D 240 4.93 -43.11 -24.20
C GLU D 240 4.78 -42.25 -25.46
N LYS D 241 4.90 -40.93 -25.32
CA LYS D 241 4.84 -40.07 -26.50
C LYS D 241 6.03 -40.32 -27.43
N LEU D 242 7.21 -40.56 -26.88
CA LEU D 242 8.39 -40.85 -27.70
C LEU D 242 8.21 -42.16 -28.46
N ALA D 243 7.68 -43.19 -27.80
CA ALA D 243 7.39 -44.45 -28.46
C ALA D 243 6.29 -44.30 -29.50
N GLU D 244 5.36 -43.35 -29.30
CA GLU D 244 4.35 -43.10 -30.33
C GLU D 244 5.02 -42.75 -31.65
N ALA D 245 6.08 -41.94 -31.61
CA ALA D 245 6.94 -41.78 -32.78
C ALA D 245 7.83 -43.01 -32.89
N GLY D 246 8.48 -43.17 -34.04
CA GLY D 246 9.24 -44.38 -34.27
C GLY D 246 10.49 -44.57 -33.44
N PHE D 247 10.60 -43.85 -32.33
CA PHE D 247 11.79 -43.91 -31.48
C PHE D 247 11.59 -44.85 -30.30
N LYS D 248 12.66 -45.57 -29.96
CA LYS D 248 12.68 -46.50 -28.85
C LYS D 248 13.63 -45.95 -27.79
N VAL D 249 13.12 -45.70 -26.59
CA VAL D 249 13.88 -44.97 -25.58
C VAL D 249 14.82 -45.93 -24.88
N ARG D 250 16.09 -45.54 -24.81
CA ARG D 250 17.09 -46.23 -24.00
C ARG D 250 17.63 -45.20 -23.01
N GLU D 251 17.33 -45.41 -21.73
CA GLU D 251 17.75 -44.48 -20.69
C GLU D 251 19.06 -44.97 -20.09
N THR D 252 19.93 -44.03 -19.73
CA THR D 252 21.18 -44.35 -19.06
C THR D 252 21.49 -43.20 -18.11
N PRO D 253 22.03 -43.49 -16.93
CA PRO D 253 22.30 -42.43 -15.95
C PRO D 253 23.52 -41.60 -16.32
N LEU D 254 23.36 -40.28 -16.24
CA LEU D 254 24.44 -39.31 -16.42
C LEU D 254 24.31 -38.18 -15.40
N THR D 255 23.72 -38.48 -14.24
CA THR D 255 23.41 -37.45 -13.26
C THR D 255 24.65 -36.73 -12.76
N GLU D 256 25.78 -37.45 -12.66
CA GLU D 256 27.02 -36.81 -12.20
C GLU D 256 27.43 -35.69 -13.15
N PHE D 257 27.21 -35.88 -14.45
CA PHE D 257 27.49 -34.80 -15.40
C PHE D 257 26.38 -33.76 -15.40
N LEU D 258 25.14 -34.17 -15.15
CA LEU D 258 24.06 -33.19 -15.02
C LEU D 258 24.37 -32.20 -13.92
N LYS D 259 25.05 -32.64 -12.87
CA LYS D 259 25.54 -31.72 -11.85
C LYS D 259 26.62 -30.77 -12.37
N ALA D 260 27.00 -30.84 -13.66
CA ALA D 260 28.00 -29.90 -14.21
C ALA D 260 27.55 -29.26 -15.52
N GLY D 261 26.26 -29.31 -15.83
CA GLY D 261 25.74 -28.62 -17.00
C GLY D 261 25.55 -29.45 -18.24
N GLY D 262 25.92 -30.73 -18.22
CA GLY D 262 25.80 -31.56 -19.40
C GLY D 262 25.15 -32.91 -19.14
N ALA D 263 24.40 -33.36 -20.15
CA ALA D 263 23.74 -34.66 -20.17
C ALA D 263 24.32 -35.44 -21.33
N ALA D 264 23.58 -36.41 -21.86
CA ALA D 264 24.16 -37.35 -22.83
C ALA D 264 24.55 -36.65 -24.13
N LYS D 265 23.71 -35.76 -24.67
CA LYS D 265 24.04 -35.11 -25.93
C LYS D 265 25.29 -34.25 -25.82
N CYS D 266 25.50 -33.60 -24.66
CA CYS D 266 26.67 -32.75 -24.50
C CYS D 266 27.96 -33.55 -24.61
N LEU D 267 27.92 -34.83 -24.26
CA LEU D 267 29.09 -35.70 -24.28
C LEU D 267 29.43 -36.24 -25.66
N THR D 268 28.74 -35.79 -26.72
CA THR D 268 28.97 -36.30 -28.05
C THR D 268 29.07 -35.16 -29.05
N LEU D 269 29.74 -35.44 -30.16
CA LEU D 269 29.78 -34.53 -31.31
C LEU D 269 29.66 -35.38 -32.56
N ARG D 270 28.61 -35.14 -33.34
CA ARG D 270 28.35 -35.94 -34.52
C ARG D 270 29.19 -35.41 -35.68
N VAL D 271 30.12 -36.24 -36.16
CA VAL D 271 31.02 -35.82 -37.23
C VAL D 271 30.50 -36.18 -38.62
N THR D 272 29.58 -37.14 -38.73
CA THR D 272 29.06 -37.54 -40.03
C THR D 272 27.73 -36.80 -40.26
N GLU D 273 27.86 -35.52 -40.60
CA GLU D 273 26.57 -34.91 -40.84
C GLU D 273 26.26 -34.93 -42.33
N PRO D 274 25.00 -35.14 -42.71
CA PRO D 274 24.65 -35.31 -44.12
C PRO D 274 24.61 -34.01 -44.88
N ILE D 275 24.81 -34.12 -46.20
CA ILE D 275 24.79 -32.93 -47.05
C ILE D 275 23.60 -33.11 -47.99
N LEU D 276 22.42 -32.70 -47.53
CA LEU D 276 21.22 -32.78 -48.34
C LEU D 276 20.68 -31.40 -48.70
N ALA D 281 23.64 -22.14 -48.76
CA ALA D 281 23.98 -21.03 -47.89
C ALA D 281 22.89 -19.97 -47.88
N THR D 282 22.23 -19.82 -46.74
CA THR D 282 21.23 -18.79 -46.56
C THR D 282 21.24 -18.33 -45.10
N VAL D 283 20.96 -17.04 -44.89
CA VAL D 283 20.93 -16.46 -43.56
C VAL D 283 19.73 -15.53 -43.48
N SER D 284 18.99 -15.62 -42.39
CA SER D 284 17.83 -14.76 -42.20
C SER D 284 18.21 -13.42 -41.58
N ILE D 285 19.42 -13.33 -41.01
CA ILE D 285 19.81 -12.13 -40.27
C ILE D 285 19.94 -10.92 -41.19
N GLU D 286 19.53 -9.77 -40.69
CA GLU D 286 19.64 -8.49 -41.38
C GLU D 286 20.64 -7.65 -40.61
N SER D 287 21.52 -6.96 -41.34
CA SER D 287 22.57 -6.16 -40.73
C SER D 287 22.49 -4.71 -41.18
N ARG D 288 22.69 -3.81 -40.24
CA ARG D 288 22.68 -2.37 -40.48
C ARG D 288 23.62 -1.69 -39.51
N VAL D 289 24.20 -0.58 -39.95
CA VAL D 289 24.92 0.35 -39.09
C VAL D 289 24.10 1.63 -39.00
N ILE D 290 23.95 2.17 -37.79
CA ILE D 290 23.25 3.42 -37.57
C ILE D 290 24.12 4.33 -36.70
N ARG D 291 23.88 5.63 -36.83
CA ARG D 291 24.56 6.63 -36.00
C ARG D 291 23.55 7.39 -35.15
N MET D 292 23.99 7.74 -33.94
CA MET D 292 23.20 8.54 -32.99
C MET D 292 24.04 9.73 -32.57
N GLU D 293 23.51 10.94 -32.78
CA GLU D 293 24.19 12.17 -32.42
C GLU D 293 23.63 12.70 -31.10
N GLY D 294 24.37 12.50 -30.02
CA GLY D 294 24.00 13.04 -28.73
C GLY D 294 25.11 12.78 -27.73
N HIS D 295 24.94 13.33 -26.53
CA HIS D 295 25.94 13.13 -25.48
C HIS D 295 25.82 11.70 -24.96
N LEU D 296 26.53 10.77 -25.59
CA LEU D 296 26.36 9.37 -25.26
C LEU D 296 26.85 9.01 -23.86
N LEU D 297 27.84 9.73 -23.33
CA LEU D 297 28.34 9.44 -21.99
C LEU D 297 27.53 10.14 -20.90
N ASP D 298 27.30 11.45 -21.05
CA ASP D 298 26.52 12.26 -20.12
C ASP D 298 25.02 11.94 -20.14
N ALA D 299 24.62 10.84 -20.76
CA ALA D 299 23.24 10.37 -20.74
C ALA D 299 23.26 8.88 -21.07
N GLY D 300 22.22 8.18 -20.64
CA GLY D 300 22.09 6.77 -20.94
C GLY D 300 21.63 6.46 -22.35
N ILE D 301 22.15 7.22 -23.33
CA ILE D 301 21.67 7.07 -24.70
C ILE D 301 22.08 5.72 -25.27
N LEU D 302 23.37 5.38 -25.14
CA LEU D 302 23.85 4.10 -25.70
C LEU D 302 23.29 2.91 -24.93
N ASN D 303 23.22 3.00 -23.61
CA ASN D 303 22.75 1.85 -22.85
C ASN D 303 21.28 1.56 -23.12
N GLN D 304 20.44 2.60 -23.14
CA GLN D 304 19.04 2.38 -23.48
C GLN D 304 18.87 1.88 -24.91
N ALA D 305 19.67 2.42 -25.85
CA ALA D 305 19.60 1.94 -27.23
C ALA D 305 19.94 0.45 -27.33
N LEU D 306 21.06 0.05 -26.71
CA LEU D 306 21.51 -1.34 -26.83
C LEU D 306 20.58 -2.29 -26.09
N ASP D 307 20.03 -1.85 -24.95
CA ASP D 307 19.04 -2.65 -24.25
C ASP D 307 17.80 -2.85 -25.12
N LEU D 308 17.37 -1.79 -25.82
CA LEU D 308 16.26 -1.93 -26.76
C LEU D 308 16.58 -2.97 -27.82
N VAL D 309 17.79 -2.91 -28.38
CA VAL D 309 18.18 -3.84 -29.44
C VAL D 309 18.11 -5.28 -28.93
N VAL D 310 18.77 -5.56 -27.80
CA VAL D 310 18.82 -6.94 -27.33
C VAL D 310 17.44 -7.44 -26.93
N GLU D 311 16.70 -6.64 -26.16
CA GLU D 311 15.38 -7.06 -25.72
C GLU D 311 14.41 -7.28 -26.87
N ASN D 312 14.64 -6.64 -28.02
CA ASN D 312 13.80 -6.88 -29.18
C ASN D 312 14.33 -8.02 -30.05
N SER D 313 15.17 -8.89 -29.47
CA SER D 313 15.68 -10.11 -30.10
C SER D 313 16.72 -9.82 -31.18
N GLY D 314 17.48 -8.74 -31.03
CA GLY D 314 18.54 -8.38 -31.94
C GLY D 314 19.92 -8.43 -31.29
N SER D 315 20.92 -8.09 -32.09
CA SER D 315 22.31 -8.00 -31.66
C SER D 315 22.90 -6.67 -32.11
N PHE D 316 24.05 -6.31 -31.54
CA PHE D 316 24.67 -5.03 -31.84
C PHE D 316 26.18 -5.12 -31.73
N ARG D 317 26.87 -4.14 -32.35
CA ARG D 317 28.31 -3.96 -32.20
C ARG D 317 28.67 -2.49 -32.27
N VAL D 318 29.23 -1.96 -31.18
CA VAL D 318 29.66 -0.56 -31.10
C VAL D 318 30.99 -0.36 -31.82
N LEU D 319 31.03 0.58 -32.75
CA LEU D 319 32.27 0.89 -33.47
C LEU D 319 33.14 1.76 -32.56
N ASN D 320 34.20 2.36 -33.10
CA ASN D 320 35.11 3.13 -32.25
C ASN D 320 34.44 4.42 -31.78
N PHE D 321 34.49 4.64 -30.47
CA PHE D 321 34.01 5.87 -29.84
C PHE D 321 34.87 7.06 -30.26
N ASN D 322 34.25 8.07 -30.86
CA ASN D 322 34.95 9.31 -31.19
C ASN D 322 34.66 10.29 -30.06
N LEU D 323 35.68 10.61 -29.28
CA LEU D 323 35.52 11.52 -28.15
C LEU D 323 35.81 12.97 -28.53
N GLY D 324 34.96 13.88 -28.04
CA GLY D 324 35.12 15.30 -28.26
C GLY D 324 36.20 15.90 -27.37
N VAL D 325 36.48 17.18 -27.62
CA VAL D 325 37.45 17.87 -26.76
C VAL D 325 36.78 18.33 -25.48
N GLU D 326 35.48 18.66 -25.54
CA GLU D 326 34.78 19.28 -24.44
C GLU D 326 33.31 18.90 -24.51
N ARG D 327 32.56 19.30 -23.48
CA ARG D 327 31.13 19.07 -23.41
C ARG D 327 30.35 19.73 -24.54
N ASN D 328 30.97 20.66 -25.27
CA ASN D 328 30.28 21.30 -26.38
C ASN D 328 30.45 20.51 -27.67
N SER D 329 31.56 19.79 -27.79
CA SER D 329 31.78 18.86 -28.89
C SER D 329 31.12 17.55 -28.48
N THR D 330 29.94 17.27 -29.04
CA THR D 330 29.26 16.05 -28.66
C THR D 330 30.00 14.85 -29.23
N SER D 331 30.15 13.82 -28.43
CA SER D 331 30.78 12.59 -28.88
C SER D 331 29.70 11.59 -29.29
N SER D 332 29.82 11.07 -30.50
CA SER D 332 28.81 10.19 -31.08
C SER D 332 29.49 8.99 -31.71
N ALA D 333 28.71 7.91 -31.85
CA ALA D 333 29.26 6.66 -32.37
C ALA D 333 28.20 5.97 -33.21
N GLU D 334 28.66 5.13 -34.12
CA GLU D 334 27.82 4.32 -34.97
C GLU D 334 27.92 2.86 -34.54
N VAL D 335 26.79 2.16 -34.57
CA VAL D 335 26.69 0.80 -34.06
C VAL D 335 26.06 -0.09 -35.13
N ARG D 336 26.61 -1.29 -35.26
CA ARG D 336 26.03 -2.31 -36.12
C ARG D 336 24.86 -2.96 -35.39
N VAL D 337 23.70 -3.03 -36.04
CA VAL D 337 22.50 -3.60 -35.45
C VAL D 337 22.04 -4.76 -36.32
N SER D 338 21.87 -5.93 -35.69
CA SER D 338 21.45 -7.14 -36.38
C SER D 338 20.14 -7.65 -35.79
N ALA D 339 19.33 -8.29 -36.64
CA ALA D 339 18.05 -8.86 -36.25
C ALA D 339 17.78 -10.10 -37.08
N PRO D 340 17.18 -11.15 -36.49
CA PRO D 340 17.02 -12.41 -37.23
C PRO D 340 15.97 -12.33 -38.33
N SER D 341 14.96 -11.49 -38.19
CA SER D 341 13.90 -11.37 -39.18
C SER D 341 13.86 -9.97 -39.75
N HIS D 342 13.42 -9.87 -41.02
CA HIS D 342 13.15 -8.56 -41.60
C HIS D 342 12.19 -7.78 -40.72
N GLN D 343 11.11 -8.45 -40.30
CA GLN D 343 10.11 -7.82 -39.46
C GLN D 343 10.70 -7.37 -38.13
N ILE D 344 11.56 -8.21 -37.53
CA ILE D 344 12.22 -7.82 -36.30
C ILE D 344 13.22 -6.68 -36.51
N MET D 345 13.94 -6.69 -37.63
CA MET D 345 14.80 -5.52 -37.92
C MET D 345 13.99 -4.24 -37.99
N GLU D 346 12.84 -4.30 -38.65
CA GLU D 346 11.93 -3.17 -38.75
C GLU D 346 11.45 -2.72 -37.38
N GLU D 347 11.01 -3.68 -36.57
CA GLU D 347 10.50 -3.40 -35.23
C GLU D 347 11.59 -2.76 -34.36
N ILE D 348 12.80 -3.32 -34.39
CA ILE D 348 13.92 -2.72 -33.66
C ILE D 348 14.14 -1.29 -34.14
N MET D 349 14.02 -1.06 -35.46
CA MET D 349 14.37 0.25 -35.99
C MET D 349 13.37 1.33 -35.58
N THR D 350 12.08 0.99 -35.48
CA THR D 350 11.11 2.01 -35.05
C THR D 350 11.44 2.54 -33.65
N GLU D 351 11.62 1.65 -32.69
CA GLU D 351 12.01 2.09 -31.34
C GLU D 351 13.39 2.74 -31.36
N LEU D 352 14.25 2.24 -32.23
CA LEU D 352 15.58 2.80 -32.36
C LEU D 352 15.53 4.16 -33.04
N ILE D 353 14.65 4.33 -34.04
CA ILE D 353 14.49 5.62 -34.72
C ILE D 353 14.10 6.70 -33.72
N ASP D 354 13.34 6.33 -32.68
CA ASP D 354 13.05 7.28 -31.62
C ASP D 354 14.34 7.68 -30.92
N LEU D 355 14.44 8.96 -30.56
CA LEU D 355 15.65 9.55 -29.98
C LEU D 355 16.81 9.49 -30.98
N GLY D 356 16.61 10.19 -32.10
CA GLY D 356 17.59 10.28 -33.17
C GLY D 356 17.80 9.05 -34.01
N ALA D 357 18.98 8.43 -33.86
CA ALA D 357 19.36 7.21 -34.60
C ALA D 357 19.11 7.37 -36.10
N VAL D 358 19.93 8.21 -36.71
CA VAL D 358 19.78 8.49 -38.13
C VAL D 358 20.57 7.46 -38.95
N PRO D 359 20.09 7.08 -40.13
CA PRO D 359 20.88 6.20 -41.00
C PRO D 359 22.10 6.94 -41.53
N PRO D 360 23.13 6.23 -41.96
CA PRO D 360 24.32 6.91 -42.46
C PRO D 360 23.96 7.78 -43.64
N PRO D 361 24.69 8.88 -43.85
CA PRO D 361 24.27 9.89 -44.82
C PRO D 361 24.08 9.34 -46.23
N GLN D 362 24.81 8.29 -46.58
CA GLN D 362 24.82 7.75 -47.93
C GLN D 362 23.78 6.65 -48.17
N GLU D 363 23.12 6.12 -47.13
CA GLU D 363 22.36 4.89 -47.34
C GLU D 363 20.86 5.07 -47.62
N LEU D 364 20.23 6.19 -47.23
CA LEU D 364 18.79 6.29 -47.49
C LEU D 364 18.19 7.68 -47.28
N CYS D 365 17.64 8.28 -48.33
CA CYS D 365 16.88 9.52 -48.18
C CYS D 365 15.43 9.40 -48.68
N ASP D 366 14.92 8.19 -48.90
CA ASP D 366 13.54 8.01 -49.33
C ASP D 366 12.63 7.49 -48.21
N ILE D 367 11.31 7.55 -48.48
CA ILE D 367 10.28 6.99 -47.62
C ILE D 367 9.34 6.20 -48.51
N ASN D 368 8.83 5.10 -47.99
CA ASN D 368 7.85 4.28 -48.70
C ASN D 368 6.43 4.58 -48.21
N THR D 369 5.48 4.49 -49.14
CA THR D 369 4.08 4.68 -48.78
C THR D 369 3.23 3.62 -49.49
N GLU D 370 2.02 3.42 -48.97
CA GLU D 370 1.03 2.57 -49.60
C GLU D 370 -0.32 3.21 -49.42
N THR D 371 -1.20 3.08 -50.41
CA THR D 371 -2.47 3.79 -50.38
C THR D 371 -3.53 2.97 -49.65
N VAL D 372 -4.48 3.67 -49.04
CA VAL D 372 -5.49 3.03 -48.21
C VAL D 372 -6.59 2.49 -49.13
N THR D 373 -6.73 1.15 -49.14
CA THR D 373 -7.73 0.50 -49.97
C THR D 373 -9.05 0.30 -49.22
N GLN D 374 -8.99 -0.03 -47.94
CA GLN D 374 -10.20 -0.19 -47.14
C GLN D 374 -10.44 1.04 -46.27
N GLY D 375 -11.70 1.43 -46.17
CA GLY D 375 -12.06 2.60 -45.37
C GLY D 375 -11.93 2.30 -43.89
N GLY D 376 -11.24 3.19 -43.16
CA GLY D 376 -11.06 2.99 -41.74
C GLY D 376 -10.09 1.89 -41.39
N VAL D 377 -9.28 1.46 -42.36
CA VAL D 377 -8.21 0.50 -42.16
C VAL D 377 -6.93 1.14 -42.70
N ALA D 378 -5.81 0.43 -42.56
CA ALA D 378 -4.52 0.92 -42.99
C ALA D 378 -3.73 -0.24 -43.57
N PRO D 379 -2.71 0.03 -44.40
CA PRO D 379 -1.84 -1.04 -44.88
C PRO D 379 -1.19 -1.76 -43.71
N ASP D 380 -1.01 -3.08 -43.86
CA ASP D 380 -0.53 -3.91 -42.76
C ASP D 380 0.78 -3.41 -42.18
N ASP D 381 1.64 -2.83 -43.00
CA ASP D 381 2.95 -2.36 -42.60
C ASP D 381 2.97 -0.85 -42.32
N PHE D 382 1.81 -0.26 -42.05
CA PHE D 382 1.76 1.17 -41.80
C PHE D 382 2.60 1.53 -40.59
N TYR D 383 3.31 2.66 -40.69
CA TYR D 383 4.14 3.12 -39.59
C TYR D 383 3.27 3.70 -38.48
N VAL D 384 3.58 3.32 -37.25
CA VAL D 384 2.84 3.79 -36.08
C VAL D 384 3.54 5.03 -35.53
N SER D 385 2.81 6.14 -35.44
CA SER D 385 3.40 7.39 -35.00
C SER D 385 3.63 7.37 -33.49
N THR D 386 4.61 8.14 -33.05
CA THR D 386 4.93 8.31 -31.65
C THR D 386 4.57 9.73 -31.22
N ILE D 387 4.86 10.05 -29.96
CA ILE D 387 4.54 11.40 -29.48
C ILE D 387 5.57 12.41 -29.98
N TYR D 388 6.80 11.97 -30.23
CA TYR D 388 7.90 12.88 -30.48
C TYR D 388 7.79 13.52 -31.86
N PRO D 389 8.28 14.75 -32.02
CA PRO D 389 8.16 15.43 -33.32
C PRO D 389 8.95 14.71 -34.39
N THR D 390 8.34 14.55 -35.56
CA THR D 390 8.88 13.71 -36.61
C THR D 390 8.98 14.50 -37.91
N GLU D 391 10.00 14.17 -38.70
CA GLU D 391 10.15 14.64 -40.07
C GLU D 391 10.28 13.43 -40.99
N VAL D 392 9.64 13.49 -42.14
CA VAL D 392 9.68 12.41 -43.13
C VAL D 392 10.24 12.95 -44.43
N ARG D 393 11.03 12.11 -45.13
CA ARG D 393 11.68 12.53 -46.37
C ARG D 393 10.81 12.15 -47.55
N VAL D 394 10.08 13.14 -48.07
CA VAL D 394 9.20 12.96 -49.22
C VAL D 394 9.79 13.75 -50.38
N ASN D 395 9.95 13.08 -51.52
CA ASN D 395 10.57 13.68 -52.71
C ASN D 395 11.91 14.32 -52.35
N CYS D 396 12.70 13.59 -51.56
CA CYS D 396 14.05 13.99 -51.16
C CYS D 396 14.06 15.26 -50.32
N GLU D 397 12.91 15.68 -49.79
CA GLU D 397 12.84 16.86 -48.93
C GLU D 397 12.22 16.49 -47.59
N TRP D 398 12.64 17.20 -46.54
CA TRP D 398 12.13 16.94 -45.20
C TRP D 398 10.83 17.68 -44.97
N VAL D 399 9.79 16.95 -44.58
CA VAL D 399 8.46 17.49 -44.31
C VAL D 399 8.12 17.21 -42.86
N GLN D 400 7.85 18.27 -42.10
CA GLN D 400 7.36 18.13 -40.73
C GLN D 400 5.89 17.71 -40.73
N VAL D 401 5.56 16.80 -39.83
CA VAL D 401 4.19 16.28 -39.72
C VAL D 401 3.37 17.20 -38.82
N THR D 402 2.16 17.52 -39.26
CA THR D 402 1.25 18.39 -38.50
C THR D 402 0.26 17.55 -37.71
N GLY D 403 -0.19 18.10 -36.59
CA GLY D 403 -1.12 17.41 -35.72
C GLY D 403 -0.55 16.16 -35.10
N GLN D 404 0.65 16.28 -34.51
CA GLN D 404 1.36 15.12 -33.98
C GLN D 404 0.62 14.53 -32.79
N ARG D 405 0.33 13.23 -32.88
CA ARG D 405 -0.33 12.48 -31.83
C ARG D 405 0.24 11.08 -31.83
N MET D 406 0.28 10.45 -30.66
CA MET D 406 0.77 9.08 -30.63
C MET D 406 -0.34 8.12 -31.03
N ASP D 407 0.08 6.94 -31.50
CA ASP D 407 -0.84 5.89 -31.94
C ASP D 407 -1.73 6.37 -33.09
N ALA D 408 -1.10 6.87 -34.14
CA ALA D 408 -1.79 7.28 -35.35
C ALA D 408 -0.98 6.87 -36.57
N ALA D 409 -1.58 7.03 -37.75
CA ALA D 409 -0.91 6.79 -39.02
C ALA D 409 -0.45 8.11 -39.63
N ILE D 410 0.61 8.06 -40.42
CA ILE D 410 1.14 9.23 -41.12
C ILE D 410 0.70 9.17 -42.58
N VAL D 411 -0.12 10.14 -43.00
CA VAL D 411 -0.60 10.23 -44.36
C VAL D 411 0.14 11.37 -45.06
N VAL D 412 0.71 11.08 -46.24
CA VAL D 412 1.48 12.05 -47.00
C VAL D 412 0.78 12.33 -48.33
N THR D 413 0.77 13.60 -48.73
CA THR D 413 0.28 14.04 -50.02
C THR D 413 1.43 14.60 -50.84
N SER D 414 1.41 14.38 -52.15
CA SER D 414 2.58 14.72 -52.97
C SER D 414 2.54 16.15 -53.48
N ASN D 415 1.43 16.57 -54.11
CA ASN D 415 1.41 17.94 -54.63
C ASN D 415 1.43 18.96 -53.49
N PRO D 416 0.55 18.88 -52.48
CA PRO D 416 0.85 19.55 -51.22
C PRO D 416 1.70 18.64 -50.36
N PRO D 417 2.99 18.96 -50.19
CA PRO D 417 3.95 17.94 -49.76
C PRO D 417 3.95 17.65 -48.26
N SER D 418 3.00 18.17 -47.50
CA SER D 418 2.93 17.91 -46.08
C SER D 418 2.45 16.48 -45.80
N ALA D 419 2.58 16.10 -44.53
CA ALA D 419 2.10 14.82 -44.00
C ALA D 419 1.48 15.06 -42.63
N ARG D 420 0.39 14.36 -42.36
CA ARG D 420 -0.38 14.58 -41.14
C ARG D 420 -0.71 13.26 -40.45
N CYS D 421 -0.89 13.33 -39.13
CA CYS D 421 -1.33 12.19 -38.35
C CYS D 421 -2.84 12.03 -38.45
N VAL D 422 -3.28 10.78 -38.64
CA VAL D 422 -4.70 10.46 -38.82
C VAL D 422 -4.99 9.18 -38.04
N LEU D 423 -6.09 9.20 -37.31
CA LEU D 423 -6.54 8.00 -36.61
C LEU D 423 -7.06 6.97 -37.62
N LEU D 424 -6.99 5.70 -37.22
CA LEU D 424 -7.42 4.63 -38.13
C LEU D 424 -8.87 4.82 -38.58
N ARG D 425 -9.75 5.16 -37.65
CA ARG D 425 -11.16 5.30 -37.96
C ARG D 425 -11.44 6.49 -38.88
N ASP D 426 -10.67 7.56 -38.74
CA ASP D 426 -10.81 8.74 -39.56
C ASP D 426 -10.19 8.60 -40.94
N LEU D 427 -9.39 7.55 -41.19
CA LEU D 427 -8.71 7.38 -42.46
C LEU D 427 -9.69 7.24 -43.63
N GLN D 428 -9.44 7.99 -44.70
CA GLN D 428 -10.24 7.93 -45.93
C GLN D 428 -9.52 7.16 -47.03
N VAL D 429 -10.31 6.60 -47.95
CA VAL D 429 -9.77 5.78 -49.04
C VAL D 429 -8.94 6.65 -49.98
N GLY D 430 -7.86 6.06 -50.52
CA GLY D 430 -6.94 6.76 -51.38
C GLY D 430 -5.90 7.58 -50.65
N ASP D 431 -5.90 7.56 -49.33
CA ASP D 431 -4.86 8.22 -48.55
C ASP D 431 -3.59 7.37 -48.61
N ARG D 432 -2.44 8.04 -48.72
CA ARG D 432 -1.15 7.39 -48.78
C ARG D 432 -0.55 7.36 -47.38
N VAL D 433 -0.42 6.15 -46.81
CA VAL D 433 0.06 5.97 -45.45
C VAL D 433 1.52 5.51 -45.52
N MET D 434 2.36 6.12 -44.70
CA MET D 434 3.77 5.76 -44.66
C MET D 434 3.94 4.30 -44.22
N VAL D 435 4.90 3.62 -44.83
CA VAL D 435 5.15 2.21 -44.59
C VAL D 435 6.64 2.00 -44.39
N GLY D 436 6.98 1.05 -43.52
CA GLY D 436 8.37 0.77 -43.24
C GLY D 436 9.00 1.80 -42.31
N VAL D 437 10.33 1.81 -42.31
CA VAL D 437 11.11 2.68 -41.43
C VAL D 437 12.04 3.60 -42.21
N GLU D 438 12.01 3.54 -43.54
CA GLU D 438 12.97 4.32 -44.32
C GLU D 438 12.51 5.77 -44.41
N GLY D 439 13.43 6.69 -44.12
CA GLY D 439 13.22 8.11 -44.35
C GLY D 439 12.58 8.89 -43.23
N ILE D 440 12.47 8.32 -42.03
CA ILE D 440 11.87 9.01 -40.88
C ILE D 440 12.97 9.42 -39.92
N ARG D 441 12.84 10.61 -39.34
CA ARG D 441 13.79 11.10 -38.35
C ARG D 441 13.04 11.89 -37.29
N THR D 442 13.62 11.93 -36.08
CA THR D 442 12.99 12.59 -34.96
C THR D 442 13.88 13.73 -34.45
N ILE D 443 13.22 14.78 -33.97
CA ILE D 443 13.85 15.99 -33.37
C ILE D 443 14.33 16.90 -34.50
N ARG D 472 11.62 14.90 -2.14
CA ARG D 472 11.05 16.24 -2.33
C ARG D 472 9.68 16.33 -1.68
N VAL D 473 9.63 16.95 -0.50
CA VAL D 473 8.34 17.17 0.16
C VAL D 473 7.52 18.23 -0.56
N GLU D 474 8.10 19.42 -0.77
CA GLU D 474 7.39 20.57 -1.31
C GLU D 474 8.15 21.30 -2.42
N LEU D 475 9.42 20.98 -2.66
CA LEU D 475 10.19 21.66 -3.69
C LEU D 475 9.59 21.48 -5.08
N LEU D 476 9.09 20.28 -5.37
CA LEU D 476 8.46 20.05 -6.68
C LEU D 476 7.29 21.01 -6.91
N VAL D 477 6.50 21.28 -5.86
CA VAL D 477 5.39 22.22 -6.01
C VAL D 477 5.92 23.62 -6.28
N GLU D 478 7.03 24.00 -5.64
CA GLU D 478 7.65 25.29 -5.93
C GLU D 478 8.06 25.39 -7.38
N GLN D 479 8.70 24.34 -7.90
CA GLN D 479 9.13 24.35 -9.31
C GLN D 479 7.93 24.45 -10.24
N ILE D 480 6.87 23.68 -9.97
CA ILE D 480 5.69 23.71 -10.84
C ILE D 480 5.03 25.08 -10.78
N ALA D 481 4.97 25.69 -9.59
CA ALA D 481 4.41 27.02 -9.44
C ALA D 481 5.20 28.05 -10.23
N TRP D 482 6.53 27.95 -10.18
CA TRP D 482 7.37 28.85 -10.97
C TRP D 482 7.08 28.67 -12.46
N GLU D 483 6.97 27.42 -12.90
CA GLU D 483 6.65 27.15 -14.30
C GLU D 483 5.28 27.70 -14.69
N MET D 484 4.31 27.58 -13.78
CA MET D 484 2.96 28.10 -14.04
C MET D 484 2.97 29.61 -14.13
N ARG D 485 3.73 30.28 -13.28
CA ARG D 485 3.89 31.73 -13.39
C ARG D 485 4.50 32.08 -14.74
N GLN D 486 5.49 31.30 -15.19
CA GLN D 486 6.12 31.56 -16.48
C GLN D 486 5.11 31.44 -17.62
N ILE D 487 4.40 30.31 -17.68
CA ILE D 487 3.46 30.05 -18.77
C ILE D 487 2.20 30.91 -18.68
N ARG D 488 1.83 31.39 -17.50
CA ARG D 488 0.64 32.20 -17.36
C ARG D 488 0.80 33.54 -18.10
N ASP D 489 2.01 34.09 -18.08
CA ASP D 489 2.26 35.35 -18.75
C ASP D 489 2.23 35.13 -20.26
N GLN D 490 1.04 34.91 -20.82
CA GLN D 490 0.80 34.91 -22.27
C GLN D 490 1.68 33.89 -23.00
N GLY D 491 1.97 32.77 -22.33
CA GLY D 491 2.73 31.71 -22.93
C GLY D 491 1.91 30.79 -23.82
N GLY D 492 0.90 30.16 -23.21
CA GLY D 492 0.14 29.13 -23.91
C GLY D 492 -0.98 28.63 -23.04
N LYS D 493 -2.01 28.11 -23.70
CA LYS D 493 -3.17 27.53 -23.03
C LYS D 493 -2.77 26.53 -21.96
N ILE D 494 -3.42 26.61 -20.81
CA ILE D 494 -3.26 25.63 -19.74
C ILE D 494 -4.58 24.87 -19.58
N VAL D 495 -4.50 23.55 -19.67
CA VAL D 495 -5.65 22.67 -19.52
C VAL D 495 -5.44 21.81 -18.28
N VAL D 496 -6.51 21.61 -17.52
CA VAL D 496 -6.50 20.80 -16.31
C VAL D 496 -7.47 19.65 -16.51
N THR D 497 -7.01 18.43 -16.23
CA THR D 497 -7.87 17.26 -16.20
C THR D 497 -8.15 16.90 -14.76
N ALA D 498 -9.43 16.85 -14.40
CA ALA D 498 -9.84 16.66 -13.01
C ALA D 498 -10.69 15.42 -12.88
N GLY D 499 -10.61 14.80 -11.71
CA GLY D 499 -11.46 13.69 -11.35
C GLY D 499 -12.15 13.94 -10.02
N PRO D 500 -13.06 13.06 -9.63
CA PRO D 500 -13.77 13.25 -8.35
C PRO D 500 -12.84 13.22 -7.14
N VAL D 501 -11.63 12.69 -7.28
CA VAL D 501 -10.68 12.70 -6.17
C VAL D 501 -10.33 14.13 -5.78
N VAL D 502 -10.36 15.06 -6.73
CA VAL D 502 -10.13 16.46 -6.44
C VAL D 502 -11.15 16.98 -5.45
N ILE D 503 -12.41 16.57 -5.61
CA ILE D 503 -13.47 17.03 -4.71
C ILE D 503 -13.41 16.28 -3.38
N HIS D 504 -13.16 14.97 -3.43
CA HIS D 504 -13.19 14.16 -2.21
C HIS D 504 -12.20 14.64 -1.17
N THR D 505 -11.08 15.22 -1.60
CA THR D 505 -10.00 15.60 -0.70
C THR D 505 -10.02 17.08 -0.33
N GLY D 506 -11.13 17.77 -0.60
CA GLY D 506 -11.23 19.18 -0.23
C GLY D 506 -10.60 20.15 -1.21
N GLY D 507 -10.48 19.78 -2.48
CA GLY D 507 -9.82 20.59 -3.48
C GLY D 507 -10.70 21.43 -4.38
N ALA D 508 -12.01 21.49 -4.12
CA ALA D 508 -12.91 22.27 -4.98
C ALA D 508 -12.52 23.76 -5.00
N GLN D 509 -12.35 24.37 -3.82
CA GLN D 509 -12.11 25.81 -3.76
C GLN D 509 -10.78 26.19 -4.40
N HIS D 510 -9.73 25.41 -4.20
CA HIS D 510 -8.43 25.76 -4.76
C HIS D 510 -8.44 25.67 -6.28
N LEU D 511 -9.03 24.62 -6.83
CA LEU D 511 -9.16 24.53 -8.28
C LEU D 511 -10.01 25.65 -8.84
N SER D 512 -11.08 26.03 -8.12
CA SER D 512 -11.89 27.17 -8.54
C SER D 512 -11.08 28.45 -8.55
N HIS D 513 -10.24 28.66 -7.53
CA HIS D 513 -9.35 29.82 -7.49
C HIS D 513 -8.39 29.81 -8.66
N LEU D 514 -7.84 28.64 -8.98
CA LEU D 514 -6.97 28.52 -10.16
C LEU D 514 -7.70 28.94 -11.43
N VAL D 515 -8.99 28.58 -11.51
CA VAL D 515 -9.78 29.00 -12.67
C VAL D 515 -9.98 30.51 -12.68
N ARG D 516 -10.27 31.09 -11.50
CA ARG D 516 -10.51 32.53 -11.41
C ARG D 516 -9.27 33.33 -11.80
N GLU D 517 -8.11 32.95 -11.27
CA GLU D 517 -6.88 33.69 -11.49
C GLU D 517 -6.23 33.38 -12.84
N GLY D 518 -7.00 32.81 -13.77
CA GLY D 518 -6.53 32.63 -15.13
C GLY D 518 -5.50 31.55 -15.33
N TYR D 519 -5.35 30.65 -14.35
CA TYR D 519 -4.40 29.56 -14.46
C TYR D 519 -4.94 28.34 -15.20
N VAL D 520 -6.23 28.30 -15.47
CA VAL D 520 -6.87 27.15 -16.13
C VAL D 520 -7.54 27.67 -17.39
N HIS D 521 -7.06 27.23 -18.55
CA HIS D 521 -7.66 27.66 -19.82
C HIS D 521 -8.63 26.63 -20.40
N ALA D 522 -8.58 25.38 -19.95
CA ALA D 522 -9.61 24.41 -20.34
C ALA D 522 -9.69 23.32 -19.27
N LEU D 523 -10.87 22.69 -19.20
CA LEU D 523 -11.16 21.65 -18.22
C LEU D 523 -11.60 20.37 -18.91
N LEU D 524 -10.92 19.27 -18.59
CA LEU D 524 -11.28 17.93 -19.06
C LEU D 524 -11.67 17.08 -17.87
N GLY D 525 -12.90 16.57 -17.87
CA GLY D 525 -13.36 15.77 -16.75
C GLY D 525 -14.45 14.79 -17.11
N GLY D 526 -15.26 14.41 -16.13
CA GLY D 526 -16.35 13.49 -16.35
C GLY D 526 -17.61 13.81 -15.58
N ASN D 527 -18.56 12.88 -15.61
CA ASN D 527 -19.81 13.06 -14.89
C ASN D 527 -19.59 13.16 -13.38
N ALA D 528 -18.72 12.28 -12.86
CA ALA D 528 -18.58 12.12 -11.40
C ALA D 528 -18.08 13.40 -10.75
N ILE D 529 -17.03 14.01 -11.32
CA ILE D 529 -16.44 15.20 -10.70
C ILE D 529 -17.46 16.34 -10.70
N ALA D 530 -18.26 16.44 -11.75
CA ALA D 530 -19.26 17.50 -11.82
C ALA D 530 -20.34 17.31 -10.76
N VAL D 531 -20.85 16.08 -10.63
CA VAL D 531 -21.90 15.89 -9.63
C VAL D 531 -21.35 16.07 -8.23
N HIS D 532 -20.09 15.70 -7.99
CA HIS D 532 -19.53 15.83 -6.65
C HIS D 532 -19.24 17.30 -6.31
N ASP D 533 -18.69 18.05 -7.25
CA ASP D 533 -18.47 19.48 -7.04
C ASP D 533 -19.78 20.20 -6.77
N ILE D 534 -20.80 19.94 -7.58
CA ILE D 534 -22.07 20.64 -7.39
C ILE D 534 -22.74 20.21 -6.09
N GLU D 535 -22.57 18.93 -5.68
CA GLU D 535 -23.09 18.54 -4.38
C GLU D 535 -22.38 19.29 -3.26
N GLN D 536 -21.05 19.43 -3.34
CA GLN D 536 -20.35 20.14 -2.29
C GLN D 536 -20.78 21.60 -2.23
N ALA D 537 -21.04 22.21 -3.39
CA ALA D 537 -21.46 23.61 -3.39
C ALA D 537 -22.88 23.78 -2.87
N THR D 538 -23.79 22.88 -3.24
CA THR D 538 -25.19 23.05 -2.90
C THR D 538 -25.52 22.54 -1.49
N MET D 539 -25.10 21.31 -1.18
CA MET D 539 -25.53 20.63 0.03
C MET D 539 -24.44 20.49 1.09
N GLY D 540 -23.22 20.97 0.83
CA GLY D 540 -22.18 20.88 1.83
C GLY D 540 -21.66 19.47 2.01
N THR D 541 -21.73 18.96 3.24
CA THR D 541 -21.25 17.60 3.58
C THR D 541 -19.80 17.41 3.16
N SER D 542 -18.94 18.27 3.72
CA SER D 542 -17.50 18.21 3.47
C SER D 542 -16.92 16.84 3.81
N HIS D 557 -24.89 4.70 -4.23
CA HIS D 557 -26.23 5.03 -3.79
C HIS D 557 -26.20 6.17 -2.77
N ARG D 558 -26.58 7.37 -3.20
CA ARG D 558 -26.45 8.54 -2.33
C ARG D 558 -27.40 9.63 -2.83
N HIS D 559 -27.28 10.81 -2.21
CA HIS D 559 -28.10 11.97 -2.53
C HIS D 559 -28.02 12.35 -4.00
N HIS D 560 -26.88 12.07 -4.66
CA HIS D 560 -26.54 12.53 -6.00
C HIS D 560 -27.70 12.51 -6.96
N LEU D 561 -28.52 11.46 -6.89
CA LEU D 561 -29.68 11.37 -7.77
C LEU D 561 -30.60 12.56 -7.58
N LYS D 562 -30.77 13.02 -6.33
CA LYS D 562 -31.50 14.27 -6.11
C LYS D 562 -30.81 15.43 -6.82
N ILE D 563 -29.49 15.55 -6.64
CA ILE D 563 -28.72 16.60 -7.28
C ILE D 563 -28.73 16.43 -8.80
N ILE D 564 -28.48 15.20 -9.26
CA ILE D 564 -28.47 14.93 -10.69
C ILE D 564 -29.83 15.28 -11.30
N ASN D 565 -30.92 14.89 -10.63
CA ASN D 565 -32.26 15.17 -11.10
C ASN D 565 -32.51 16.68 -11.15
N SER D 566 -32.11 17.40 -10.10
CA SER D 566 -32.25 18.85 -10.10
C SER D 566 -31.54 19.45 -11.32
N VAL D 567 -30.30 19.02 -11.58
CA VAL D 567 -29.56 19.55 -12.72
C VAL D 567 -30.22 19.16 -14.03
N ARG D 568 -30.78 17.95 -14.09
CA ARG D 568 -31.52 17.51 -15.28
C ARG D 568 -32.70 18.42 -15.55
N ARG D 569 -33.34 18.92 -14.48
CA ARG D 569 -34.48 19.81 -14.63
C ARG D 569 -34.13 21.06 -15.42
N TYR D 570 -32.99 21.69 -15.09
CA TYR D 570 -32.57 22.88 -15.83
C TYR D 570 -32.06 22.59 -17.23
N GLY D 571 -31.77 21.32 -17.55
CA GLY D 571 -31.25 20.99 -18.85
C GLY D 571 -29.76 21.16 -19.02
N GLY D 572 -29.04 21.46 -17.94
CA GLY D 572 -27.60 21.54 -17.98
C GLY D 572 -27.07 22.38 -16.83
N ILE D 573 -25.76 22.32 -16.63
CA ILE D 573 -25.15 23.08 -15.53
C ILE D 573 -25.03 24.56 -15.88
N ARG D 574 -24.68 24.88 -17.13
CA ARG D 574 -24.54 26.28 -17.52
C ARG D 574 -25.83 27.01 -17.26
N GLN D 575 -26.95 26.42 -17.69
CA GLN D 575 -28.26 26.94 -17.33
C GLN D 575 -28.44 26.97 -15.83
N ALA D 576 -28.04 25.88 -15.15
CA ALA D 576 -28.15 25.83 -13.70
C ALA D 576 -27.31 26.90 -13.02
N VAL D 577 -26.23 27.33 -13.66
CA VAL D 577 -25.45 28.45 -13.14
C VAL D 577 -26.17 29.77 -13.41
N GLU D 578 -26.76 29.92 -14.60
CA GLU D 578 -27.46 31.17 -14.90
C GLU D 578 -28.67 31.34 -13.99
N ALA D 579 -29.27 30.24 -13.56
CA ALA D 579 -30.28 30.30 -12.52
C ALA D 579 -29.58 30.35 -11.16
N GLY D 580 -30.35 30.64 -10.11
CA GLY D 580 -29.75 30.76 -8.80
C GLY D 580 -29.51 29.45 -8.08
N PHE D 581 -29.30 28.35 -8.81
CA PHE D 581 -29.09 27.08 -8.14
C PHE D 581 -27.62 26.76 -7.87
N ILE D 582 -26.70 27.10 -8.77
CA ILE D 582 -25.27 26.91 -8.57
C ILE D 582 -24.59 28.28 -8.56
N SER D 583 -24.12 28.71 -7.39
CA SER D 583 -23.47 30.01 -7.27
C SER D 583 -21.95 29.93 -7.19
N LYS D 584 -21.39 28.80 -6.78
CA LYS D 584 -19.95 28.68 -6.57
C LYS D 584 -19.53 27.26 -6.90
N GLY D 585 -18.22 27.07 -7.06
CA GLY D 585 -17.63 25.78 -7.27
C GLY D 585 -16.79 25.75 -8.53
N VAL D 586 -16.21 24.58 -8.80
CA VAL D 586 -15.35 24.45 -9.96
C VAL D 586 -16.15 24.63 -11.24
N MET D 587 -17.29 23.95 -11.35
CA MET D 587 -18.11 24.10 -12.55
C MET D 587 -18.67 25.51 -12.66
N TYR D 588 -19.07 26.10 -11.53
CA TYR D 588 -19.55 27.48 -11.54
C TYR D 588 -18.46 28.44 -12.00
N GLU D 589 -17.26 28.31 -11.45
CA GLU D 589 -16.17 29.21 -11.83
C GLU D 589 -15.76 28.99 -13.29
N CYS D 590 -15.91 27.78 -13.81
CA CYS D 590 -15.63 27.55 -15.22
C CYS D 590 -16.69 28.20 -16.10
N VAL D 591 -17.96 28.10 -15.72
CA VAL D 591 -19.03 28.68 -16.52
C VAL D 591 -18.96 30.20 -16.50
N LYS D 592 -18.77 30.79 -15.32
CA LYS D 592 -18.76 32.25 -15.22
C LYS D 592 -17.60 32.85 -15.99
N ASN D 593 -16.37 32.40 -15.71
CA ASN D 593 -15.21 32.89 -16.45
C ASN D 593 -15.10 32.26 -17.83
N ASN D 594 -16.10 31.48 -18.22
CA ASN D 594 -16.23 30.93 -19.57
C ASN D 594 -14.97 30.15 -19.97
N ILE D 595 -14.70 29.09 -19.22
CA ILE D 595 -13.60 28.18 -19.52
C ILE D 595 -14.19 26.98 -20.23
N PRO D 596 -13.67 26.59 -21.40
CA PRO D 596 -14.23 25.43 -22.10
C PRO D 596 -13.94 24.16 -21.32
N TYR D 597 -14.99 23.36 -21.12
CA TYR D 597 -14.86 22.09 -20.43
C TYR D 597 -15.54 20.99 -21.24
N CYS D 598 -15.08 19.77 -21.03
CA CYS D 598 -15.67 18.62 -21.69
C CYS D 598 -15.76 17.47 -20.69
N LEU D 599 -16.97 16.94 -20.52
CA LEU D 599 -17.22 15.83 -19.60
C LEU D 599 -17.40 14.56 -20.43
N ALA D 600 -16.37 13.72 -20.46
CA ALA D 600 -16.47 12.45 -21.16
C ALA D 600 -17.24 11.44 -20.34
N GLY D 601 -18.06 10.63 -21.01
CA GLY D 601 -18.84 9.65 -20.30
C GLY D 601 -18.06 8.39 -19.99
N SER D 602 -18.61 7.62 -19.04
CA SER D 602 -18.05 6.32 -18.68
C SER D 602 -19.20 5.38 -18.36
N ILE D 603 -18.92 4.07 -18.44
CA ILE D 603 -19.92 3.06 -18.13
C ILE D 603 -20.35 3.14 -16.66
N ARG D 604 -19.54 3.77 -15.81
CA ARG D 604 -19.84 3.95 -14.39
C ARG D 604 -20.76 5.13 -14.13
N ASP D 605 -21.07 5.93 -15.14
CA ASP D 605 -21.74 7.20 -14.92
C ASP D 605 -23.17 7.02 -14.39
N ASP D 606 -23.49 7.74 -13.33
CA ASP D 606 -24.86 7.72 -12.84
C ASP D 606 -25.67 8.66 -13.73
N GLY D 607 -26.93 8.28 -14.02
CA GLY D 607 -27.76 8.95 -15.00
C GLY D 607 -27.32 10.37 -15.35
N PRO D 608 -26.77 10.53 -16.54
CA PRO D 608 -25.76 11.57 -16.74
C PRO D 608 -26.35 12.96 -16.78
N LEU D 609 -25.52 13.92 -16.39
CA LEU D 609 -25.85 15.32 -16.54
C LEU D 609 -25.96 15.67 -18.02
N PRO D 610 -26.83 16.61 -18.37
CA PRO D 610 -26.97 16.99 -19.79
C PRO D 610 -25.67 17.37 -20.47
N ASP D 611 -24.67 17.86 -19.74
CA ASP D 611 -23.43 18.29 -20.39
C ASP D 611 -22.54 17.12 -20.76
N THR D 612 -22.69 15.99 -20.08
CA THR D 612 -21.85 14.83 -20.33
C THR D 612 -22.12 14.29 -21.73
N GLU D 613 -21.05 14.03 -22.48
CA GLU D 613 -21.18 13.69 -23.90
C GLU D 613 -21.86 12.34 -24.10
N MET D 614 -21.25 11.27 -23.58
CA MET D 614 -21.75 9.89 -23.65
C MET D 614 -21.56 9.24 -25.02
N ASN D 615 -21.16 9.99 -26.04
CA ASN D 615 -20.74 9.42 -27.32
C ASN D 615 -19.25 9.66 -27.40
N LEU D 616 -18.46 8.59 -27.24
CA LEU D 616 -17.05 8.76 -26.93
C LEU D 616 -16.18 9.15 -28.13
N VAL D 617 -16.64 8.94 -29.37
CA VAL D 617 -15.92 9.45 -30.52
C VAL D 617 -16.00 10.99 -30.55
N ARG D 618 -17.21 11.52 -30.34
CA ARG D 618 -17.40 12.95 -30.22
C ARG D 618 -16.58 13.50 -29.06
N ALA D 619 -16.55 12.76 -27.95
CA ALA D 619 -15.80 13.20 -26.77
C ALA D 619 -14.30 13.25 -27.06
N GLN D 620 -13.76 12.25 -27.75
CA GLN D 620 -12.35 12.29 -28.09
C GLN D 620 -12.04 13.46 -29.03
N SER D 621 -12.94 13.72 -29.98
CA SER D 621 -12.74 14.87 -30.87
C SER D 621 -12.66 16.17 -30.09
N ARG D 622 -13.64 16.40 -29.19
CA ARG D 622 -13.64 17.61 -28.38
C ARG D 622 -12.42 17.67 -27.48
N TYR D 623 -12.00 16.53 -26.93
CA TYR D 623 -10.83 16.48 -26.08
C TYR D 623 -9.60 16.95 -26.83
N SER D 624 -9.37 16.40 -28.04
CA SER D 624 -8.22 16.84 -28.82
C SER D 624 -8.34 18.32 -29.17
N GLU D 625 -9.56 18.82 -29.42
CA GLU D 625 -9.73 20.23 -29.69
C GLU D 625 -9.26 21.07 -28.49
N LEU D 626 -9.77 20.76 -27.31
CA LEU D 626 -9.46 21.54 -26.11
C LEU D 626 -7.99 21.44 -25.71
N ILE D 627 -7.29 20.37 -26.12
CA ILE D 627 -5.88 20.23 -25.78
C ILE D 627 -4.99 21.10 -26.66
N GLN D 628 -5.53 21.65 -27.75
CA GLN D 628 -4.72 22.30 -28.78
C GLN D 628 -3.94 23.49 -28.23
N GLY D 629 -2.66 23.55 -28.59
CA GLY D 629 -1.79 24.65 -28.22
C GLY D 629 -1.44 24.77 -26.75
N ALA D 630 -1.63 23.71 -25.97
CA ALA D 630 -1.39 23.81 -24.53
C ALA D 630 0.11 23.73 -24.26
N ASP D 631 0.55 24.43 -23.22
CA ASP D 631 1.95 24.35 -22.81
C ASP D 631 2.16 23.51 -21.56
N MET D 632 1.16 23.46 -20.68
CA MET D 632 1.22 22.59 -19.52
C MET D 632 -0.17 22.04 -19.26
N ILE D 633 -0.23 20.81 -18.74
CA ILE D 633 -1.49 20.15 -18.41
C ILE D 633 -1.41 19.63 -16.99
N LEU D 634 -2.28 20.13 -16.13
CA LEU D 634 -2.39 19.60 -14.78
C LEU D 634 -3.27 18.36 -14.78
N MET D 635 -2.69 17.23 -14.38
CA MET D 635 -3.36 15.94 -14.35
C MET D 635 -3.65 15.62 -12.90
N LEU D 636 -4.91 15.64 -12.53
CA LEU D 636 -5.31 15.49 -11.12
C LEU D 636 -6.04 14.17 -10.90
N SER D 637 -5.25 13.13 -10.61
CA SER D 637 -5.74 11.85 -10.09
C SER D 637 -6.86 11.25 -10.94
N SER D 638 -6.49 10.87 -12.16
CA SER D 638 -7.37 9.99 -12.93
C SER D 638 -6.48 9.14 -13.83
N MET D 639 -6.02 8.00 -13.31
CA MET D 639 -4.96 7.27 -14.01
C MET D 639 -5.41 6.80 -15.39
N LEU D 640 -6.54 6.10 -15.46
CA LEU D 640 -7.07 5.71 -16.76
C LEU D 640 -7.39 6.95 -17.59
N HIS D 641 -8.10 7.89 -16.98
CA HIS D 641 -8.48 9.14 -17.65
C HIS D 641 -7.27 9.98 -18.01
N SER D 642 -6.33 10.16 -17.08
CA SER D 642 -5.17 11.00 -17.36
C SER D 642 -4.28 10.39 -18.43
N ILE D 643 -4.10 9.07 -18.40
CA ILE D 643 -3.31 8.42 -19.43
C ILE D 643 -4.00 8.54 -20.79
N GLY D 644 -5.33 8.44 -20.80
CA GLY D 644 -6.05 8.62 -22.06
C GLY D 644 -5.89 10.03 -22.60
N VAL D 645 -5.93 11.03 -21.72
CA VAL D 645 -5.73 12.41 -22.16
C VAL D 645 -4.29 12.64 -22.60
N GLY D 646 -3.33 12.03 -21.90
CA GLY D 646 -1.92 12.19 -22.26
C GLY D 646 -1.59 11.61 -23.62
N ASN D 647 -2.12 10.42 -23.92
CA ASN D 647 -1.91 9.84 -25.24
C ASN D 647 -2.41 10.75 -26.36
N MET D 648 -3.36 11.63 -26.07
CA MET D 648 -3.85 12.59 -27.06
C MET D 648 -2.96 13.81 -27.21
N THR D 649 -2.03 14.01 -26.30
CA THR D 649 -1.21 15.21 -26.23
C THR D 649 0.08 15.03 -27.03
N PRO D 650 0.60 16.12 -27.62
CA PRO D 650 1.89 16.02 -28.30
C PRO D 650 3.06 15.87 -27.33
N SER D 651 4.28 15.70 -27.85
CA SER D 651 5.43 15.40 -27.01
C SER D 651 5.96 16.62 -26.26
N GLY D 652 6.00 17.77 -26.93
CA GLY D 652 6.63 18.96 -26.38
C GLY D 652 6.10 19.43 -25.04
N VAL D 653 4.86 19.07 -24.70
CA VAL D 653 4.19 19.61 -23.52
C VAL D 653 4.72 18.97 -22.24
N LYS D 654 4.88 19.80 -21.20
CA LYS D 654 5.28 19.37 -19.86
C LYS D 654 4.06 19.03 -19.02
N MET D 655 4.07 17.86 -18.39
CA MET D 655 2.94 17.28 -17.68
C MET D 655 3.21 17.03 -16.20
N VAL D 656 2.30 17.43 -15.33
CA VAL D 656 2.34 17.11 -13.90
C VAL D 656 1.19 16.15 -13.56
N CYS D 657 1.54 14.97 -13.04
CA CYS D 657 0.57 13.92 -12.68
C CYS D 657 0.64 13.67 -11.18
N VAL D 658 -0.50 13.81 -10.49
CA VAL D 658 -0.59 13.73 -9.04
C VAL D 658 -1.50 12.59 -8.63
N ASP D 659 -1.03 11.77 -7.69
CA ASP D 659 -1.81 10.71 -7.06
C ASP D 659 -1.06 10.22 -5.82
N ILE D 660 -1.80 9.58 -4.91
CA ILE D 660 -1.21 9.10 -3.66
C ILE D 660 -0.55 7.73 -3.81
N ASN D 661 -0.70 7.10 -4.98
CA ASN D 661 -0.13 5.82 -5.36
C ASN D 661 0.91 6.05 -6.45
N PRO D 662 2.02 5.32 -6.45
CA PRO D 662 2.93 5.41 -7.60
C PRO D 662 2.39 4.71 -8.82
N ALA D 663 1.14 4.25 -8.75
CA ALA D 663 0.49 3.63 -9.90
C ALA D 663 0.06 4.67 -10.95
N VAL D 664 -0.57 5.76 -10.53
CA VAL D 664 -1.02 6.77 -11.49
C VAL D 664 0.12 7.67 -11.92
N VAL D 665 1.35 7.33 -11.53
CA VAL D 665 2.52 8.03 -12.04
C VAL D 665 3.03 7.22 -13.22
N THR D 666 2.35 7.37 -14.36
CA THR D 666 2.66 6.67 -15.62
C THR D 666 3.45 5.37 -15.50
N GLY D 672 6.42 7.86 -18.11
CA GLY D 672 6.56 9.30 -18.20
C GLY D 672 7.26 9.77 -19.46
N SER D 673 7.92 10.92 -19.36
CA SER D 673 8.66 11.49 -20.49
C SER D 673 9.68 12.47 -19.94
N VAL D 674 10.37 13.16 -20.85
CA VAL D 674 11.46 14.05 -20.46
C VAL D 674 10.93 15.27 -19.71
N GLU D 675 9.97 15.97 -20.31
CA GLU D 675 9.56 17.28 -19.81
C GLU D 675 8.74 17.22 -18.53
N SER D 676 8.31 16.04 -18.09
CA SER D 676 7.17 15.92 -17.19
C SER D 676 7.53 15.14 -15.92
N VAL D 677 7.23 15.73 -14.77
CA VAL D 677 7.49 15.16 -13.44
C VAL D 677 6.16 14.90 -12.71
N GLY D 678 6.14 13.84 -11.90
CA GLY D 678 4.98 13.42 -11.13
C GLY D 678 5.11 13.57 -9.62
N VAL D 679 3.98 13.67 -8.91
CA VAL D 679 3.92 13.96 -7.48
C VAL D 679 3.20 12.83 -6.76
N VAL D 680 3.68 12.51 -5.55
CA VAL D 680 3.19 11.38 -4.76
C VAL D 680 2.41 11.85 -3.52
N THR D 681 1.82 13.03 -3.59
CA THR D 681 1.09 13.58 -2.46
C THR D 681 -0.42 13.35 -2.58
N ASP D 682 -1.16 13.95 -1.65
CA ASP D 682 -2.61 14.05 -1.75
C ASP D 682 -2.97 15.20 -2.68
N VAL D 683 -3.84 14.94 -3.64
CA VAL D 683 -4.12 15.94 -4.68
C VAL D 683 -4.66 17.22 -4.07
N GLY D 684 -5.41 17.11 -2.97
CA GLY D 684 -5.88 18.30 -2.28
C GLY D 684 -4.73 19.09 -1.65
N LEU D 685 -3.79 18.39 -1.03
CA LEU D 685 -2.60 19.06 -0.49
C LEU D 685 -1.79 19.73 -1.59
N PHE D 686 -1.63 19.03 -2.73
CA PHE D 686 -0.95 19.63 -3.87
C PHE D 686 -1.65 20.91 -4.32
N LEU D 687 -2.98 20.88 -4.40
CA LEU D 687 -3.71 22.08 -4.83
C LEU D 687 -3.57 23.21 -3.83
N SER D 688 -3.60 22.91 -2.54
CA SER D 688 -3.44 23.94 -1.53
C SER D 688 -2.05 24.59 -1.63
N LEU D 689 -1.01 23.76 -1.72
CA LEU D 689 0.34 24.29 -1.86
C LEU D 689 0.49 25.10 -3.13
N LEU D 690 -0.11 24.64 -4.23
CA LEU D 690 0.01 25.33 -5.50
C LEU D 690 -0.69 26.69 -5.45
N VAL D 691 -1.89 26.74 -4.87
CA VAL D 691 -2.62 28.00 -4.77
C VAL D 691 -1.86 28.97 -3.89
N ARG D 692 -1.28 28.48 -2.79
CA ARG D 692 -0.48 29.34 -1.92
C ARG D 692 0.74 29.89 -2.66
N GLN D 693 1.47 29.02 -3.37
CA GLN D 693 2.69 29.44 -4.04
C GLN D 693 2.41 30.41 -5.18
N LEU D 694 1.33 30.20 -5.94
CA LEU D 694 0.97 31.14 -7.00
C LEU D 694 0.40 32.43 -6.45
N GLN D 695 -0.19 32.40 -5.25
CA GLN D 695 -0.69 33.61 -4.62
C GLN D 695 0.48 34.54 -4.28
N GLN D 696 0.28 35.84 -4.52
CA GLN D 696 1.19 36.97 -4.34
C GLN D 696 2.31 36.93 -5.37
N LEU D 697 2.44 35.84 -6.12
CA LEU D 697 3.37 35.71 -7.23
C LEU D 697 2.62 35.84 -8.55
N THR D 698 3.35 36.20 -9.59
CA THR D 698 2.77 36.30 -10.93
C THR D 698 3.85 36.31 -12.01
#